data_5W40
#
_entry.id   5W40
#
_cell.length_a   77.777
_cell.length_b   78.645
_cell.length_c   79.849
_cell.angle_alpha   103.00
_cell.angle_beta   112.43
_cell.angle_gamma   111.85
#
_symmetry.space_group_name_H-M   'P 1'
#
loop_
_entity.id
_entity.type
_entity.pdbx_description
1 polymer 'PopP2 protein'
2 non-polymer 'INOSITOL HEXAKISPHOSPHATE'
3 non-polymer 'COENZYME A'
4 water water
#
_entity_poly.entity_id   1
_entity_poly.type   'polypeptide(L)'
_entity_poly.pdbx_seq_one_letter_code
;SEFELGAPAGRQAGQQATVDRLRTQVTGFLSGALGKLQALSAQNMDPELAQFRVLDVDRAIMPLLIVAENARNPGLNLVP
LHMDMAEDEEVRTQPPMAGSRHIAEFVASARPGRYRAVIDDGSHTRAADIRKDASGTSVIVVDPLRKEKDESAYVDYADN
VNMEFGEHAKCAFIPVDIQKSSFD(SCY)RILSLSLALKMHDKDDAFAAFHETLRNGGDPSHHVSRAQQTEELGATLVLD
GAPLVDARMMKHGQAASSVSRYLGNHPEQSTVPVNKRNETLGERTTRHLVKRKVRNRADSEGRVTSGETKEITFSNSVEQ
KRIALLNRAASYVNSAPPPVVMRMAKLLQDSLLDTN
;
_entity_poly.pdbx_strand_id   A,B,C,D
#
loop_
_chem_comp.id
_chem_comp.type
_chem_comp.name
_chem_comp.formula
COA non-polymer 'COENZYME A' 'C21 H36 N7 O16 P3 S'
IHP non-polymer 'INOSITOL HEXAKISPHOSPHATE' 'C6 H18 O24 P6'
#
# COMPACT_ATOMS: atom_id res chain seq x y z
N ALA A 7 37.33 4.73 -35.69
CA ALA A 7 38.71 5.05 -35.28
C ALA A 7 38.80 6.47 -34.74
N PRO A 8 39.66 6.68 -33.74
CA PRO A 8 39.83 8.02 -33.17
C PRO A 8 40.99 8.80 -33.78
N ALA A 9 41.80 8.16 -34.62
CA ALA A 9 42.96 8.83 -35.21
C ALA A 9 42.57 10.10 -35.97
N GLY A 10 41.32 10.15 -36.41
CA GLY A 10 40.79 11.32 -37.08
C GLY A 10 40.43 12.44 -36.12
N ARG A 11 39.93 12.06 -34.94
CA ARG A 11 39.49 13.03 -33.95
C ARG A 11 40.59 13.46 -32.97
N GLN A 12 41.83 13.06 -33.23
CA GLN A 12 42.92 13.34 -32.30
C GLN A 12 43.72 14.60 -32.61
N ALA A 13 43.55 15.14 -33.81
CA ALA A 13 44.22 16.36 -34.25
C ALA A 13 45.74 16.32 -34.06
N GLY A 14 46.34 15.15 -34.23
CA GLY A 14 47.78 15.01 -34.08
C GLY A 14 48.26 15.06 -32.64
N GLN A 15 47.32 15.00 -31.70
CA GLN A 15 47.64 15.07 -30.28
C GLN A 15 47.43 13.73 -29.56
N GLN A 16 47.50 12.64 -30.31
CA GLN A 16 47.26 11.30 -29.76
C GLN A 16 48.21 10.94 -28.60
N ALA A 17 49.33 11.64 -28.51
CA ALA A 17 50.32 11.35 -27.48
C ALA A 17 49.90 12.01 -26.18
N THR A 18 49.54 13.30 -26.26
CA THR A 18 49.10 14.02 -25.09
C THR A 18 47.73 13.50 -24.64
N VAL A 19 46.85 13.22 -25.60
CA VAL A 19 45.51 12.71 -25.30
C VAL A 19 45.58 11.35 -24.62
N ASP A 20 46.31 10.41 -25.25
CA ASP A 20 46.44 9.07 -24.72
C ASP A 20 47.07 9.02 -23.33
N ARG A 21 47.92 9.99 -23.03
CA ARG A 21 48.61 10.03 -21.75
C ARG A 21 47.73 10.69 -20.70
N LEU A 22 46.93 11.66 -21.13
CA LEU A 22 46.02 12.34 -20.21
C LEU A 22 44.82 11.44 -19.92
N ARG A 23 44.49 10.57 -20.87
CA ARG A 23 43.38 9.65 -20.71
C ARG A 23 43.73 8.62 -19.64
N THR A 24 44.95 8.11 -19.70
CA THR A 24 45.46 7.14 -18.72
C THR A 24 45.57 7.82 -17.35
N GLN A 25 45.98 9.06 -17.37
CA GLN A 25 46.18 9.83 -16.15
C GLN A 25 44.86 10.06 -15.40
N VAL A 26 43.79 10.28 -16.13
CA VAL A 26 42.49 10.57 -15.53
C VAL A 26 41.80 9.28 -15.06
N THR A 27 41.82 8.25 -15.90
CA THR A 27 41.24 6.96 -15.55
C THR A 27 42.03 6.31 -14.42
N GLY A 28 43.31 6.66 -14.32
CA GLY A 28 44.15 6.06 -13.30
C GLY A 28 43.74 6.58 -11.94
N PHE A 29 43.34 7.84 -11.90
CA PHE A 29 42.93 8.49 -10.66
C PHE A 29 41.51 8.09 -10.28
N LEU A 30 40.61 8.12 -11.26
CA LEU A 30 39.22 7.75 -11.02
C LEU A 30 39.13 6.30 -10.58
N SER A 31 39.82 5.42 -11.30
CA SER A 31 39.81 4.00 -10.99
C SER A 31 40.65 3.68 -9.77
N GLY A 32 41.64 4.52 -9.49
CA GLY A 32 42.50 4.33 -8.33
C GLY A 32 41.72 4.63 -7.08
N ALA A 33 40.84 5.63 -7.15
CA ALA A 33 39.99 5.98 -6.05
C ALA A 33 38.92 4.89 -5.90
N LEU A 34 38.45 4.41 -7.06
CA LEU A 34 37.45 3.35 -7.12
C LEU A 34 37.90 2.08 -6.41
N GLY A 35 39.12 1.65 -6.69
CA GLY A 35 39.62 0.42 -6.13
C GLY A 35 39.77 0.46 -4.63
N LYS A 36 40.22 1.57 -4.08
CA LYS A 36 40.37 1.70 -2.65
C LYS A 36 39.00 1.76 -2.00
N LEU A 37 38.10 2.54 -2.58
CA LEU A 37 36.77 2.71 -2.00
C LEU A 37 35.99 1.39 -2.11
N GLN A 38 36.20 0.65 -3.18
CA GLN A 38 35.53 -0.64 -3.34
C GLN A 38 36.06 -1.61 -2.32
N ALA A 39 37.35 -1.48 -1.99
CA ALA A 39 37.98 -2.38 -1.05
C ALA A 39 37.54 -2.08 0.37
N LEU A 40 37.44 -0.79 0.70
CA LEU A 40 36.98 -0.35 2.01
C LEU A 40 35.51 -0.73 2.22
N SER A 41 34.71 -0.60 1.17
CA SER A 41 33.28 -0.89 1.25
C SER A 41 33.05 -2.38 1.36
N ALA A 42 33.82 -3.16 0.60
CA ALA A 42 33.71 -4.61 0.64
C ALA A 42 34.22 -5.18 1.96
N GLN A 43 35.09 -4.43 2.63
CA GLN A 43 35.65 -4.88 3.90
C GLN A 43 34.86 -4.33 5.08
N ASN A 44 33.80 -3.58 4.76
CA ASN A 44 32.92 -2.98 5.77
C ASN A 44 33.69 -2.10 6.77
N MET A 45 34.50 -1.19 6.22
CA MET A 45 35.32 -0.27 7.01
C MET A 45 34.98 1.18 6.68
N ASP A 46 34.91 2.02 7.70
CA ASP A 46 34.68 3.45 7.51
C ASP A 46 35.91 4.07 6.86
N PRO A 47 35.70 4.90 5.83
CA PRO A 47 36.85 5.47 5.12
C PRO A 47 37.72 6.43 5.95
N GLU A 48 37.11 7.33 6.72
CA GLU A 48 37.92 8.30 7.46
C GLU A 48 38.62 7.65 8.65
N LEU A 49 38.08 6.57 9.21
CA LEU A 49 38.78 5.85 10.27
C LEU A 49 39.92 5.06 9.64
N ALA A 50 39.78 4.73 8.36
CA ALA A 50 40.79 4.00 7.61
C ALA A 50 41.80 4.94 6.99
N GLN A 51 41.71 6.22 7.38
CA GLN A 51 42.63 7.28 6.95
C GLN A 51 42.57 7.57 5.45
N PHE A 52 41.42 7.33 4.83
CA PHE A 52 41.21 7.69 3.43
C PHE A 52 40.66 9.10 3.40
N ARG A 53 41.23 9.97 2.58
CA ARG A 53 40.85 11.38 2.65
C ARG A 53 39.71 11.66 1.67
N VAL A 54 38.52 11.20 2.05
CA VAL A 54 37.32 11.30 1.24
C VAL A 54 36.97 12.72 0.81
N LEU A 55 37.15 13.68 1.72
CA LEU A 55 36.83 15.08 1.43
C LEU A 55 37.62 15.61 0.24
N ASP A 56 38.88 15.18 0.15
CA ASP A 56 39.75 15.63 -0.93
C ASP A 56 39.50 14.87 -2.22
N VAL A 57 39.14 13.60 -2.10
CA VAL A 57 38.84 12.80 -3.28
C VAL A 57 37.48 13.20 -3.84
N ASP A 58 36.52 13.48 -2.95
CA ASP A 58 35.18 13.87 -3.39
C ASP A 58 35.25 15.23 -4.10
N ARG A 59 36.12 16.10 -3.61
CA ARG A 59 36.28 17.41 -4.22
C ARG A 59 36.99 17.34 -5.58
N ALA A 60 37.97 16.45 -5.70
CA ALA A 60 38.71 16.30 -6.96
C ALA A 60 37.94 15.57 -8.05
N ILE A 61 37.10 14.60 -7.68
CA ILE A 61 36.37 13.83 -8.69
C ILE A 61 35.06 14.50 -9.11
N MET A 62 34.49 15.31 -8.24
CA MET A 62 33.20 15.95 -8.49
C MET A 62 33.07 16.65 -9.86
N PRO A 63 34.05 17.49 -10.25
CA PRO A 63 33.89 18.15 -11.56
C PRO A 63 33.87 17.16 -12.70
N LEU A 64 34.60 16.06 -12.52
CA LEU A 64 34.68 15.03 -13.53
C LEU A 64 33.40 14.18 -13.54
N LEU A 65 32.76 14.04 -12.37
CA LEU A 65 31.52 13.28 -12.31
C LEU A 65 30.41 14.04 -13.01
N ILE A 66 30.42 15.36 -12.85
CA ILE A 66 29.39 16.19 -13.45
C ILE A 66 29.49 16.16 -14.97
N VAL A 67 30.71 16.17 -15.49
CA VAL A 67 30.91 16.12 -16.93
C VAL A 67 30.33 14.82 -17.48
N ALA A 68 30.58 13.72 -16.76
CA ALA A 68 30.09 12.41 -17.17
C ALA A 68 28.57 12.34 -17.06
N GLU A 69 28.02 12.93 -16.00
CA GLU A 69 26.58 12.90 -15.81
C GLU A 69 25.87 13.78 -16.81
N ASN A 70 26.53 14.86 -17.20
CA ASN A 70 25.97 15.78 -18.18
C ASN A 70 25.92 15.13 -19.54
N ALA A 71 26.93 14.30 -19.83
CA ALA A 71 27.02 13.63 -21.11
C ALA A 71 26.11 12.39 -21.13
N ARG A 72 25.93 11.77 -19.97
CA ARG A 72 25.12 10.56 -19.86
C ARG A 72 23.64 10.91 -19.93
N ASN A 73 23.29 12.12 -19.47
CA ASN A 73 21.91 12.61 -19.49
C ASN A 73 21.79 14.06 -19.97
N PRO A 74 21.77 14.26 -21.30
CA PRO A 74 21.61 15.60 -21.86
C PRO A 74 20.34 16.28 -21.36
N GLY A 75 20.45 17.54 -20.94
CA GLY A 75 19.33 18.27 -20.40
C GLY A 75 19.47 18.44 -18.90
N LEU A 76 20.44 17.72 -18.32
CA LEU A 76 20.71 17.82 -16.89
C LEU A 76 21.27 19.21 -16.60
N ASN A 77 22.13 19.68 -17.52
CA ASN A 77 22.75 21.00 -17.41
C ASN A 77 23.25 21.26 -16.00
N LEU A 78 24.02 20.31 -15.49
CA LEU A 78 24.46 20.43 -14.12
C LEU A 78 25.70 21.30 -14.04
N VAL A 79 25.59 22.32 -13.20
CA VAL A 79 26.64 23.29 -13.05
C VAL A 79 26.99 23.42 -11.59
N PRO A 80 28.28 23.38 -11.27
CA PRO A 80 28.69 23.58 -9.88
C PRO A 80 28.73 25.08 -9.58
N LEU A 81 28.17 25.46 -8.45
CA LEU A 81 28.14 26.86 -8.04
C LEU A 81 28.54 26.95 -6.59
N HIS A 82 28.87 28.15 -6.15
CA HIS A 82 29.21 28.35 -4.74
C HIS A 82 28.67 29.68 -4.25
N MET A 83 28.45 29.75 -2.94
CA MET A 83 27.94 30.95 -2.33
C MET A 83 29.11 31.89 -2.07
N ASP A 84 28.82 33.14 -1.72
CA ASP A 84 29.89 34.12 -1.51
C ASP A 84 30.87 33.70 -0.42
N MET A 85 30.32 33.21 0.69
CA MET A 85 31.12 32.74 1.81
C MET A 85 32.16 31.65 1.41
N ALA A 86 31.93 30.97 0.30
CA ALA A 86 32.87 29.97 -0.23
C ALA A 86 34.13 30.63 -0.79
N GLU A 87 34.07 31.93 -1.06
CA GLU A 87 35.22 32.63 -1.61
C GLU A 87 36.13 33.13 -0.51
N ASP A 88 35.66 33.00 0.73
CA ASP A 88 36.42 33.49 1.88
C ASP A 88 37.30 32.37 2.45
N GLU A 89 38.60 32.49 2.21
CA GLU A 89 39.60 31.52 2.63
C GLU A 89 39.74 31.36 4.14
N GLU A 90 39.02 32.17 4.90
CA GLU A 90 39.18 32.20 6.34
C GLU A 90 38.16 31.28 6.98
N VAL A 91 36.89 31.43 6.61
CA VAL A 91 35.85 30.57 7.16
C VAL A 91 35.78 29.16 6.54
N ARG A 92 35.94 29.06 5.22
CA ARG A 92 35.78 27.77 4.52
C ARG A 92 36.74 26.65 4.93
N THR A 93 36.24 25.43 4.92
CA THR A 93 37.04 24.24 5.23
C THR A 93 37.73 23.70 3.97
N GLN A 94 37.18 24.06 2.83
CA GLN A 94 37.73 23.62 1.55
C GLN A 94 37.42 24.66 0.48
N PRO A 95 38.30 24.80 -0.51
CA PRO A 95 38.00 25.75 -1.59
C PRO A 95 36.96 25.14 -2.50
N PRO A 96 36.19 25.97 -3.22
CA PRO A 96 35.22 25.39 -4.16
C PRO A 96 35.93 24.49 -5.17
N MET A 97 35.19 23.53 -5.73
CA MET A 97 35.75 22.58 -6.68
C MET A 97 36.08 23.27 -8.00
N ALA A 98 36.98 22.67 -8.78
CA ALA A 98 37.42 23.25 -10.04
C ALA A 98 36.24 23.50 -10.99
N GLY A 99 36.21 24.70 -11.58
CA GLY A 99 35.20 25.06 -12.54
C GLY A 99 33.98 25.68 -11.91
N SER A 100 33.94 25.68 -10.57
CA SER A 100 32.82 26.25 -9.82
C SER A 100 32.66 27.74 -10.10
N ARG A 101 31.41 28.17 -10.18
CA ARG A 101 31.08 29.57 -10.45
C ARG A 101 30.43 30.23 -9.25
N HIS A 102 30.63 31.54 -9.11
CA HIS A 102 29.95 32.31 -8.08
C HIS A 102 28.53 32.52 -8.59
N ILE A 103 27.55 32.34 -7.70
CA ILE A 103 26.15 32.43 -8.11
C ILE A 103 25.84 33.78 -8.77
N ALA A 104 26.38 34.86 -8.21
CA ALA A 104 26.18 36.21 -8.75
C ALA A 104 26.70 36.31 -10.18
N GLU A 105 27.82 35.64 -10.44
CA GLU A 105 28.40 35.60 -11.78
C GLU A 105 27.51 34.77 -12.68
N PHE A 106 27.00 33.68 -12.13
CA PHE A 106 26.15 32.78 -12.89
C PHE A 106 24.83 33.44 -13.26
N VAL A 107 24.15 34.06 -12.29
CA VAL A 107 22.85 34.68 -12.57
C VAL A 107 22.97 35.79 -13.62
N ALA A 108 24.06 36.55 -13.54
CA ALA A 108 24.29 37.68 -14.44
C ALA A 108 24.61 37.25 -15.86
N SER A 109 25.41 36.19 -16.01
CA SER A 109 25.91 35.80 -17.34
C SER A 109 25.31 34.52 -17.90
N ALA A 110 24.62 33.73 -17.07
CA ALA A 110 24.10 32.47 -17.59
C ALA A 110 23.05 32.74 -18.63
N ARG A 111 23.12 31.96 -19.70
CA ARG A 111 22.16 32.02 -20.76
C ARG A 111 20.84 31.50 -20.19
N PRO A 112 19.71 32.08 -20.59
CA PRO A 112 18.43 31.60 -20.04
C PRO A 112 18.19 30.12 -20.33
N GLY A 113 17.49 29.45 -19.41
CA GLY A 113 17.22 28.03 -19.56
C GLY A 113 17.09 27.30 -18.24
N ARG A 114 17.13 25.98 -18.30
CA ARG A 114 16.98 25.13 -17.11
C ARG A 114 18.31 24.53 -16.68
N TYR A 115 18.58 24.60 -15.38
CA TYR A 115 19.83 24.12 -14.83
C TYR A 115 19.62 23.27 -13.59
N ARG A 116 20.62 22.46 -13.29
CA ARG A 116 20.70 21.76 -12.03
C ARG A 116 22.01 22.22 -11.43
N ALA A 117 22.15 22.14 -10.13
CA ALA A 117 23.36 22.64 -9.52
C ALA A 117 23.67 21.98 -8.20
N VAL A 118 24.95 22.04 -7.85
CA VAL A 118 25.42 21.65 -6.54
C VAL A 118 25.99 22.95 -5.99
N ILE A 119 25.55 23.34 -4.81
CA ILE A 119 25.92 24.63 -4.26
C ILE A 119 26.78 24.49 -3.03
N ASP A 120 28.03 24.92 -3.15
CA ASP A 120 28.99 24.88 -2.06
C ASP A 120 28.92 26.19 -1.29
N ASP A 121 28.85 26.09 0.03
CA ASP A 121 28.83 27.30 0.84
C ASP A 121 30.18 27.49 1.55
N GLY A 122 31.11 26.57 1.26
CA GLY A 122 32.43 26.64 1.84
C GLY A 122 32.72 25.46 2.74
N SER A 123 31.66 24.92 3.35
CA SER A 123 31.81 23.81 4.27
C SER A 123 30.76 22.74 4.03
N HIS A 124 29.77 23.06 3.20
CA HIS A 124 28.65 22.15 2.96
C HIS A 124 28.10 22.33 1.55
N THR A 125 27.53 21.26 1.00
CA THR A 125 27.00 21.31 -0.35
C THR A 125 25.55 20.84 -0.46
N ARG A 126 24.75 21.60 -1.21
CA ARG A 126 23.34 21.33 -1.39
C ARG A 126 23.02 21.15 -2.87
N ALA A 127 21.82 20.64 -3.18
CA ALA A 127 21.39 20.50 -4.56
C ALA A 127 20.37 21.59 -4.90
N ALA A 128 20.27 21.92 -6.18
CA ALA A 128 19.34 22.97 -6.61
C ALA A 128 18.80 22.76 -8.01
N ASP A 129 17.59 23.28 -8.24
CA ASP A 129 16.95 23.26 -9.56
C ASP A 129 16.69 24.70 -9.95
N ILE A 130 17.36 25.16 -11.01
CA ILE A 130 17.32 26.57 -11.39
C ILE A 130 16.65 26.80 -12.73
N ARG A 131 15.78 27.80 -12.74
CA ARG A 131 15.08 28.26 -13.93
C ARG A 131 15.37 29.73 -14.20
N LYS A 132 15.96 30.01 -15.36
CA LYS A 132 16.24 31.39 -15.71
C LYS A 132 15.60 31.76 -17.05
N ASP A 133 14.76 32.78 -17.02
CA ASP A 133 14.11 33.30 -18.21
C ASP A 133 13.94 34.81 -18.09
N ALA A 134 13.13 35.39 -18.97
CA ALA A 134 12.89 36.84 -18.99
C ALA A 134 12.28 37.34 -17.68
N SER A 135 11.28 36.59 -17.18
CA SER A 135 10.58 36.94 -15.96
C SER A 135 11.51 37.03 -14.75
N GLY A 136 12.57 36.23 -14.76
CA GLY A 136 13.53 36.22 -13.67
C GLY A 136 14.19 34.88 -13.48
N THR A 137 14.80 34.69 -12.31
CA THR A 137 15.41 33.41 -11.96
C THR A 137 14.68 32.82 -10.77
N SER A 138 14.39 31.53 -10.84
CA SER A 138 13.75 30.84 -9.73
C SER A 138 14.56 29.60 -9.35
N VAL A 139 14.62 29.29 -8.06
CA VAL A 139 15.44 28.18 -7.61
C VAL A 139 14.76 27.33 -6.53
N ILE A 140 14.91 26.02 -6.66
CA ILE A 140 14.40 25.07 -5.68
C ILE A 140 15.60 24.33 -5.10
N VAL A 141 15.92 24.63 -3.84
CA VAL A 141 17.10 24.04 -3.21
C VAL A 141 16.74 22.89 -2.30
N VAL A 142 17.39 21.75 -2.51
CA VAL A 142 17.20 20.62 -1.62
C VAL A 142 18.50 20.34 -0.90
N ASP A 143 18.44 20.43 0.42
CA ASP A 143 19.60 20.25 1.27
C ASP A 143 19.51 18.83 1.84
N PRO A 144 20.57 18.02 1.63
CA PRO A 144 20.56 16.63 2.13
C PRO A 144 20.82 16.53 3.62
N LEU A 145 21.14 17.65 4.26
CA LEU A 145 21.39 17.68 5.70
C LEU A 145 20.29 18.45 6.44
N ARG A 146 19.88 17.90 7.58
CA ARG A 146 18.86 18.55 8.40
C ARG A 146 19.18 18.32 9.87
N LYS A 147 20.22 18.99 10.38
CA LYS A 147 20.65 18.75 11.75
C LYS A 147 20.34 19.91 12.70
N GLU A 148 19.78 20.99 12.17
CA GLU A 148 19.46 22.17 12.99
C GLU A 148 18.43 21.78 14.05
N LYS A 149 18.72 22.11 15.32
CA LYS A 149 17.80 21.76 16.40
C LYS A 149 16.47 22.52 16.34
N ASP A 150 16.56 23.83 16.15
CA ASP A 150 15.37 24.66 16.07
C ASP A 150 15.18 25.13 14.63
N GLU A 151 13.98 24.90 14.11
CA GLU A 151 13.65 25.18 12.71
C GLU A 151 13.59 26.67 12.32
N SER A 152 14.41 27.50 12.96
CA SER A 152 14.45 28.90 12.59
C SER A 152 15.70 29.20 11.76
N ALA A 153 16.68 28.32 11.82
CA ALA A 153 17.91 28.49 11.04
C ALA A 153 17.60 28.29 9.56
N TYR A 154 16.56 27.48 9.31
CA TYR A 154 16.11 27.19 7.97
C TYR A 154 15.46 28.42 7.35
N VAL A 155 14.89 29.26 8.22
CA VAL A 155 14.32 30.52 7.78
C VAL A 155 15.48 31.39 7.27
N ASP A 156 16.58 31.37 8.01
CA ASP A 156 17.77 32.12 7.64
C ASP A 156 18.36 31.57 6.36
N TYR A 157 18.46 30.25 6.27
CA TYR A 157 19.00 29.57 5.10
C TYR A 157 18.21 29.95 3.85
N ALA A 158 16.88 29.87 3.94
CA ALA A 158 16.00 30.22 2.84
C ALA A 158 16.24 31.66 2.40
N ASP A 159 16.36 32.55 3.37
CA ASP A 159 16.61 33.97 3.10
C ASP A 159 18.01 34.14 2.54
N ASN A 160 18.97 33.40 3.11
CA ASN A 160 20.37 33.49 2.69
C ASN A 160 20.57 32.98 1.27
N VAL A 161 19.76 32.01 0.87
CA VAL A 161 19.86 31.46 -0.47
C VAL A 161 19.25 32.43 -1.47
N ASN A 162 18.13 33.03 -1.11
CA ASN A 162 17.46 34.00 -1.97
C ASN A 162 18.34 35.23 -2.19
N MET A 163 18.99 35.69 -1.13
CA MET A 163 19.84 36.88 -1.20
C MET A 163 21.04 36.67 -2.11
N GLU A 164 21.46 35.41 -2.25
CA GLU A 164 22.62 35.06 -3.06
C GLU A 164 22.27 35.05 -4.55
N PHE A 165 21.01 34.74 -4.84
CA PHE A 165 20.55 34.66 -6.23
C PHE A 165 19.98 35.97 -6.73
N GLY A 166 19.69 36.89 -5.81
CA GLY A 166 19.10 38.16 -6.18
C GLY A 166 17.74 38.31 -5.52
N GLU A 167 17.45 39.48 -4.97
CA GLU A 167 16.16 39.74 -4.30
C GLU A 167 14.93 39.55 -5.21
N HIS A 168 15.14 39.51 -6.52
CA HIS A 168 14.04 39.30 -7.47
C HIS A 168 13.83 37.85 -7.81
N ALA A 169 14.66 36.99 -7.24
CA ALA A 169 14.55 35.57 -7.54
C ALA A 169 13.49 34.93 -6.66
N LYS A 170 12.72 34.02 -7.24
CA LYS A 170 11.76 33.26 -6.47
C LYS A 170 12.56 32.09 -5.91
N CYS A 171 12.28 31.69 -4.67
CA CYS A 171 13.12 30.67 -4.06
C CYS A 171 12.40 29.79 -3.07
N ALA A 172 12.76 28.51 -3.11
CA ALA A 172 12.22 27.53 -2.19
C ALA A 172 13.39 26.79 -1.56
N PHE A 173 13.35 26.61 -0.25
CA PHE A 173 14.43 25.91 0.44
C PHE A 173 13.85 24.67 1.13
N ILE A 174 14.31 23.51 0.70
CA ILE A 174 13.79 22.24 1.21
C ILE A 174 14.86 21.47 1.97
N PRO A 175 14.87 21.57 3.31
CA PRO A 175 15.82 20.78 4.08
C PRO A 175 15.30 19.36 4.29
N VAL A 176 16.12 18.37 4.01
CA VAL A 176 15.71 16.97 4.06
C VAL A 176 16.71 16.14 4.87
N ASP A 177 16.18 15.29 5.74
CA ASP A 177 16.99 14.43 6.62
C ASP A 177 17.56 13.21 5.90
N ILE A 178 18.61 13.40 5.12
CA ILE A 178 19.25 12.31 4.39
C ILE A 178 20.63 11.97 4.95
N GLN A 179 21.47 13.00 5.12
CA GLN A 179 22.85 12.84 5.57
C GLN A 179 23.03 12.64 7.08
N LYS A 180 23.94 11.75 7.47
CA LYS A 180 24.22 11.48 8.87
C LYS A 180 25.71 11.55 9.11
N SER A 181 26.48 11.26 8.06
CA SER A 181 27.92 11.34 8.17
C SER A 181 28.33 12.78 7.97
N SER A 182 29.63 13.06 8.05
CA SER A 182 30.07 14.44 7.90
C SER A 182 30.62 14.74 6.50
N PHE A 183 30.89 13.70 5.72
CA PHE A 183 31.59 13.89 4.45
C PHE A 183 30.83 13.45 3.17
N ASP A 184 29.55 13.11 3.30
CA ASP A 184 28.78 12.59 2.17
C ASP A 184 27.90 13.63 1.45
N SCY A 185 28.04 14.91 1.79
CA SCY A 185 27.19 15.92 1.26
CB SCY A 185 27.42 17.26 2.01
SG SCY A 185 28.94 17.95 1.52
CD SCY A 185 30.16 17.54 2.79
OCD SCY A 185 29.79 16.85 3.82
CE SCY A 185 31.58 17.98 2.63
C SCY A 185 27.38 16.20 -0.25
O SCY A 185 26.42 16.25 -0.99
N ARG A 186 28.43 15.68 -0.85
CA ARG A 186 28.69 15.93 -2.27
C ARG A 186 28.03 14.86 -3.15
N ILE A 187 28.16 13.60 -2.76
CA ILE A 187 27.55 12.52 -3.50
C ILE A 187 26.04 12.58 -3.34
N LEU A 188 25.59 13.01 -2.16
CA LEU A 188 24.16 13.10 -1.89
C LEU A 188 23.54 14.23 -2.71
N SER A 189 24.27 15.32 -2.86
CA SER A 189 23.76 16.47 -3.60
C SER A 189 23.78 16.19 -5.10
N LEU A 190 24.74 15.38 -5.52
CA LEU A 190 24.85 15.04 -6.94
C LEU A 190 23.72 14.10 -7.33
N SER A 191 23.32 13.24 -6.39
CA SER A 191 22.25 12.30 -6.66
C SER A 191 20.90 12.99 -6.67
N LEU A 192 20.74 13.99 -5.80
CA LEU A 192 19.51 14.74 -5.73
C LEU A 192 19.32 15.55 -7.02
N ALA A 193 20.43 16.00 -7.58
CA ALA A 193 20.38 16.75 -8.83
C ALA A 193 19.90 15.85 -9.95
N LEU A 194 20.38 14.61 -9.96
CA LEU A 194 19.98 13.66 -10.99
C LEU A 194 18.52 13.28 -10.80
N LYS A 195 18.04 13.29 -9.56
CA LYS A 195 16.66 12.94 -9.31
C LYS A 195 15.77 14.09 -9.74
N MET A 196 16.34 15.30 -9.69
CA MET A 196 15.61 16.50 -10.07
C MET A 196 15.31 16.48 -11.57
N HIS A 197 16.32 16.11 -12.34
CA HIS A 197 16.19 16.02 -13.78
C HIS A 197 15.26 14.86 -14.11
N ASP A 198 15.15 13.95 -13.16
CA ASP A 198 14.28 12.79 -13.32
C ASP A 198 12.83 13.20 -13.06
N LYS A 199 12.65 14.16 -12.16
CA LYS A 199 11.32 14.67 -11.84
C LYS A 199 11.17 16.07 -12.43
N ASP A 200 11.82 16.27 -13.56
CA ASP A 200 11.85 17.56 -14.25
C ASP A 200 10.47 18.21 -14.34
N ASP A 201 9.46 17.46 -14.78
CA ASP A 201 8.11 17.99 -14.92
C ASP A 201 7.56 18.48 -13.59
N ALA A 202 7.73 17.69 -12.54
CA ALA A 202 7.24 18.04 -11.21
C ALA A 202 7.93 19.29 -10.65
N PHE A 203 9.19 19.49 -11.02
CA PHE A 203 9.94 20.64 -10.51
C PHE A 203 9.64 21.89 -11.32
N ALA A 204 9.17 21.70 -12.55
CA ALA A 204 8.84 22.82 -13.40
C ALA A 204 7.51 23.40 -12.96
N ALA A 205 6.62 22.51 -12.51
CA ALA A 205 5.31 22.92 -12.02
C ALA A 205 5.44 23.62 -10.67
N PHE A 206 6.57 23.43 -10.01
CA PHE A 206 6.76 24.09 -8.72
C PHE A 206 7.35 25.46 -8.95
N HIS A 207 8.16 25.58 -10.01
CA HIS A 207 8.75 26.86 -10.37
C HIS A 207 7.61 27.81 -10.78
N GLU A 208 6.64 27.22 -11.48
CA GLU A 208 5.47 27.93 -11.97
C GLU A 208 4.63 28.46 -10.82
N THR A 209 4.34 27.59 -9.86
CA THR A 209 3.59 27.96 -8.67
C THR A 209 4.38 29.00 -7.85
N LEU A 210 5.70 28.97 -7.95
CA LEU A 210 6.53 29.89 -7.19
C LEU A 210 6.40 31.32 -7.71
N ARG A 211 6.20 31.41 -9.01
CA ARG A 211 6.12 32.69 -9.69
C ARG A 211 4.70 33.27 -9.66
N ASN A 212 3.76 32.40 -9.33
CA ASN A 212 2.34 32.73 -9.35
C ASN A 212 1.70 32.64 -7.98
N GLY A 214 0.53 29.84 -7.07
CA GLY A 214 -0.42 29.96 -5.99
C GLY A 214 -0.11 29.11 -4.77
N ASP A 215 -1.00 28.17 -4.47
CA ASP A 215 -0.86 27.28 -3.31
C ASP A 215 0.14 26.15 -3.56
N PRO A 216 1.19 26.05 -2.72
CA PRO A 216 2.19 24.99 -2.90
C PRO A 216 1.65 23.59 -2.63
N SER A 217 0.40 23.49 -2.17
CA SER A 217 -0.20 22.22 -1.79
C SER A 217 -0.26 21.21 -2.94
N HIS A 218 -0.23 21.70 -4.18
CA HIS A 218 -0.21 20.82 -5.34
C HIS A 218 1.20 20.21 -5.48
N HIS A 219 2.17 20.80 -4.78
CA HIS A 219 3.56 20.39 -4.92
C HIS A 219 4.26 19.90 -3.63
N VAL A 220 3.97 20.52 -2.49
CA VAL A 220 4.59 20.10 -1.24
C VAL A 220 3.54 19.99 -0.13
N SER A 221 3.88 19.29 0.95
CA SER A 221 2.93 19.09 2.03
C SER A 221 2.93 20.22 3.07
N ARG A 222 4.09 20.83 3.32
CA ARG A 222 4.15 21.88 4.33
C ARG A 222 5.15 22.95 3.94
N ALA A 223 4.67 24.18 3.76
CA ALA A 223 5.53 25.29 3.36
C ALA A 223 5.13 26.61 4.03
N GLN A 224 6.07 27.56 4.05
CA GLN A 224 5.81 28.85 4.67
C GLN A 224 6.68 29.94 4.04
N GLN A 225 6.10 31.13 3.88
CA GLN A 225 6.85 32.25 3.36
C GLN A 225 7.62 32.85 4.52
N THR A 226 8.84 33.28 4.26
CA THR A 226 9.65 33.88 5.29
C THR A 226 9.25 35.35 5.42
N GLU A 227 9.43 35.89 6.62
CA GLU A 227 9.04 37.25 6.92
C GLU A 227 9.85 38.30 6.18
N GLU A 228 11.15 38.04 5.99
CA GLU A 228 12.04 39.02 5.36
C GLU A 228 11.92 39.15 3.85
N LEU A 229 12.12 38.04 3.14
CA LEU A 229 12.14 38.07 1.68
C LEU A 229 10.96 37.37 1.00
N GLY A 230 10.18 36.66 1.80
CA GLY A 230 9.01 35.97 1.31
C GLY A 230 9.47 34.82 0.44
N ALA A 231 10.56 34.19 0.85
CA ALA A 231 11.07 33.04 0.13
C ALA A 231 10.31 31.86 0.70
N THR A 232 10.32 30.73 0.00
CA THR A 232 9.57 29.59 0.49
C THR A 232 10.45 28.62 1.26
N LEU A 233 10.06 28.34 2.50
CA LEU A 233 10.73 27.33 3.30
C LEU A 233 9.83 26.11 3.37
N VAL A 234 10.32 24.98 2.87
CA VAL A 234 9.54 23.75 2.89
C VAL A 234 10.09 22.81 3.95
N LEU A 235 9.29 22.55 4.98
CA LEU A 235 9.72 21.69 6.07
C LEU A 235 9.13 20.30 5.89
N ASP A 236 8.50 20.09 4.73
CA ASP A 236 7.92 18.79 4.36
C ASP A 236 7.77 18.77 2.83
N GLY A 237 8.77 18.23 2.15
CA GLY A 237 8.84 18.27 0.70
C GLY A 237 7.96 17.33 -0.11
N ALA A 238 7.39 16.32 0.53
CA ALA A 238 6.53 15.38 -0.17
C ALA A 238 5.31 16.09 -0.73
N PRO A 239 4.86 15.71 -1.93
CA PRO A 239 5.38 14.61 -2.75
C PRO A 239 6.48 15.02 -3.74
N LEU A 240 6.93 16.27 -3.70
CA LEU A 240 8.00 16.70 -4.59
C LEU A 240 9.27 15.95 -4.20
N VAL A 241 9.44 15.77 -2.90
CA VAL A 241 10.54 14.98 -2.35
C VAL A 241 9.95 13.60 -2.09
N ASP A 242 10.08 12.69 -3.04
CA ASP A 242 9.48 11.37 -2.93
C ASP A 242 10.49 10.30 -2.50
N ALA A 243 10.05 9.04 -2.54
CA ALA A 243 10.86 7.90 -2.11
C ALA A 243 12.16 7.79 -2.89
N ARG A 244 12.13 8.14 -4.16
CA ARG A 244 13.28 7.99 -5.02
C ARG A 244 14.35 9.00 -4.62
N MET A 245 13.93 10.02 -3.87
CA MET A 245 14.86 11.03 -3.36
C MET A 245 15.36 10.69 -1.96
N MET A 246 14.77 9.66 -1.36
CA MET A 246 15.14 9.29 0.00
C MET A 246 15.93 7.99 0.06
N LYS A 247 16.24 7.43 -1.12
CA LYS A 247 16.92 6.14 -1.18
C LYS A 247 18.24 6.08 -0.42
N HIS A 248 19.05 7.13 -0.48
CA HIS A 248 20.35 7.10 0.17
C HIS A 248 20.34 7.69 1.58
N GLY A 249 19.15 7.73 2.20
CA GLY A 249 19.06 8.14 3.58
C GLY A 249 19.89 7.19 4.42
N GLN A 250 20.90 7.71 5.10
CA GLN A 250 21.86 6.85 5.80
C GLN A 250 21.31 6.22 7.06
N ALA A 251 20.43 6.93 7.77
CA ALA A 251 19.86 6.37 8.98
C ALA A 251 18.57 5.63 8.67
N ALA A 252 18.42 4.41 9.16
CA ALA A 252 17.19 3.68 8.92
C ALA A 252 16.02 4.37 9.62
N SER A 253 16.28 5.12 10.69
CA SER A 253 15.19 5.80 11.39
C SER A 253 14.62 6.94 10.54
N SER A 254 15.47 7.56 9.72
CA SER A 254 15.04 8.65 8.85
C SER A 254 14.17 8.15 7.70
N VAL A 255 14.52 6.99 7.16
CA VAL A 255 13.76 6.41 6.05
C VAL A 255 12.42 5.93 6.59
N SER A 256 12.45 5.29 7.75
CA SER A 256 11.24 4.76 8.38
C SER A 256 10.29 5.87 8.90
N ARG A 257 10.86 6.93 9.48
CA ARG A 257 10.05 8.04 9.96
C ARG A 257 9.34 8.68 8.77
N TYR A 258 10.08 8.80 7.66
CA TYR A 258 9.59 9.38 6.43
C TYR A 258 8.46 8.54 5.84
N LEU A 259 8.61 7.23 5.91
CA LEU A 259 7.59 6.33 5.39
C LEU A 259 6.36 6.32 6.30
N GLY A 260 6.60 6.52 7.59
CA GLY A 260 5.52 6.60 8.56
C GLY A 260 4.71 7.87 8.35
N ASN A 261 5.39 8.93 7.91
CA ASN A 261 4.73 10.21 7.64
C ASN A 261 4.10 10.24 6.25
N HIS A 262 4.58 9.37 5.38
CA HIS A 262 4.06 9.30 4.01
C HIS A 262 3.95 7.86 3.55
N PRO A 263 2.95 7.13 4.06
CA PRO A 263 2.74 5.69 3.81
C PRO A 263 2.62 5.36 2.32
N GLU A 264 2.09 6.31 1.56
CA GLU A 264 1.86 6.12 0.13
C GLU A 264 3.15 5.94 -0.65
N GLN A 265 4.27 6.32 -0.05
CA GLN A 265 5.58 6.20 -0.68
C GLN A 265 6.24 4.86 -0.36
N SER A 266 5.59 4.08 0.50
CA SER A 266 6.17 2.82 0.97
C SER A 266 5.99 1.66 0.01
N THR A 267 5.16 1.83 -1.01
CA THR A 267 4.87 0.73 -1.92
C THR A 267 5.25 0.99 -3.38
N VAL A 268 5.75 2.18 -3.69
CA VAL A 268 6.18 2.47 -5.05
C VAL A 268 7.62 2.01 -5.28
N PRO A 269 7.91 1.53 -6.51
CA PRO A 269 9.26 1.04 -6.82
C PRO A 269 10.29 2.18 -6.94
N VAL A 270 11.47 1.98 -6.35
CA VAL A 270 12.53 2.97 -6.38
C VAL A 270 13.61 2.62 -7.39
N ASN A 271 13.51 1.42 -7.97
CA ASN A 271 14.43 0.98 -9.03
C ASN A 271 13.77 -0.08 -9.91
N LYS A 272 14.50 -0.53 -10.91
CA LYS A 272 13.98 -1.50 -11.88
C LYS A 272 13.72 -2.87 -11.26
N ARG A 273 14.43 -3.15 -10.17
CA ARG A 273 14.30 -4.40 -9.43
C ARG A 273 12.98 -4.48 -8.65
N ASN A 274 12.24 -3.36 -8.67
CA ASN A 274 10.93 -3.24 -8.03
C ASN A 274 11.03 -3.28 -6.51
N GLU A 275 12.10 -2.69 -5.99
CA GLU A 275 12.27 -2.64 -4.55
C GLU A 275 11.50 -1.45 -4.03
N THR A 276 11.01 -1.56 -2.80
CA THR A 276 10.36 -0.45 -2.14
C THR A 276 11.48 0.33 -1.46
N LEU A 277 11.18 1.50 -0.93
CA LEU A 277 12.20 2.28 -0.22
C LEU A 277 12.72 1.52 0.99
N GLY A 278 11.79 0.90 1.73
CA GLY A 278 12.12 0.11 2.90
C GLY A 278 12.91 -1.15 2.61
N GLU A 279 12.62 -1.81 1.48
CA GLU A 279 13.32 -3.03 1.08
C GLU A 279 14.77 -2.71 0.77
N ARG A 280 14.98 -1.65 -0.02
CA ARG A 280 16.31 -1.25 -0.46
C ARG A 280 17.20 -0.77 0.67
N THR A 281 16.65 0.02 1.58
CA THR A 281 17.42 0.52 2.72
C THR A 281 17.87 -0.64 3.61
N THR A 282 16.96 -1.58 3.86
CA THR A 282 17.30 -2.75 4.65
C THR A 282 18.42 -3.56 4.00
N ARG A 283 18.42 -3.62 2.67
CA ARG A 283 19.42 -4.39 1.96
C ARG A 283 20.80 -3.73 2.13
N HIS A 284 20.81 -2.42 2.41
CA HIS A 284 22.06 -1.68 2.53
C HIS A 284 22.52 -1.47 3.97
N LEU A 285 21.83 -2.07 4.93
CA LEU A 285 22.21 -1.86 6.33
C LEU A 285 23.47 -2.62 6.69
N VAL A 286 24.41 -1.89 7.29
CA VAL A 286 25.66 -2.49 7.73
C VAL A 286 25.89 -2.05 9.15
N LYS A 287 26.74 -2.80 9.86
CA LYS A 287 27.11 -2.47 11.23
C LYS A 287 28.63 -2.31 11.33
N ARG A 288 29.09 -1.11 11.64
CA ARG A 288 30.53 -0.85 11.76
C ARG A 288 30.82 0.29 12.73
N LYS A 289 32.11 0.52 12.96
CA LYS A 289 32.54 1.62 13.81
C LYS A 289 32.72 2.86 12.95
N VAL A 290 32.41 4.01 13.52
CA VAL A 290 32.45 5.29 12.83
C VAL A 290 33.12 6.28 13.79
N ARG A 291 33.62 7.42 13.32
CA ARG A 291 34.27 8.38 14.20
C ARG A 291 33.20 9.13 15.01
N ASN A 292 33.46 9.34 16.29
CA ASN A 292 32.48 10.01 17.16
C ASN A 292 32.51 11.53 17.03
N ARG A 293 31.36 12.11 16.69
CA ARG A 293 31.25 13.55 16.52
C ARG A 293 30.10 14.13 17.33
N THR A 301 32.44 10.52 22.99
CA THR A 301 32.40 10.60 24.45
C THR A 301 31.90 9.30 25.08
N SER A 302 32.79 8.31 25.24
CA SER A 302 34.19 8.40 24.83
C SER A 302 34.62 7.05 24.26
N GLY A 303 35.37 7.06 23.17
CA GLY A 303 35.79 8.27 22.50
C GLY A 303 36.33 7.84 21.15
N GLU A 304 36.62 8.80 20.28
CA GLU A 304 37.13 8.48 18.94
C GLU A 304 36.05 7.78 18.11
N THR A 305 35.71 6.55 18.45
CA THR A 305 34.74 5.78 17.65
C THR A 305 33.49 5.30 18.40
N LYS A 306 32.49 4.91 17.61
CA LYS A 306 31.23 4.38 18.14
C LYS A 306 30.69 3.38 17.11
N GLU A 307 30.01 2.32 17.57
CA GLU A 307 29.46 1.35 16.64
C GLU A 307 28.02 1.67 16.29
N ILE A 308 27.74 1.74 15.00
CA ILE A 308 26.40 2.07 14.54
C ILE A 308 25.95 1.16 13.40
N THR A 309 24.65 1.19 13.15
CA THR A 309 24.03 0.43 12.07
C THR A 309 23.37 1.45 11.16
N PHE A 310 23.77 1.46 9.90
CA PHE A 310 23.28 2.44 8.95
C PHE A 310 23.32 1.91 7.53
N SER A 311 22.77 2.67 6.60
CA SER A 311 22.77 2.29 5.20
C SER A 311 24.02 2.79 4.50
N ASN A 312 24.75 1.86 3.88
CA ASN A 312 25.96 2.22 3.15
C ASN A 312 25.66 2.59 1.69
N SER A 313 24.42 2.99 1.43
CA SER A 313 24.00 3.36 0.08
C SER A 313 24.86 4.44 -0.58
N VAL A 314 25.25 5.45 0.18
CA VAL A 314 26.03 6.55 -0.37
C VAL A 314 27.41 6.10 -0.77
N GLU A 315 27.99 5.20 0.00
CA GLU A 315 29.34 4.74 -0.33
C GLU A 315 29.27 3.82 -1.55
N GLN A 316 28.13 3.15 -1.73
CA GLN A 316 27.90 2.30 -2.89
C GLN A 316 27.65 3.17 -4.12
N LYS A 317 26.98 4.31 -3.89
CA LYS A 317 26.67 5.25 -4.97
C LYS A 317 27.92 6.00 -5.42
N ARG A 318 28.83 6.28 -4.49
CA ARG A 318 30.08 6.94 -4.83
C ARG A 318 30.89 6.01 -5.71
N ILE A 319 30.82 4.72 -5.39
CA ILE A 319 31.52 3.70 -6.15
C ILE A 319 30.92 3.56 -7.55
N ALA A 320 29.59 3.54 -7.62
CA ALA A 320 28.89 3.40 -8.91
C ALA A 320 29.11 4.59 -9.83
N LEU A 321 29.25 5.77 -9.25
CA LEU A 321 29.47 6.97 -10.04
C LEU A 321 30.90 7.00 -10.59
N LEU A 322 31.86 6.53 -9.80
CA LEU A 322 33.26 6.47 -10.22
C LEU A 322 33.42 5.48 -11.37
N ASN A 323 32.63 4.41 -11.32
CA ASN A 323 32.60 3.38 -12.36
C ASN A 323 32.11 3.95 -13.70
N ARG A 324 31.09 4.80 -13.63
CA ARG A 324 30.50 5.45 -14.80
C ARG A 324 31.49 6.38 -15.48
N ALA A 325 32.10 7.24 -14.66
CA ALA A 325 33.05 8.23 -15.12
C ALA A 325 34.27 7.57 -15.78
N ALA A 326 34.81 6.54 -15.13
CA ALA A 326 35.98 5.87 -15.66
C ALA A 326 35.69 5.21 -16.99
N SER A 327 34.45 4.77 -17.19
CA SER A 327 34.03 4.16 -18.45
C SER A 327 33.84 5.22 -19.53
N TYR A 328 33.36 6.39 -19.12
CA TYR A 328 33.09 7.47 -20.05
C TYR A 328 34.42 7.96 -20.66
N VAL A 329 35.42 8.12 -19.81
CA VAL A 329 36.72 8.65 -20.23
C VAL A 329 37.42 7.68 -21.19
N ASN A 330 37.25 6.38 -20.96
CA ASN A 330 37.87 5.35 -21.80
C ASN A 330 37.38 5.42 -23.24
N SER A 331 36.22 6.00 -23.43
CA SER A 331 35.62 6.09 -24.76
C SER A 331 35.19 7.51 -25.07
N ALA A 332 35.72 8.47 -24.32
CA ALA A 332 35.38 9.86 -24.55
C ALA A 332 36.23 10.45 -25.67
N PRO A 333 35.67 11.42 -26.41
CA PRO A 333 36.44 12.11 -27.45
C PRO A 333 37.52 12.97 -26.82
N PRO A 334 38.64 13.19 -27.53
CA PRO A 334 39.76 13.99 -27.01
C PRO A 334 39.38 15.34 -26.36
N PRO A 335 38.43 16.13 -26.93
CA PRO A 335 38.15 17.40 -26.25
C PRO A 335 37.58 17.21 -24.85
N VAL A 336 36.93 16.06 -24.62
CA VAL A 336 36.37 15.77 -23.31
C VAL A 336 37.51 15.32 -22.36
N VAL A 337 38.42 14.51 -22.91
CA VAL A 337 39.59 14.04 -22.15
C VAL A 337 40.46 15.22 -21.71
N MET A 338 40.65 16.17 -22.61
CA MET A 338 41.46 17.36 -22.34
C MET A 338 40.79 18.18 -21.26
N ARG A 339 39.47 18.18 -21.28
CA ARG A 339 38.73 19.01 -20.35
C ARG A 339 38.77 18.43 -18.96
N MET A 340 38.71 17.11 -18.88
CA MET A 340 38.67 16.43 -17.60
C MET A 340 40.05 16.38 -16.98
N ALA A 341 41.08 16.36 -17.82
CA ALA A 341 42.44 16.36 -17.33
C ALA A 341 42.74 17.72 -16.72
N LYS A 342 42.24 18.77 -17.35
CA LYS A 342 42.45 20.12 -16.86
C LYS A 342 41.67 20.36 -15.56
N LEU A 343 40.50 19.74 -15.43
CA LEU A 343 39.69 19.91 -14.23
C LEU A 343 40.36 19.26 -13.02
N LEU A 344 41.11 18.20 -13.30
CA LEU A 344 41.82 17.46 -12.28
C LEU A 344 43.05 18.25 -11.84
N GLN A 345 43.73 18.87 -12.81
CA GLN A 345 44.90 19.68 -12.53
C GLN A 345 44.50 20.94 -11.77
N ASP A 346 43.34 21.49 -12.13
CA ASP A 346 42.84 22.71 -11.51
C ASP A 346 42.44 22.48 -10.05
N SER A 347 42.36 21.22 -9.63
CA SER A 347 41.98 20.92 -8.26
C SER A 347 43.17 21.11 -7.31
N LEU A 348 44.36 21.21 -7.87
CA LEU A 348 45.58 21.39 -7.09
C LEU A 348 45.97 22.85 -7.01
N LEU A 349 45.06 23.72 -7.43
CA LEU A 349 45.28 25.16 -7.32
C LEU A 349 44.56 25.56 -6.05
N ASP A 350 44.53 26.85 -5.74
CA ASP A 350 43.94 27.35 -4.50
C ASP A 350 44.69 26.82 -3.28
N PRO B 8 -19.90 -30.19 -38.09
CA PRO B 8 -19.00 -30.67 -39.15
C PRO B 8 -19.50 -30.31 -40.55
N ALA B 9 -19.57 -31.31 -41.42
CA ALA B 9 -19.99 -31.14 -42.80
C ALA B 9 -21.38 -30.51 -42.92
N GLY B 10 -22.18 -30.60 -41.86
CA GLY B 10 -23.52 -30.08 -41.89
C GLY B 10 -23.54 -28.57 -41.90
N ARG B 11 -22.58 -27.95 -41.22
CA ARG B 11 -22.50 -26.49 -41.21
C ARG B 11 -21.61 -25.97 -42.34
N GLN B 12 -21.20 -26.86 -43.25
CA GLN B 12 -20.29 -26.48 -44.33
C GLN B 12 -21.00 -26.12 -45.64
N ALA B 13 -22.29 -26.43 -45.74
CA ALA B 13 -23.10 -26.10 -46.91
C ALA B 13 -22.48 -26.57 -48.23
N GLY B 14 -21.81 -27.71 -48.20
CA GLY B 14 -21.20 -28.24 -49.41
C GLY B 14 -19.93 -27.54 -49.86
N GLN B 15 -19.37 -26.71 -49.00
CA GLN B 15 -18.16 -25.96 -49.32
C GLN B 15 -16.89 -26.41 -48.57
N GLN B 16 -16.84 -27.67 -48.14
CA GLN B 16 -15.71 -28.17 -47.36
C GLN B 16 -14.36 -27.98 -48.04
N ALA B 17 -14.38 -27.82 -49.36
CA ALA B 17 -13.15 -27.68 -50.13
C ALA B 17 -12.66 -26.24 -50.09
N THR B 18 -13.55 -25.30 -50.37
CA THR B 18 -13.19 -23.89 -50.35
C THR B 18 -12.99 -23.43 -48.91
N VAL B 19 -13.84 -23.91 -48.00
CA VAL B 19 -13.72 -23.53 -46.58
C VAL B 19 -12.42 -24.03 -45.96
N ASP B 20 -12.17 -25.33 -46.05
CA ASP B 20 -10.99 -25.94 -45.46
C ASP B 20 -9.69 -25.35 -45.99
N ARG B 21 -9.73 -24.87 -47.22
CA ARG B 21 -8.55 -24.30 -47.87
C ARG B 21 -8.34 -22.86 -47.44
N LEU B 22 -9.44 -22.15 -47.21
CA LEU B 22 -9.35 -20.77 -46.76
C LEU B 22 -8.97 -20.73 -45.27
N ARG B 23 -9.39 -21.77 -44.53
CA ARG B 23 -9.06 -21.87 -43.11
C ARG B 23 -7.56 -22.06 -42.97
N THR B 24 -7.04 -22.94 -43.81
CA THR B 24 -5.61 -23.25 -43.84
C THR B 24 -4.81 -22.01 -44.21
N GLN B 25 -5.36 -21.26 -45.15
CA GLN B 25 -4.74 -20.06 -45.67
C GLN B 25 -4.59 -19.00 -44.58
N VAL B 26 -5.55 -18.94 -43.67
CA VAL B 26 -5.53 -17.97 -42.58
C VAL B 26 -4.67 -18.41 -41.39
N THR B 27 -4.87 -19.64 -40.94
CA THR B 27 -4.11 -20.18 -39.81
C THR B 27 -2.65 -20.31 -40.19
N GLY B 28 -2.38 -20.45 -41.49
CA GLY B 28 -1.02 -20.61 -41.94
C GLY B 28 -0.24 -19.33 -41.82
N PHE B 29 -0.91 -18.21 -42.07
CA PHE B 29 -0.26 -16.93 -42.01
C PHE B 29 -0.13 -16.47 -40.56
N LEU B 30 -1.20 -16.65 -39.80
CA LEU B 30 -1.20 -16.25 -38.39
C LEU B 30 -0.15 -17.05 -37.64
N SER B 31 -0.14 -18.36 -37.85
CA SER B 31 0.78 -19.23 -37.14
C SER B 31 2.18 -19.07 -37.71
N GLY B 32 2.27 -18.66 -38.97
CA GLY B 32 3.56 -18.43 -39.59
C GLY B 32 4.17 -17.18 -39.00
N ALA B 33 3.33 -16.19 -38.70
CA ALA B 33 3.81 -14.95 -38.10
C ALA B 33 4.18 -15.19 -36.65
N LEU B 34 3.36 -15.99 -35.98
CA LEU B 34 3.56 -16.34 -34.59
C LEU B 34 4.92 -17.00 -34.33
N GLY B 35 5.28 -17.97 -35.17
CA GLY B 35 6.51 -18.71 -35.01
C GLY B 35 7.75 -17.86 -35.17
N LYS B 36 7.72 -16.93 -36.11
CA LYS B 36 8.86 -16.04 -36.35
C LYS B 36 9.03 -15.11 -35.18
N LEU B 37 7.91 -14.56 -34.73
CA LEU B 37 7.89 -13.60 -33.65
C LEU B 37 8.24 -14.28 -32.32
N GLN B 38 7.77 -15.52 -32.15
CA GLN B 38 8.05 -16.25 -30.93
C GLN B 38 9.53 -16.60 -30.86
N ALA B 39 10.12 -16.83 -32.03
CA ALA B 39 11.53 -17.18 -32.10
C ALA B 39 12.38 -15.95 -31.86
N LEU B 40 11.96 -14.83 -32.42
CA LEU B 40 12.65 -13.55 -32.26
C LEU B 40 12.62 -13.10 -30.80
N SER B 41 11.50 -13.35 -30.13
CA SER B 41 11.33 -12.95 -28.74
C SER B 41 12.19 -13.81 -27.82
N ALA B 42 12.23 -15.12 -28.10
CA ALA B 42 13.00 -16.04 -27.29
C ALA B 42 14.49 -15.81 -27.43
N GLN B 43 14.89 -15.20 -28.54
CA GLN B 43 16.30 -14.94 -28.79
C GLN B 43 16.69 -13.55 -28.31
N ASN B 44 15.73 -12.85 -27.71
CA ASN B 44 15.91 -11.47 -27.22
C ASN B 44 16.41 -10.57 -28.35
N MET B 45 15.71 -10.64 -29.48
CA MET B 45 16.07 -9.84 -30.64
C MET B 45 14.96 -8.89 -31.07
N ASP B 46 15.36 -7.66 -31.38
CA ASP B 46 14.44 -6.66 -31.89
C ASP B 46 14.02 -7.07 -33.29
N PRO B 47 12.71 -6.98 -33.60
CA PRO B 47 12.16 -7.38 -34.90
C PRO B 47 12.70 -6.50 -36.03
N GLU B 48 12.86 -5.20 -35.80
CA GLU B 48 13.32 -4.33 -36.87
C GLU B 48 14.76 -4.52 -37.27
N LEU B 49 15.63 -4.87 -36.32
CA LEU B 49 17.04 -5.07 -36.64
C LEU B 49 17.25 -6.42 -37.31
N ALA B 50 16.32 -7.32 -37.07
CA ALA B 50 16.37 -8.65 -37.66
C ALA B 50 15.65 -8.64 -39.01
N GLN B 51 15.19 -7.46 -39.43
CA GLN B 51 14.50 -7.29 -40.71
C GLN B 51 13.19 -8.06 -40.81
N PHE B 52 12.51 -8.23 -39.69
CA PHE B 52 11.16 -8.77 -39.72
C PHE B 52 10.27 -7.56 -39.89
N ARG B 53 9.30 -7.66 -40.79
CA ARG B 53 8.49 -6.52 -41.17
C ARG B 53 7.24 -6.42 -40.31
N VAL B 54 7.41 -6.00 -39.06
CA VAL B 54 6.27 -5.91 -38.14
C VAL B 54 5.16 -5.01 -38.65
N LEU B 55 5.53 -3.90 -39.28
CA LEU B 55 4.53 -2.94 -39.75
C LEU B 55 3.58 -3.57 -40.76
N ASP B 56 4.10 -4.43 -41.62
CA ASP B 56 3.29 -5.04 -42.66
C ASP B 56 2.48 -6.20 -42.06
N VAL B 57 3.08 -6.90 -41.12
CA VAL B 57 2.41 -8.03 -40.47
C VAL B 57 1.35 -7.54 -39.48
N ASP B 58 1.67 -6.49 -38.72
CA ASP B 58 0.72 -6.00 -37.72
C ASP B 58 -0.51 -5.45 -38.41
N ARG B 59 -0.31 -4.84 -39.56
CA ARG B 59 -1.42 -4.28 -40.33
C ARG B 59 -2.30 -5.37 -40.95
N ALA B 60 -1.68 -6.45 -41.42
CA ALA B 60 -2.41 -7.53 -42.05
C ALA B 60 -3.18 -8.41 -41.05
N ILE B 61 -2.62 -8.59 -39.86
CA ILE B 61 -3.28 -9.43 -38.87
C ILE B 61 -4.31 -8.67 -38.06
N MET B 62 -4.13 -7.35 -37.93
CA MET B 62 -5.04 -6.54 -37.11
C MET B 62 -6.53 -6.83 -37.34
N PRO B 63 -7.01 -6.85 -38.61
CA PRO B 63 -8.44 -7.11 -38.81
C PRO B 63 -8.89 -8.48 -38.32
N LEU B 64 -7.97 -9.45 -38.38
CA LEU B 64 -8.26 -10.78 -37.92
C LEU B 64 -8.26 -10.87 -36.38
N LEU B 65 -7.46 -10.05 -35.72
CA LEU B 65 -7.43 -10.03 -34.26
C LEU B 65 -8.72 -9.41 -33.71
N ILE B 66 -9.22 -8.39 -34.41
CA ILE B 66 -10.45 -7.73 -33.99
C ILE B 66 -11.65 -8.67 -34.12
N VAL B 67 -11.68 -9.46 -35.20
CA VAL B 67 -12.78 -10.41 -35.36
C VAL B 67 -12.74 -11.41 -34.20
N ALA B 68 -11.54 -11.87 -33.88
CA ALA B 68 -11.35 -12.85 -32.81
C ALA B 68 -11.68 -12.26 -31.46
N GLU B 69 -11.24 -11.02 -31.24
CA GLU B 69 -11.49 -10.35 -29.97
C GLU B 69 -12.95 -9.98 -29.82
N ASN B 70 -13.62 -9.65 -30.92
CA ASN B 70 -15.03 -9.30 -30.87
C ASN B 70 -15.86 -10.52 -30.53
N ALA B 71 -15.42 -11.67 -31.01
CA ALA B 71 -16.14 -12.92 -30.77
C ALA B 71 -15.85 -13.44 -29.37
N ARG B 72 -14.63 -13.16 -28.90
CA ARG B 72 -14.18 -13.63 -27.58
C ARG B 72 -14.80 -12.82 -26.45
N ASN B 73 -15.12 -11.56 -26.73
CA ASN B 73 -15.71 -10.68 -25.72
C ASN B 73 -16.94 -9.97 -26.28
N PRO B 74 -18.10 -10.67 -26.30
CA PRO B 74 -19.32 -10.06 -26.85
C PRO B 74 -19.64 -8.75 -26.14
N GLY B 75 -19.88 -7.70 -26.93
CA GLY B 75 -20.12 -6.39 -26.38
C GLY B 75 -18.92 -5.47 -26.59
N LEU B 76 -17.81 -6.04 -27.03
CA LEU B 76 -16.61 -5.23 -27.28
C LEU B 76 -16.90 -4.29 -28.45
N ASN B 77 -17.54 -4.83 -29.49
CA ASN B 77 -17.88 -4.07 -30.69
C ASN B 77 -16.74 -3.19 -31.15
N LEU B 78 -15.59 -3.82 -31.37
CA LEU B 78 -14.40 -3.09 -31.80
C LEU B 78 -14.42 -2.91 -33.31
N VAL B 79 -14.26 -1.67 -33.76
CA VAL B 79 -14.30 -1.35 -35.17
C VAL B 79 -13.07 -0.54 -35.56
N PRO B 80 -12.43 -0.89 -36.68
CA PRO B 80 -11.29 -0.09 -37.12
C PRO B 80 -11.75 1.18 -37.84
N LEU B 81 -11.14 2.31 -37.52
CA LEU B 81 -11.53 3.55 -38.18
C LEU B 81 -10.28 4.28 -38.61
N HIS B 82 -10.43 5.20 -39.54
CA HIS B 82 -9.32 6.00 -39.98
C HIS B 82 -9.75 7.41 -40.28
N MET B 83 -8.80 8.32 -40.14
CA MET B 83 -9.01 9.73 -40.38
C MET B 83 -8.86 9.98 -41.87
N ASP B 84 -9.23 11.16 -42.34
CA ASP B 84 -9.14 11.45 -43.76
C ASP B 84 -7.70 11.34 -44.27
N MET B 85 -6.74 11.84 -43.48
CA MET B 85 -5.33 11.77 -43.89
C MET B 85 -4.85 10.36 -44.24
N ALA B 86 -5.54 9.34 -43.74
CA ALA B 86 -5.19 7.96 -44.06
C ALA B 86 -5.54 7.61 -45.50
N GLU B 87 -6.39 8.43 -46.14
CA GLU B 87 -6.78 8.18 -47.53
C GLU B 87 -5.88 8.91 -48.53
N ASP B 88 -4.93 9.70 -48.02
CA ASP B 88 -4.02 10.43 -48.89
C ASP B 88 -2.78 9.56 -49.14
N GLU B 89 -2.73 8.99 -50.33
CA GLU B 89 -1.66 8.07 -50.74
C GLU B 89 -0.26 8.69 -50.78
N GLU B 90 -0.17 9.99 -50.50
CA GLU B 90 1.09 10.70 -50.55
C GLU B 90 1.69 10.92 -49.17
N VAL B 91 0.90 11.48 -48.26
CA VAL B 91 1.39 11.75 -46.90
C VAL B 91 1.52 10.49 -46.03
N ARG B 92 0.54 9.59 -46.12
CA ARG B 92 0.51 8.37 -45.30
C ARG B 92 1.72 7.46 -45.49
N THR B 93 2.11 6.78 -44.41
CA THR B 93 3.19 5.81 -44.49
C THR B 93 2.65 4.42 -44.83
N GLN B 94 1.38 4.19 -44.50
CA GLN B 94 0.69 2.94 -44.75
C GLN B 94 -0.80 3.17 -44.96
N PRO B 95 -1.44 2.39 -45.83
CA PRO B 95 -2.89 2.51 -46.03
C PRO B 95 -3.63 1.88 -44.86
N PRO B 96 -4.88 2.30 -44.61
CA PRO B 96 -5.67 1.73 -43.52
C PRO B 96 -5.80 0.22 -43.65
N MET B 97 -6.05 -0.44 -42.53
CA MET B 97 -6.20 -1.88 -42.53
C MET B 97 -7.53 -2.28 -43.20
N ALA B 98 -7.59 -3.51 -43.69
CA ALA B 98 -8.79 -3.98 -44.38
C ALA B 98 -10.03 -3.89 -43.49
N GLY B 99 -11.11 -3.35 -44.06
CA GLY B 99 -12.37 -3.23 -43.36
C GLY B 99 -12.52 -1.93 -42.60
N SER B 100 -11.44 -1.14 -42.56
CA SER B 100 -11.42 0.14 -41.88
C SER B 100 -12.45 1.09 -42.48
N ARG B 101 -13.14 1.84 -41.63
CA ARG B 101 -14.16 2.75 -42.12
C ARG B 101 -13.66 4.17 -41.85
N HIS B 102 -14.11 5.09 -42.68
CA HIS B 102 -13.80 6.51 -42.52
C HIS B 102 -14.65 6.99 -41.34
N ILE B 103 -14.07 7.78 -40.45
CA ILE B 103 -14.80 8.25 -39.28
C ILE B 103 -16.08 8.99 -39.69
N ALA B 104 -15.97 9.85 -40.70
CA ALA B 104 -17.13 10.59 -41.19
C ALA B 104 -18.21 9.64 -41.70
N GLU B 105 -17.79 8.56 -42.33
CA GLU B 105 -18.71 7.56 -42.86
C GLU B 105 -19.34 6.78 -41.70
N PHE B 106 -18.53 6.48 -40.70
CA PHE B 106 -18.98 5.74 -39.52
C PHE B 106 -19.98 6.58 -38.73
N VAL B 107 -19.64 7.84 -38.52
CA VAL B 107 -20.50 8.75 -37.78
C VAL B 107 -21.85 8.93 -38.48
N ALA B 108 -21.83 9.03 -39.79
CA ALA B 108 -23.04 9.23 -40.59
C ALA B 108 -23.94 7.99 -40.71
N SER B 109 -23.34 6.81 -40.89
CA SER B 109 -24.13 5.60 -41.19
C SER B 109 -24.21 4.48 -40.14
N ALA B 110 -23.34 4.47 -39.14
CA ALA B 110 -23.33 3.37 -38.18
C ALA B 110 -24.57 3.37 -37.31
N ARG B 111 -25.08 2.18 -37.00
CA ARG B 111 -26.21 2.04 -36.10
C ARG B 111 -25.77 2.52 -34.73
N PRO B 112 -26.67 3.21 -34.02
CA PRO B 112 -26.35 3.72 -32.68
C PRO B 112 -25.97 2.62 -31.71
N GLY B 113 -25.13 2.95 -30.74
CA GLY B 113 -24.69 1.98 -29.75
C GLY B 113 -23.32 2.29 -29.20
N ARG B 114 -22.74 1.32 -28.51
CA ARG B 114 -21.43 1.50 -27.90
C ARG B 114 -20.39 0.76 -28.71
N TYR B 115 -19.31 1.48 -29.01
CA TYR B 115 -18.26 0.91 -29.83
C TYR B 115 -16.91 1.16 -29.20
N ARG B 116 -15.95 0.34 -29.61
CA ARG B 116 -14.56 0.54 -29.29
C ARG B 116 -13.91 0.69 -30.65
N ALA B 117 -12.74 1.30 -30.69
CA ALA B 117 -12.12 1.49 -31.98
C ALA B 117 -10.63 1.63 -31.88
N VAL B 118 -9.98 1.32 -33.00
CA VAL B 118 -8.58 1.63 -33.17
C VAL B 118 -8.67 2.61 -34.31
N ILE B 119 -8.04 3.76 -34.14
CA ILE B 119 -8.16 4.84 -35.12
C ILE B 119 -6.83 5.13 -35.79
N ASP B 120 -6.77 4.88 -37.09
CA ASP B 120 -5.56 5.09 -37.87
C ASP B 120 -5.54 6.48 -38.49
N ASP B 121 -4.43 7.19 -38.37
CA ASP B 121 -4.32 8.50 -39.00
C ASP B 121 -3.40 8.46 -40.22
N GLY B 122 -2.90 7.26 -40.51
CA GLY B 122 -2.01 7.06 -41.64
C GLY B 122 -0.62 6.63 -41.25
N SER B 123 -0.19 7.05 -40.05
CA SER B 123 1.15 6.74 -39.58
C SER B 123 1.14 6.28 -38.13
N HIS B 124 0.00 6.46 -37.47
CA HIS B 124 -0.12 6.16 -36.06
C HIS B 124 -1.53 5.70 -35.73
N THR B 125 -1.65 4.87 -34.70
CA THR B 125 -2.96 4.35 -34.29
C THR B 125 -3.21 4.60 -32.80
N ARG B 126 -4.43 5.03 -32.50
CA ARG B 126 -4.85 5.30 -31.14
C ARG B 126 -6.05 4.43 -30.83
N ALA B 127 -6.41 4.31 -29.55
CA ALA B 127 -7.59 3.55 -29.17
C ALA B 127 -8.72 4.49 -28.82
N ALA B 128 -9.96 4.00 -28.94
CA ALA B 128 -11.10 4.87 -28.68
C ALA B 128 -12.29 4.13 -28.10
N ASP B 129 -13.10 4.86 -27.33
CA ASP B 129 -14.36 4.37 -26.82
C ASP B 129 -15.43 5.32 -27.33
N ILE B 130 -16.34 4.79 -28.14
CA ILE B 130 -17.35 5.62 -28.79
C ILE B 130 -18.79 5.28 -28.39
N ARG B 131 -19.55 6.32 -28.13
CA ARG B 131 -20.97 6.23 -27.88
C ARG B 131 -21.69 7.03 -28.93
N LYS B 132 -22.52 6.36 -29.72
CA LYS B 132 -23.29 7.05 -30.73
C LYS B 132 -24.77 6.81 -30.53
N ASP B 133 -25.53 7.89 -30.41
CA ASP B 133 -26.97 7.76 -30.30
C ASP B 133 -27.70 8.90 -31.02
N ALA B 134 -28.99 9.03 -30.75
CA ALA B 134 -29.81 10.06 -31.40
C ALA B 134 -29.28 11.46 -31.10
N SER B 135 -28.91 11.69 -29.84
CA SER B 135 -28.40 12.99 -29.41
C SER B 135 -27.11 13.40 -30.14
N GLY B 136 -26.31 12.41 -30.51
CA GLY B 136 -25.06 12.66 -31.21
C GLY B 136 -24.02 11.60 -30.91
N THR B 137 -22.77 11.90 -31.23
CA THR B 137 -21.65 10.98 -30.99
C THR B 137 -20.64 11.56 -29.99
N SER B 138 -20.19 10.74 -29.06
CA SER B 138 -19.14 11.16 -28.14
C SER B 138 -18.01 10.14 -28.20
N VAL B 139 -16.77 10.63 -28.12
CA VAL B 139 -15.64 9.73 -28.25
C VAL B 139 -14.54 10.10 -27.26
N ILE B 140 -13.94 9.06 -26.69
CA ILE B 140 -12.83 9.18 -25.76
C ILE B 140 -11.62 8.51 -26.39
N VAL B 141 -10.65 9.33 -26.80
CA VAL B 141 -9.49 8.79 -27.49
C VAL B 141 -8.35 8.67 -26.50
N VAL B 142 -7.78 7.46 -26.43
CA VAL B 142 -6.62 7.21 -25.59
C VAL B 142 -5.47 6.88 -26.52
N ASP B 143 -4.44 7.71 -26.47
CA ASP B 143 -3.28 7.57 -27.33
C ASP B 143 -2.14 6.95 -26.52
N PRO B 144 -1.60 5.83 -27.00
CA PRO B 144 -0.51 5.18 -26.25
C PRO B 144 0.83 5.89 -26.44
N LEU B 145 0.86 6.90 -27.31
CA LEU B 145 2.09 7.65 -27.54
C LEU B 145 2.00 9.05 -26.95
N ARG B 146 3.05 9.45 -26.26
CA ARG B 146 3.14 10.76 -25.63
C ARG B 146 4.57 11.26 -25.75
N LYS B 147 4.98 11.61 -26.96
CA LYS B 147 6.38 11.99 -27.19
C LYS B 147 6.54 13.47 -27.44
N GLU B 148 5.43 14.19 -27.54
CA GLU B 148 5.47 15.63 -27.79
C GLU B 148 6.17 16.40 -26.68
N LYS B 149 7.09 17.27 -27.07
CA LYS B 149 7.82 18.06 -26.10
C LYS B 149 6.91 19.07 -25.38
N ASP B 150 6.05 19.75 -26.12
CA ASP B 150 5.15 20.76 -25.55
C ASP B 150 3.69 20.35 -25.51
N GLU B 151 3.06 20.62 -24.37
CA GLU B 151 1.66 20.25 -24.15
C GLU B 151 0.67 21.02 -25.01
N SER B 152 1.14 21.59 -26.11
CA SER B 152 0.29 22.34 -27.01
C SER B 152 0.05 21.55 -28.28
N ALA B 153 0.91 20.56 -28.50
CA ALA B 153 0.77 19.70 -29.67
C ALA B 153 -0.44 18.81 -29.46
N TYR B 154 -0.72 18.52 -28.19
CA TYR B 154 -1.87 17.70 -27.81
C TYR B 154 -3.16 18.47 -27.97
N VAL B 155 -3.10 19.79 -27.83
CA VAL B 155 -4.29 20.61 -28.01
C VAL B 155 -4.75 20.48 -29.46
N ASP B 156 -3.78 20.53 -30.38
CA ASP B 156 -4.08 20.38 -31.79
C ASP B 156 -4.62 18.98 -32.08
N TYR B 157 -4.02 17.95 -31.48
CA TYR B 157 -4.49 16.58 -31.67
C TYR B 157 -5.96 16.43 -31.27
N ALA B 158 -6.28 16.94 -30.09
CA ALA B 158 -7.64 16.90 -29.56
C ALA B 158 -8.63 17.58 -30.50
N ASP B 159 -8.25 18.75 -31.04
CA ASP B 159 -9.13 19.48 -31.94
C ASP B 159 -9.36 18.73 -33.26
N ASN B 160 -8.30 18.17 -33.83
CA ASN B 160 -8.38 17.48 -35.11
C ASN B 160 -9.14 16.16 -35.05
N VAL B 161 -9.06 15.49 -33.91
CA VAL B 161 -9.79 14.25 -33.73
C VAL B 161 -11.26 14.60 -33.60
N ASN B 162 -11.54 15.70 -32.89
CA ASN B 162 -12.90 16.21 -32.74
C ASN B 162 -13.50 16.63 -34.09
N MET B 163 -12.70 17.28 -34.94
CA MET B 163 -13.18 17.71 -36.26
C MET B 163 -13.53 16.53 -37.17
N GLU B 164 -12.90 15.39 -36.94
CA GLU B 164 -13.12 14.21 -37.78
C GLU B 164 -14.45 13.55 -37.47
N PHE B 165 -14.86 13.66 -36.21
CA PHE B 165 -16.10 13.05 -35.74
C PHE B 165 -17.26 14.03 -35.89
N GLY B 166 -16.92 15.29 -36.14
CA GLY B 166 -17.91 16.34 -36.30
C GLY B 166 -17.72 17.39 -35.21
N GLU B 167 -17.74 18.66 -35.59
CA GLU B 167 -17.55 19.73 -34.62
C GLU B 167 -18.61 19.77 -33.52
N HIS B 168 -19.73 19.08 -33.75
CA HIS B 168 -20.81 19.06 -32.77
C HIS B 168 -20.71 17.84 -31.85
N ALA B 169 -19.74 16.97 -32.15
CA ALA B 169 -19.51 15.77 -31.36
C ALA B 169 -18.62 16.08 -30.15
N LYS B 170 -18.88 15.42 -29.03
CA LYS B 170 -18.06 15.61 -27.84
C LYS B 170 -16.84 14.69 -27.91
N CYS B 171 -15.71 15.18 -27.42
CA CYS B 171 -14.46 14.44 -27.55
C CYS B 171 -13.47 14.68 -26.41
N ALA B 172 -12.82 13.61 -26.00
CA ALA B 172 -11.78 13.65 -24.97
C ALA B 172 -10.56 13.00 -25.57
N PHE B 173 -9.41 13.62 -25.39
CA PHE B 173 -8.18 13.09 -25.95
C PHE B 173 -7.18 12.88 -24.82
N ILE B 174 -6.82 11.62 -24.58
CA ILE B 174 -5.94 11.25 -23.47
C ILE B 174 -4.62 10.65 -23.92
N PRO B 175 -3.56 11.47 -23.95
CA PRO B 175 -2.23 10.95 -24.31
C PRO B 175 -1.58 10.30 -23.09
N VAL B 176 -1.08 9.08 -23.28
CA VAL B 176 -0.51 8.30 -22.21
C VAL B 176 0.86 7.77 -22.62
N ASP B 177 1.82 7.83 -21.70
CA ASP B 177 3.20 7.43 -21.97
C ASP B 177 3.43 5.91 -21.92
N ILE B 178 2.98 5.19 -22.95
CA ILE B 178 3.12 3.73 -23.02
C ILE B 178 4.10 3.29 -24.09
N GLN B 179 3.94 3.80 -25.29
CA GLN B 179 4.78 3.43 -26.42
C GLN B 179 6.15 4.12 -26.44
N LYS B 180 7.19 3.35 -26.78
CA LYS B 180 8.54 3.88 -26.90
C LYS B 180 9.13 3.46 -28.23
N SER B 181 8.64 2.34 -28.76
CA SER B 181 9.12 1.87 -30.06
C SER B 181 8.40 2.64 -31.17
N SER B 182 8.72 2.35 -32.41
CA SER B 182 8.07 3.06 -33.51
C SER B 182 6.92 2.25 -34.12
N PHE B 183 6.83 0.97 -33.79
CA PHE B 183 5.87 0.09 -34.44
C PHE B 183 4.84 -0.61 -33.56
N ASP B 184 4.78 -0.28 -32.28
CA ASP B 184 3.90 -1.00 -31.35
C ASP B 184 2.54 -0.34 -31.10
N SCY B 185 2.20 0.67 -31.90
CA SCY B 185 1.02 1.39 -31.66
CB SCY B 185 0.96 2.69 -32.53
SG SCY B 185 0.81 2.30 -34.22
CD SCY B 185 2.45 2.43 -34.98
OCD SCY B 185 3.35 3.19 -34.43
CE SCY B 185 2.74 1.68 -36.22
C SCY B 185 -0.27 0.56 -31.90
O SCY B 185 -1.31 0.78 -31.17
N ARG B 186 -0.24 -0.38 -32.83
CA ARG B 186 -1.47 -1.11 -33.19
C ARG B 186 -1.87 -2.10 -32.09
N ILE B 187 -0.90 -2.86 -31.60
CA ILE B 187 -1.11 -3.84 -30.55
C ILE B 187 -1.44 -3.16 -29.23
N LEU B 188 -0.80 -2.02 -28.98
CA LEU B 188 -1.03 -1.26 -27.76
C LEU B 188 -2.44 -0.64 -27.77
N SER B 189 -2.90 -0.26 -28.96
CA SER B 189 -4.21 0.35 -29.09
C SER B 189 -5.31 -0.70 -28.95
N LEU B 190 -5.02 -1.91 -29.40
CA LEU B 190 -5.99 -3.00 -29.31
C LEU B 190 -6.15 -3.46 -27.87
N SER B 191 -5.07 -3.38 -27.11
CA SER B 191 -5.09 -3.79 -25.71
C SER B 191 -5.82 -2.74 -24.87
N LEU B 192 -5.64 -1.47 -25.25
CA LEU B 192 -6.32 -0.37 -24.55
C LEU B 192 -7.83 -0.49 -24.81
N ALA B 193 -8.19 -0.93 -26.01
CA ALA B 193 -9.60 -1.08 -26.35
C ALA B 193 -10.23 -2.19 -25.50
N LEU B 194 -9.50 -3.27 -25.29
CA LEU B 194 -10.00 -4.37 -24.47
C LEU B 194 -10.12 -3.92 -23.03
N LYS B 195 -9.23 -3.02 -22.62
CA LYS B 195 -9.23 -2.50 -21.27
C LYS B 195 -10.38 -1.52 -21.08
N MET B 196 -10.75 -0.85 -22.16
CA MET B 196 -11.84 0.12 -22.15
C MET B 196 -13.12 -0.66 -21.89
N HIS B 197 -13.24 -1.78 -22.59
CA HIS B 197 -14.39 -2.67 -22.43
C HIS B 197 -14.37 -3.35 -21.08
N ASP B 198 -13.19 -3.43 -20.48
CA ASP B 198 -13.04 -4.04 -19.17
C ASP B 198 -13.52 -3.03 -18.13
N LYS B 199 -13.31 -1.76 -18.44
CA LYS B 199 -13.74 -0.65 -17.60
C LYS B 199 -14.93 0.06 -18.23
N ASP B 200 -15.78 -0.72 -18.89
CA ASP B 200 -16.94 -0.19 -19.60
C ASP B 200 -17.69 0.85 -18.79
N ASP B 201 -18.01 0.53 -17.54
CA ASP B 201 -18.78 1.42 -16.69
C ASP B 201 -18.06 2.75 -16.49
N ALA B 202 -16.78 2.70 -16.18
CA ALA B 202 -16.04 3.93 -15.94
C ALA B 202 -15.96 4.80 -17.19
N PHE B 203 -15.93 4.19 -18.37
CA PHE B 203 -15.80 4.98 -19.58
C PHE B 203 -17.14 5.54 -20.03
N ALA B 204 -18.22 4.88 -19.63
CA ALA B 204 -19.56 5.35 -19.97
C ALA B 204 -19.91 6.54 -19.09
N ALA B 205 -19.44 6.50 -17.85
CA ALA B 205 -19.72 7.58 -16.92
C ALA B 205 -19.00 8.83 -17.36
N PHE B 206 -17.97 8.67 -18.17
CA PHE B 206 -17.21 9.82 -18.66
C PHE B 206 -17.88 10.35 -19.92
N HIS B 207 -18.58 9.48 -20.64
CA HIS B 207 -19.34 9.88 -21.81
C HIS B 207 -20.46 10.81 -21.36
N GLU B 208 -21.06 10.45 -20.23
CA GLU B 208 -22.14 11.21 -19.63
C GLU B 208 -21.69 12.60 -19.26
N THR B 209 -20.56 12.67 -18.58
CA THR B 209 -20.00 13.94 -18.18
C THR B 209 -19.62 14.79 -19.39
N LEU B 210 -19.18 14.13 -20.46
CA LEU B 210 -18.79 14.86 -21.66
C LEU B 210 -19.99 15.42 -22.39
N ARG B 211 -21.11 14.71 -22.34
CA ARG B 211 -22.32 15.10 -23.04
C ARG B 211 -23.14 16.13 -22.26
N ASN B 212 -22.82 16.28 -20.97
CA ASN B 212 -23.55 17.21 -20.13
C ASN B 212 -22.60 18.31 -19.66
N GLY B 213 -21.40 18.30 -20.21
CA GLY B 213 -20.39 19.27 -19.85
C GLY B 213 -20.08 19.35 -18.36
N GLY B 214 -20.27 18.26 -17.63
CA GLY B 214 -19.99 18.26 -16.21
C GLY B 214 -18.50 18.35 -15.88
N ASP B 215 -18.16 18.12 -14.61
CA ASP B 215 -16.79 18.22 -14.13
C ASP B 215 -15.99 16.96 -14.48
N PRO B 216 -14.92 17.11 -15.27
CA PRO B 216 -14.14 15.93 -15.65
C PRO B 216 -13.32 15.36 -14.50
N SER B 217 -13.22 16.11 -13.41
CA SER B 217 -12.42 15.74 -12.24
C SER B 217 -12.92 14.45 -11.58
N HIS B 218 -14.17 14.10 -11.86
CA HIS B 218 -14.75 12.89 -11.30
C HIS B 218 -14.19 11.64 -11.98
N HIS B 219 -13.57 11.83 -13.13
CA HIS B 219 -13.08 10.71 -13.93
C HIS B 219 -11.58 10.73 -14.17
N VAL B 220 -11.02 11.92 -14.33
CA VAL B 220 -9.60 12.08 -14.60
C VAL B 220 -9.00 13.11 -13.65
N SER B 221 -7.67 13.15 -13.58
CA SER B 221 -6.94 14.05 -12.68
C SER B 221 -6.62 15.43 -13.24
N ARG B 222 -6.38 15.53 -14.55
CA ARG B 222 -6.04 16.81 -15.16
C ARG B 222 -6.67 16.95 -16.55
N ALA B 223 -7.54 17.96 -16.72
CA ALA B 223 -8.22 18.19 -17.99
C ALA B 223 -8.36 19.69 -18.26
N GLN B 224 -8.54 20.05 -19.52
CA GLN B 224 -8.70 21.44 -19.91
C GLN B 224 -9.45 21.52 -21.24
N GLN B 225 -10.28 22.54 -21.40
CA GLN B 225 -11.02 22.71 -22.66
C GLN B 225 -10.18 23.39 -23.72
N THR B 226 -10.34 22.96 -24.97
CA THR B 226 -9.64 23.61 -26.07
C THR B 226 -10.46 24.83 -26.47
N GLU B 227 -9.79 25.88 -26.91
CA GLU B 227 -10.47 27.13 -27.23
C GLU B 227 -11.29 27.03 -28.52
N GLU B 228 -10.80 26.24 -29.47
CA GLU B 228 -11.44 26.10 -30.77
C GLU B 228 -12.71 25.24 -30.81
N LEU B 229 -12.61 23.99 -30.38
CA LEU B 229 -13.76 23.07 -30.47
C LEU B 229 -14.36 22.67 -29.14
N GLY B 230 -13.70 23.05 -28.06
CA GLY B 230 -14.17 22.72 -26.73
C GLY B 230 -14.00 21.24 -26.45
N ALA B 231 -12.88 20.69 -26.94
CA ALA B 231 -12.54 19.30 -26.70
C ALA B 231 -11.81 19.18 -25.38
N THR B 232 -12.07 18.14 -24.64
CA THR B 232 -11.37 18.04 -23.41
C THR B 232 -10.06 17.30 -23.55
N LEU B 233 -8.98 18.01 -23.34
CA LEU B 233 -7.66 17.42 -23.37
C LEU B 233 -7.27 16.95 -21.97
N VAL B 234 -7.01 15.66 -21.83
CA VAL B 234 -6.67 15.07 -20.54
C VAL B 234 -5.18 14.77 -20.46
N LEU B 235 -4.49 15.48 -19.58
CA LEU B 235 -3.04 15.31 -19.44
C LEU B 235 -2.68 14.44 -18.24
N ASP B 236 -3.70 13.87 -17.60
CA ASP B 236 -3.52 12.94 -16.49
C ASP B 236 -4.80 12.13 -16.38
N GLY B 237 -4.81 10.97 -17.02
CA GLY B 237 -6.01 10.14 -17.14
C GLY B 237 -6.45 9.37 -15.92
N ALA B 238 -5.58 9.24 -14.92
CA ALA B 238 -5.91 8.53 -13.70
C ALA B 238 -7.06 9.24 -12.99
N PRO B 239 -7.99 8.47 -12.38
CA PRO B 239 -7.98 7.01 -12.25
C PRO B 239 -8.67 6.26 -13.39
N LEU B 240 -9.13 6.96 -14.42
CA LEU B 240 -9.75 6.29 -15.55
C LEU B 240 -8.68 5.45 -16.26
N VAL B 241 -7.48 6.00 -16.30
CA VAL B 241 -6.31 5.29 -16.82
C VAL B 241 -5.61 4.70 -15.61
N ASP B 242 -5.93 3.45 -15.30
CA ASP B 242 -5.43 2.80 -14.11
C ASP B 242 -4.24 1.91 -14.43
N ALA B 243 -3.84 1.10 -13.46
CA ALA B 243 -2.69 0.23 -13.61
C ALA B 243 -2.84 -0.75 -14.77
N ARG B 244 -4.05 -1.28 -14.97
CA ARG B 244 -4.23 -2.33 -15.97
C ARG B 244 -4.08 -1.77 -17.37
N MET B 245 -4.18 -0.45 -17.51
CA MET B 245 -4.01 0.20 -18.81
C MET B 245 -2.56 0.60 -19.04
N MET B 246 -1.74 0.45 -18.00
CA MET B 246 -0.32 0.80 -18.05
C MET B 246 0.56 -0.46 -18.05
N LYS B 247 -0.08 -1.63 -18.08
CA LYS B 247 0.62 -2.90 -17.98
C LYS B 247 1.71 -3.06 -19.03
N HIS B 248 1.45 -2.60 -20.25
CA HIS B 248 2.40 -2.77 -21.35
C HIS B 248 3.36 -1.60 -21.57
N GLY B 249 3.52 -0.76 -20.56
CA GLY B 249 4.45 0.36 -20.65
C GLY B 249 5.85 -0.16 -20.93
N GLN B 250 6.41 0.28 -22.05
CA GLN B 250 7.70 -0.23 -22.49
C GLN B 250 8.88 0.31 -21.67
N ALA B 251 8.78 1.56 -21.22
CA ALA B 251 9.86 2.11 -20.41
C ALA B 251 9.58 1.93 -18.93
N ALA B 252 10.55 1.39 -18.19
CA ALA B 252 10.41 1.19 -16.76
C ALA B 252 10.27 2.54 -16.06
N SER B 253 10.79 3.60 -16.67
CA SER B 253 10.62 4.93 -16.10
C SER B 253 9.18 5.42 -16.25
N SER B 254 8.50 4.99 -17.30
CA SER B 254 7.12 5.42 -17.52
C SER B 254 6.21 4.77 -16.49
N VAL B 255 6.44 3.49 -16.22
CA VAL B 255 5.64 2.76 -15.24
C VAL B 255 5.95 3.25 -13.83
N SER B 256 7.24 3.47 -13.56
CA SER B 256 7.67 3.94 -12.26
C SER B 256 7.18 5.37 -11.99
N ARG B 257 7.26 6.23 -12.99
CA ARG B 257 6.78 7.60 -12.84
C ARG B 257 5.27 7.62 -12.62
N TYR B 258 4.55 6.75 -13.33
CA TYR B 258 3.10 6.66 -13.16
C TYR B 258 2.73 6.21 -11.75
N LEU B 259 3.49 5.27 -11.20
CA LEU B 259 3.21 4.77 -9.87
C LEU B 259 3.56 5.79 -8.80
N GLY B 260 4.60 6.59 -9.05
CA GLY B 260 5.01 7.62 -8.11
C GLY B 260 3.98 8.75 -8.04
N ASN B 261 3.34 9.01 -9.18
CA ASN B 261 2.31 10.04 -9.27
C ASN B 261 0.94 9.51 -8.80
N HIS B 262 0.77 8.19 -8.85
CA HIS B 262 -0.48 7.57 -8.40
C HIS B 262 -0.20 6.31 -7.60
N PRO B 263 0.30 6.47 -6.37
CA PRO B 263 0.71 5.37 -5.48
C PRO B 263 -0.43 4.37 -5.22
N GLU B 264 -1.67 4.85 -5.30
CA GLU B 264 -2.80 4.00 -5.02
C GLU B 264 -2.90 2.85 -6.03
N GLN B 265 -2.23 2.99 -7.17
CA GLN B 265 -2.26 1.94 -8.20
C GLN B 265 -1.11 0.94 -8.04
N SER B 266 -0.24 1.16 -7.07
CA SER B 266 0.95 0.32 -6.93
C SER B 266 0.73 -1.01 -6.20
N THR B 267 -0.40 -1.18 -5.53
CA THR B 267 -0.62 -2.39 -4.75
C THR B 267 -1.79 -3.23 -5.23
N VAL B 268 -2.51 -2.76 -6.25
CA VAL B 268 -3.63 -3.54 -6.78
C VAL B 268 -3.13 -4.56 -7.80
N PRO B 269 -3.76 -5.74 -7.82
CA PRO B 269 -3.36 -6.79 -8.75
C PRO B 269 -3.73 -6.45 -10.19
N VAL B 270 -2.83 -6.73 -11.14
CA VAL B 270 -3.08 -6.45 -12.55
C VAL B 270 -3.43 -7.72 -13.33
N ASN B 271 -3.35 -8.87 -12.66
CA ASN B 271 -3.76 -10.14 -13.26
C ASN B 271 -4.13 -11.18 -12.19
N LYS B 272 -4.52 -12.38 -12.63
CA LYS B 272 -4.95 -13.43 -11.72
C LYS B 272 -3.79 -13.94 -10.86
N ARG B 273 -2.57 -13.77 -11.37
CA ARG B 273 -1.36 -14.17 -10.66
C ARG B 273 -1.08 -13.26 -9.46
N ASN B 274 -1.88 -12.20 -9.36
CA ASN B 274 -1.81 -11.23 -8.27
C ASN B 274 -0.53 -10.41 -8.35
N GLU B 275 -0.11 -10.09 -9.56
CA GLU B 275 1.07 -9.26 -9.72
C GLU B 275 0.67 -7.81 -9.62
N THR B 276 1.58 -6.98 -9.10
CA THR B 276 1.36 -5.55 -9.06
C THR B 276 1.89 -5.04 -10.39
N LEU B 277 1.63 -3.79 -10.71
CA LEU B 277 2.15 -3.22 -11.95
C LEU B 277 3.69 -3.21 -11.98
N GLY B 278 4.29 -2.80 -10.86
CA GLY B 278 5.75 -2.74 -10.75
C GLY B 278 6.42 -4.10 -10.80
N GLU B 279 5.74 -5.08 -10.22
CA GLU B 279 6.19 -6.46 -10.19
C GLU B 279 6.22 -7.04 -11.59
N ARG B 280 5.11 -6.85 -12.30
CA ARG B 280 4.93 -7.39 -13.64
C ARG B 280 5.86 -6.74 -14.65
N THR B 281 6.04 -5.43 -14.56
CA THR B 281 6.95 -4.75 -15.49
C THR B 281 8.37 -5.29 -15.30
N THR B 282 8.78 -5.42 -14.05
CA THR B 282 10.12 -5.91 -13.73
C THR B 282 10.37 -7.29 -14.33
N ARG B 283 9.35 -8.14 -14.32
CA ARG B 283 9.50 -9.50 -14.85
C ARG B 283 9.71 -9.51 -16.36
N HIS B 284 9.25 -8.47 -17.06
CA HIS B 284 9.35 -8.39 -18.51
C HIS B 284 10.55 -7.60 -19.01
N LEU B 285 11.44 -7.19 -18.10
CA LEU B 285 12.59 -6.35 -18.51
C LEU B 285 13.66 -7.16 -19.25
N VAL B 286 14.07 -6.63 -20.39
CA VAL B 286 15.08 -7.25 -21.22
C VAL B 286 16.12 -6.23 -21.64
N LYS B 287 17.29 -6.72 -22.03
CA LYS B 287 18.36 -5.86 -22.53
C LYS B 287 18.76 -6.30 -23.91
N ARG B 288 18.54 -5.43 -24.88
CA ARG B 288 18.89 -5.75 -26.26
C ARG B 288 19.22 -4.51 -27.04
N LYS B 289 19.63 -4.71 -28.29
CA LYS B 289 19.95 -3.62 -29.19
C LYS B 289 18.69 -3.23 -29.94
N VAL B 290 18.56 -1.94 -30.22
CA VAL B 290 17.40 -1.38 -30.89
C VAL B 290 17.96 -0.35 -31.87
N ARG B 291 17.20 0.08 -32.88
CA ARG B 291 17.75 1.07 -33.81
C ARG B 291 17.72 2.47 -33.19
N ASN B 292 18.78 3.24 -33.43
CA ASN B 292 18.90 4.59 -32.86
C ASN B 292 18.08 5.63 -33.59
N ARG B 293 17.24 6.34 -32.85
CA ARG B 293 16.37 7.39 -33.39
C ARG B 293 15.50 6.88 -34.54
N GLU B 304 22.68 3.56 -37.00
CA GLU B 304 23.26 2.69 -35.98
C GLU B 304 22.23 2.10 -35.04
N THR B 305 22.75 1.53 -33.96
CA THR B 305 21.97 0.85 -32.95
C THR B 305 22.25 1.38 -31.55
N LYS B 306 21.42 0.98 -30.59
CA LYS B 306 21.56 1.39 -29.21
C LYS B 306 21.10 0.27 -28.27
N GLU B 307 21.81 0.11 -27.16
CA GLU B 307 21.45 -0.94 -26.20
C GLU B 307 20.63 -0.33 -25.08
N ILE B 308 19.44 -0.88 -24.89
CA ILE B 308 18.53 -0.38 -23.87
C ILE B 308 17.90 -1.51 -23.08
N THR B 309 17.31 -1.14 -21.95
CA THR B 309 16.60 -2.08 -21.09
C THR B 309 15.15 -1.64 -21.01
N PHE B 310 14.24 -2.52 -21.40
CA PHE B 310 12.83 -2.17 -21.45
C PHE B 310 11.92 -3.38 -21.28
N SER B 311 10.62 -3.13 -21.18
CA SER B 311 9.67 -4.23 -21.00
C SER B 311 9.21 -4.79 -22.33
N ASN B 312 9.40 -6.10 -22.50
CA ASN B 312 9.00 -6.77 -23.73
C ASN B 312 7.54 -7.20 -23.67
N SER B 313 6.77 -6.57 -22.78
CA SER B 313 5.36 -6.92 -22.60
C SER B 313 4.56 -6.90 -23.89
N VAL B 314 4.80 -5.90 -24.73
CA VAL B 314 4.05 -5.70 -25.97
C VAL B 314 4.32 -6.77 -27.01
N GLU B 315 5.56 -7.23 -27.10
CA GLU B 315 5.89 -8.25 -28.07
C GLU B 315 5.33 -9.59 -27.60
N GLN B 316 5.22 -9.76 -26.29
CA GLN B 316 4.57 -10.95 -25.73
C GLN B 316 3.06 -10.90 -25.93
N LYS B 317 2.49 -9.70 -25.87
CA LYS B 317 1.05 -9.54 -26.04
C LYS B 317 0.66 -9.79 -27.50
N ARG B 318 1.54 -9.42 -28.43
CA ARG B 318 1.26 -9.66 -29.84
C ARG B 318 1.21 -11.16 -30.08
N ILE B 319 2.13 -11.88 -29.45
CA ILE B 319 2.19 -13.32 -29.55
C ILE B 319 0.96 -13.97 -28.90
N ALA B 320 0.55 -13.45 -27.75
CA ALA B 320 -0.61 -13.99 -27.05
C ALA B 320 -1.89 -13.79 -27.86
N LEU B 321 -1.95 -12.67 -28.58
CA LEU B 321 -3.10 -12.32 -29.39
C LEU B 321 -3.14 -13.17 -30.66
N LEU B 322 -1.98 -13.45 -31.23
CA LEU B 322 -1.90 -14.30 -32.41
C LEU B 322 -2.32 -15.74 -32.07
N ASN B 323 -1.95 -16.16 -30.86
CA ASN B 323 -2.31 -17.48 -30.36
C ASN B 323 -3.82 -17.65 -30.22
N ARG B 324 -4.47 -16.63 -29.68
CA ARG B 324 -5.92 -16.62 -29.47
C ARG B 324 -6.65 -16.70 -30.80
N ALA B 325 -6.25 -15.84 -31.72
CA ALA B 325 -6.87 -15.74 -33.04
C ALA B 325 -6.71 -17.03 -33.84
N ALA B 326 -5.49 -17.58 -33.86
CA ALA B 326 -5.25 -18.81 -34.60
C ALA B 326 -6.08 -19.95 -34.04
N SER B 327 -6.27 -19.93 -32.72
CA SER B 327 -7.06 -20.95 -32.05
C SER B 327 -8.54 -20.74 -32.33
N TYR B 328 -8.94 -19.49 -32.44
CA TYR B 328 -10.34 -19.14 -32.71
C TYR B 328 -10.73 -19.60 -34.12
N VAL B 329 -9.83 -19.38 -35.07
CA VAL B 329 -10.07 -19.76 -36.47
C VAL B 329 -10.16 -21.27 -36.61
N ASN B 330 -9.37 -21.98 -35.80
CA ASN B 330 -9.29 -23.44 -35.85
C ASN B 330 -10.62 -24.10 -35.55
N SER B 331 -11.49 -23.39 -34.83
CA SER B 331 -12.78 -23.97 -34.47
C SER B 331 -13.93 -23.03 -34.82
N ALA B 332 -13.68 -22.06 -35.70
CA ALA B 332 -14.71 -21.11 -36.10
C ALA B 332 -15.60 -21.67 -37.21
N PRO B 333 -16.87 -21.22 -37.23
CA PRO B 333 -17.82 -21.65 -38.26
C PRO B 333 -17.41 -21.10 -39.63
N PRO B 334 -17.79 -21.81 -40.69
CA PRO B 334 -17.46 -21.40 -42.06
C PRO B 334 -17.74 -19.92 -42.41
N PRO B 335 -18.85 -19.32 -41.94
CA PRO B 335 -19.01 -17.92 -42.35
C PRO B 335 -17.93 -17.01 -41.79
N VAL B 336 -17.38 -17.40 -40.65
CA VAL B 336 -16.35 -16.60 -40.01
C VAL B 336 -15.04 -16.80 -40.74
N VAL B 337 -14.78 -18.05 -41.14
CA VAL B 337 -13.58 -18.38 -41.90
C VAL B 337 -13.59 -17.62 -43.22
N MET B 338 -14.76 -17.54 -43.84
CA MET B 338 -14.89 -16.86 -45.13
C MET B 338 -14.60 -15.38 -45.02
N ARG B 339 -15.02 -14.79 -43.90
CA ARG B 339 -14.88 -13.35 -43.67
C ARG B 339 -13.43 -13.00 -43.31
N MET B 340 -12.78 -13.86 -42.54
CA MET B 340 -11.42 -13.59 -42.10
C MET B 340 -10.41 -13.83 -43.22
N ALA B 341 -10.74 -14.76 -44.11
CA ALA B 341 -9.88 -15.02 -45.25
C ALA B 341 -9.99 -13.84 -46.22
N LYS B 342 -11.20 -13.31 -46.32
CA LYS B 342 -11.44 -12.19 -47.21
C LYS B 342 -10.73 -10.95 -46.67
N LEU B 343 -10.69 -10.78 -45.35
CA LEU B 343 -10.00 -9.64 -44.75
C LEU B 343 -8.48 -9.75 -44.93
N LEU B 344 -7.97 -10.98 -44.97
CA LEU B 344 -6.54 -11.22 -45.18
C LEU B 344 -6.16 -10.92 -46.61
N GLN B 345 -7.03 -11.32 -47.53
CA GLN B 345 -6.80 -11.09 -48.95
C GLN B 345 -6.90 -9.59 -49.25
N ASP B 346 -7.84 -8.92 -48.58
CA ASP B 346 -8.08 -7.50 -48.81
C ASP B 346 -6.95 -6.59 -48.32
N SER B 347 -6.00 -7.16 -47.58
CA SER B 347 -4.88 -6.38 -47.09
C SER B 347 -3.89 -6.13 -48.22
N LEU B 348 -4.08 -6.83 -49.33
CA LEU B 348 -3.22 -6.67 -50.50
C LEU B 348 -3.80 -5.69 -51.52
N LEU B 349 -4.93 -5.07 -51.20
CA LEU B 349 -5.56 -4.08 -52.08
C LEU B 349 -5.36 -2.65 -51.59
N ASP B 350 -4.78 -1.81 -52.45
CA ASP B 350 -4.61 -0.38 -52.15
C ASP B 350 -5.80 0.43 -52.65
N PRO C 8 -18.91 -39.56 31.36
CA PRO C 8 -20.09 -38.85 30.83
C PRO C 8 -21.40 -39.55 31.15
N ALA C 9 -21.34 -40.72 31.79
CA ALA C 9 -22.56 -41.45 32.16
C ALA C 9 -23.42 -40.60 33.09
N GLY C 10 -22.79 -39.66 33.78
CA GLY C 10 -23.49 -38.75 34.67
C GLY C 10 -24.26 -37.67 33.92
N ARG C 11 -23.74 -37.24 32.78
CA ARG C 11 -24.40 -36.19 32.02
C ARG C 11 -25.39 -36.69 30.94
N GLN C 12 -25.62 -38.00 30.89
CA GLN C 12 -26.51 -38.58 29.88
C GLN C 12 -27.92 -38.92 30.37
N ALA C 13 -28.14 -38.82 31.67
CA ALA C 13 -29.46 -39.07 32.27
C ALA C 13 -30.06 -40.44 31.93
N GLY C 14 -29.22 -41.46 31.83
CA GLY C 14 -29.68 -42.81 31.53
C GLY C 14 -30.08 -43.05 30.08
N GLN C 15 -29.73 -42.09 29.22
CA GLN C 15 -30.05 -42.17 27.80
C GLN C 15 -28.80 -42.44 26.97
N GLN C 16 -27.80 -43.09 27.57
CA GLN C 16 -26.52 -43.35 26.89
C GLN C 16 -26.69 -44.11 25.58
N ALA C 17 -27.80 -44.82 25.44
CA ALA C 17 -28.06 -45.63 24.25
C ALA C 17 -28.63 -44.77 23.13
N THR C 18 -29.65 -43.99 23.46
CA THR C 18 -30.27 -43.12 22.47
C THR C 18 -29.32 -41.98 22.12
N VAL C 19 -28.64 -41.43 23.12
CA VAL C 19 -27.70 -40.34 22.91
C VAL C 19 -26.53 -40.78 22.04
N ASP C 20 -25.87 -41.85 22.44
CA ASP C 20 -24.72 -42.37 21.71
C ASP C 20 -25.06 -42.79 20.30
N ARG C 21 -26.31 -43.19 20.06
CA ARG C 21 -26.69 -43.67 18.73
C ARG C 21 -27.03 -42.47 17.86
N LEU C 22 -27.60 -41.43 18.49
CA LEU C 22 -27.95 -40.23 17.76
C LEU C 22 -26.69 -39.43 17.46
N ARG C 23 -25.70 -39.57 18.32
CA ARG C 23 -24.40 -38.92 18.12
C ARG C 23 -23.77 -39.57 16.89
N THR C 24 -23.87 -40.89 16.81
CA THR C 24 -23.38 -41.65 15.66
C THR C 24 -24.18 -41.25 14.41
N GLN C 25 -25.49 -41.06 14.60
CA GLN C 25 -26.38 -40.70 13.50
C GLN C 25 -26.05 -39.34 12.89
N VAL C 26 -25.63 -38.40 13.74
CA VAL C 26 -25.36 -37.03 13.29
C VAL C 26 -23.98 -36.87 12.68
N THR C 27 -22.95 -37.38 13.35
CA THR C 27 -21.59 -37.29 12.84
C THR C 27 -21.43 -38.11 11.56
N GLY C 28 -22.28 -39.12 11.40
CA GLY C 28 -22.19 -39.99 10.25
C GLY C 28 -22.65 -39.26 9.00
N PHE C 29 -23.62 -38.38 9.17
CA PHE C 29 -24.14 -37.58 8.06
C PHE C 29 -23.21 -36.43 7.75
N LEU C 30 -22.72 -35.77 8.80
CA LEU C 30 -21.82 -34.65 8.62
C LEU C 30 -20.55 -35.14 7.95
N SER C 31 -20.03 -36.27 8.40
CA SER C 31 -18.81 -36.83 7.83
C SER C 31 -19.12 -37.48 6.49
N GLY C 32 -20.36 -37.90 6.28
CA GLY C 32 -20.75 -38.51 5.02
C GLY C 32 -20.84 -37.46 3.91
N ALA C 33 -21.32 -36.28 4.27
CA ALA C 33 -21.42 -35.16 3.34
C ALA C 33 -20.04 -34.58 3.08
N LEU C 34 -19.25 -34.55 4.15
CA LEU C 34 -17.88 -34.06 4.12
C LEU C 34 -17.03 -34.84 3.12
N GLY C 35 -17.14 -36.17 3.16
CA GLY C 35 -16.37 -37.04 2.29
C GLY C 35 -16.70 -36.89 0.82
N LYS C 36 -17.97 -36.67 0.52
CA LYS C 36 -18.41 -36.48 -0.85
C LYS C 36 -17.88 -35.13 -1.34
N LEU C 37 -18.00 -34.12 -0.48
CA LEU C 37 -17.58 -32.77 -0.83
C LEU C 37 -16.06 -32.63 -0.93
N GLN C 38 -15.33 -33.34 -0.09
CA GLN C 38 -13.87 -33.28 -0.14
C GLN C 38 -13.37 -33.94 -1.42
N ALA C 39 -14.09 -34.98 -1.86
CA ALA C 39 -13.70 -35.73 -3.04
C ALA C 39 -13.97 -34.94 -4.31
N LEU C 40 -15.11 -34.26 -4.36
CA LEU C 40 -15.45 -33.45 -5.52
C LEU C 40 -14.47 -32.30 -5.68
N SER C 41 -14.07 -31.73 -4.54
CA SER C 41 -13.14 -30.61 -4.51
C SER C 41 -11.73 -31.05 -4.85
N ALA C 42 -11.32 -32.19 -4.31
CA ALA C 42 -9.97 -32.69 -4.55
C ALA C 42 -9.82 -33.12 -6.00
N GLN C 43 -10.94 -33.46 -6.63
CA GLN C 43 -10.94 -33.87 -8.03
C GLN C 43 -11.26 -32.71 -8.96
N ASN C 44 -11.40 -31.51 -8.38
CA ASN C 44 -11.72 -30.30 -9.12
C ASN C 44 -13.00 -30.44 -9.94
N MET C 45 -14.06 -30.89 -9.30
CA MET C 45 -15.34 -31.09 -10.00
C MET C 45 -16.45 -30.22 -9.41
N ASP C 46 -17.25 -29.63 -10.29
CA ASP C 46 -18.42 -28.87 -9.88
C ASP C 46 -19.48 -29.84 -9.37
N PRO C 47 -20.12 -29.51 -8.25
CA PRO C 47 -21.10 -30.41 -7.63
C PRO C 47 -22.32 -30.63 -8.51
N GLU C 48 -22.77 -29.60 -9.20
CA GLU C 48 -23.99 -29.68 -9.99
C GLU C 48 -23.85 -30.58 -11.21
N LEU C 49 -22.66 -30.61 -11.79
CA LEU C 49 -22.38 -31.44 -12.96
C LEU C 49 -22.17 -32.90 -12.54
N ALA C 50 -21.79 -33.09 -11.29
CA ALA C 50 -21.55 -34.43 -10.74
C ALA C 50 -22.83 -35.03 -10.14
N GLN C 51 -23.96 -34.34 -10.35
CA GLN C 51 -25.26 -34.79 -9.86
C GLN C 51 -25.27 -34.85 -8.34
N PHE C 52 -24.46 -34.00 -7.70
CA PHE C 52 -24.50 -33.89 -6.25
C PHE C 52 -25.51 -32.82 -5.89
N ARG C 53 -26.39 -33.13 -4.96
CA ARG C 53 -27.49 -32.24 -4.66
C ARG C 53 -27.14 -31.33 -3.48
N VAL C 54 -26.30 -30.33 -3.75
CA VAL C 54 -25.82 -29.38 -2.74
C VAL C 54 -26.95 -28.65 -2.04
N LEU C 55 -27.98 -28.30 -2.79
CA LEU C 55 -29.11 -27.54 -2.24
C LEU C 55 -29.79 -28.31 -1.12
N ASP C 56 -29.89 -29.63 -1.28
CA ASP C 56 -30.56 -30.44 -0.26
C ASP C 56 -29.63 -30.62 0.92
N VAL C 57 -28.35 -30.75 0.62
CA VAL C 57 -27.34 -30.94 1.64
C VAL C 57 -27.07 -29.63 2.39
N ASP C 58 -27.05 -28.52 1.67
CA ASP C 58 -26.81 -27.22 2.31
C ASP C 58 -27.96 -26.87 3.23
N ARG C 59 -29.17 -27.21 2.82
CA ARG C 59 -30.34 -26.94 3.63
C ARG C 59 -30.38 -27.83 4.88
N ALA C 60 -29.96 -29.08 4.74
CA ALA C 60 -30.01 -30.01 5.86
C ALA C 60 -28.94 -29.75 6.91
N ILE C 61 -27.75 -29.33 6.48
CA ILE C 61 -26.64 -29.13 7.41
C ILE C 61 -26.64 -27.76 8.04
N MET C 62 -27.20 -26.77 7.33
CA MET C 62 -27.20 -25.38 7.80
C MET C 62 -27.64 -25.15 9.25
N PRO C 63 -28.76 -25.75 9.69
CA PRO C 63 -29.14 -25.50 11.09
C PRO C 63 -28.12 -26.03 12.07
N LEU C 64 -27.41 -27.09 11.68
CA LEU C 64 -26.39 -27.72 12.53
C LEU C 64 -25.09 -26.88 12.55
N LEU C 65 -24.82 -26.16 11.47
CA LEU C 65 -23.66 -25.30 11.42
C LEU C 65 -23.90 -24.10 12.35
N ILE C 66 -25.14 -23.63 12.38
CA ILE C 66 -25.47 -22.48 13.20
C ILE C 66 -25.32 -22.81 14.68
N VAL C 67 -25.77 -24.00 15.07
CA VAL C 67 -25.65 -24.41 16.47
C VAL C 67 -24.18 -24.51 16.85
N ALA C 68 -23.38 -25.10 15.97
CA ALA C 68 -21.96 -25.27 16.25
C ALA C 68 -21.25 -23.93 16.29
N GLU C 69 -21.63 -23.03 15.39
CA GLU C 69 -21.02 -21.71 15.30
C GLU C 69 -21.44 -20.82 16.47
N ASN C 70 -22.66 -21.00 16.93
CA ASN C 70 -23.16 -20.22 18.06
C ASN C 70 -22.44 -20.63 19.35
N ALA C 71 -22.09 -21.90 19.46
CA ALA C 71 -21.41 -22.42 20.64
C ALA C 71 -19.93 -22.09 20.59
N ARG C 72 -19.39 -22.04 19.38
CA ARG C 72 -17.98 -21.77 19.15
C ARG C 72 -17.69 -20.28 19.33
N ASN C 73 -18.68 -19.45 19.06
CA ASN C 73 -18.54 -18.00 19.22
C ASN C 73 -19.71 -17.37 19.97
N PRO C 74 -19.68 -17.44 21.31
CA PRO C 74 -20.73 -16.87 22.15
C PRO C 74 -20.90 -15.38 21.85
N GLY C 75 -22.14 -14.94 21.69
CA GLY C 75 -22.41 -13.55 21.40
C GLY C 75 -22.81 -13.37 19.95
N LEU C 76 -22.64 -14.43 19.16
CA LEU C 76 -22.99 -14.40 17.74
C LEU C 76 -24.49 -14.30 17.60
N ASN C 77 -25.20 -15.05 18.44
CA ASN C 77 -26.65 -15.10 18.41
C ASN C 77 -27.16 -15.19 17.00
N LEU C 78 -26.65 -16.18 16.28
CA LEU C 78 -27.04 -16.36 14.90
C LEU C 78 -28.36 -17.08 14.90
N VAL C 79 -29.33 -16.48 14.22
CA VAL C 79 -30.66 -17.05 14.18
C VAL C 79 -31.11 -17.14 12.75
N PRO C 80 -31.65 -18.30 12.36
CA PRO C 80 -32.16 -18.42 10.99
C PRO C 80 -33.56 -17.83 10.90
N LEU C 81 -33.80 -17.02 9.87
CA LEU C 81 -35.10 -16.40 9.67
C LEU C 81 -35.51 -16.56 8.23
N HIS C 82 -36.79 -16.35 7.96
CA HIS C 82 -37.29 -16.41 6.59
C HIS C 82 -38.35 -15.34 6.38
N MET C 83 -38.51 -14.92 5.13
CA MET C 83 -39.49 -13.92 4.77
C MET C 83 -40.85 -14.58 4.53
N ASP C 84 -41.90 -13.78 4.44
CA ASP C 84 -43.25 -14.33 4.26
C ASP C 84 -43.37 -15.16 2.99
N MET C 85 -42.82 -14.66 1.88
CA MET C 85 -42.87 -15.37 0.60
C MET C 85 -42.24 -16.77 0.69
N ALA C 86 -41.40 -16.98 1.69
CA ALA C 86 -40.77 -18.29 1.91
C ALA C 86 -41.78 -19.31 2.45
N GLU C 87 -42.91 -18.82 2.95
CA GLU C 87 -43.95 -19.69 3.47
C GLU C 87 -44.92 -20.08 2.36
N ASP C 88 -44.65 -19.58 1.15
CA ASP C 88 -45.49 -19.87 0.00
C ASP C 88 -45.02 -21.15 -0.67
N GLU C 89 -45.75 -22.23 -0.42
CA GLU C 89 -45.42 -23.55 -0.93
C GLU C 89 -45.48 -23.65 -2.45
N GLU C 90 -45.91 -22.57 -3.10
CA GLU C 90 -46.10 -22.55 -4.55
C GLU C 90 -44.93 -21.87 -5.27
N VAL C 91 -44.59 -20.67 -4.85
CA VAL C 91 -43.49 -19.93 -5.47
C VAL C 91 -42.10 -20.43 -5.06
N ARG C 92 -41.92 -20.75 -3.78
CA ARG C 92 -40.61 -21.13 -3.26
C ARG C 92 -40.01 -22.38 -3.92
N THR C 93 -38.70 -22.37 -4.09
CA THR C 93 -37.98 -23.50 -4.67
C THR C 93 -37.55 -24.51 -3.61
N GLN C 94 -37.51 -24.06 -2.36
CA GLN C 94 -37.14 -24.90 -1.23
C GLN C 94 -37.83 -24.39 0.04
N PRO C 95 -38.18 -25.30 0.97
CA PRO C 95 -38.79 -24.83 2.21
C PRO C 95 -37.70 -24.29 3.15
N PRO C 96 -38.08 -23.41 4.10
CA PRO C 96 -37.10 -22.85 5.04
C PRO C 96 -36.36 -23.96 5.78
N MET C 97 -35.18 -23.66 6.30
CA MET C 97 -34.42 -24.67 7.02
C MET C 97 -35.10 -24.97 8.34
N ALA C 98 -34.87 -26.16 8.89
CA ALA C 98 -35.49 -26.55 10.15
C ALA C 98 -35.11 -25.56 11.25
N GLY C 99 -36.11 -25.15 12.02
CA GLY C 99 -35.92 -24.24 13.13
C GLY C 99 -36.03 -22.78 12.75
N SER C 100 -36.17 -22.52 11.45
CA SER C 100 -36.31 -21.16 10.94
C SER C 100 -37.57 -20.47 11.49
N ARG C 101 -37.46 -19.18 11.79
CA ARG C 101 -38.56 -18.41 12.34
C ARG C 101 -39.01 -17.31 11.37
N HIS C 102 -40.27 -16.93 11.43
CA HIS C 102 -40.78 -15.84 10.60
C HIS C 102 -40.28 -14.53 11.21
N ILE C 103 -39.77 -13.63 10.37
CA ILE C 103 -39.21 -12.37 10.83
C ILE C 103 -40.22 -11.56 11.64
N ALA C 104 -41.45 -11.50 11.16
CA ALA C 104 -42.51 -10.80 11.85
C ALA C 104 -42.71 -11.41 13.24
N GLU C 105 -42.57 -12.73 13.30
CA GLU C 105 -42.69 -13.45 14.56
C GLU C 105 -41.47 -13.22 15.46
N PHE C 106 -40.28 -13.22 14.86
CA PHE C 106 -39.05 -13.03 15.63
C PHE C 106 -38.96 -11.62 16.20
N VAL C 107 -39.21 -10.63 15.35
CA VAL C 107 -39.11 -9.23 15.75
C VAL C 107 -40.07 -8.92 16.89
N ALA C 108 -41.26 -9.51 16.83
CA ALA C 108 -42.30 -9.25 17.82
C ALA C 108 -42.01 -9.85 19.20
N SER C 109 -41.46 -11.07 19.24
CA SER C 109 -41.33 -11.78 20.52
C SER C 109 -39.91 -11.96 21.06
N ALA C 110 -38.89 -11.67 20.25
CA ALA C 110 -37.50 -11.89 20.67
C ALA C 110 -37.07 -10.97 21.80
N ARG C 111 -36.24 -11.50 22.70
CA ARG C 111 -35.63 -10.67 23.73
C ARG C 111 -34.77 -9.59 23.11
N PRO C 112 -34.76 -8.41 23.73
CA PRO C 112 -33.92 -7.34 23.21
C PRO C 112 -32.46 -7.79 23.22
N GLY C 113 -31.68 -7.29 22.28
CA GLY C 113 -30.29 -7.67 22.22
C GLY C 113 -29.75 -7.62 20.81
N ARG C 114 -28.59 -8.21 20.63
CA ARG C 114 -27.91 -8.21 19.34
C ARG C 114 -27.97 -9.57 18.68
N TYR C 115 -28.30 -9.57 17.39
CA TYR C 115 -28.44 -10.82 16.67
C TYR C 115 -27.73 -10.80 15.33
N ARG C 116 -27.46 -11.99 14.84
CA ARG C 116 -26.99 -12.21 13.49
C ARG C 116 -28.04 -13.09 12.86
N ALA C 117 -28.13 -13.09 11.53
CA ALA C 117 -29.15 -13.88 10.92
C ALA C 117 -28.82 -14.27 9.50
N VAL C 118 -29.45 -15.35 9.07
CA VAL C 118 -29.46 -15.75 7.68
C VAL C 118 -30.92 -15.67 7.31
N ILE C 119 -31.23 -14.94 6.24
CA ILE C 119 -32.62 -14.72 5.88
C ILE C 119 -32.96 -15.36 4.55
N ASP C 120 -33.83 -16.37 4.62
CA ASP C 120 -34.27 -17.13 3.47
C ASP C 120 -35.54 -16.49 2.88
N ASP C 121 -35.57 -16.27 1.57
CA ASP C 121 -36.76 -15.73 0.94
C ASP C 121 -37.50 -16.80 0.13
N GLY C 122 -36.98 -18.02 0.15
CA GLY C 122 -37.59 -19.11 -0.57
C GLY C 122 -36.70 -19.65 -1.68
N SER C 123 -35.86 -18.79 -2.23
CA SER C 123 -34.97 -19.17 -3.30
C SER C 123 -33.57 -18.61 -3.09
N HIS C 124 -33.42 -17.74 -2.10
CA HIS C 124 -32.15 -17.08 -1.88
C HIS C 124 -31.93 -16.73 -0.40
N THR C 125 -30.68 -16.70 0.04
CA THR C 125 -30.37 -16.39 1.44
C THR C 125 -29.38 -15.24 1.59
N ARG C 126 -29.67 -14.35 2.53
CA ARG C 126 -28.82 -13.20 2.81
C ARG C 126 -28.40 -13.22 4.26
N ALA C 127 -27.41 -12.40 4.61
CA ALA C 127 -26.96 -12.28 5.99
C ALA C 127 -27.50 -10.98 6.56
N ALA C 128 -27.65 -10.93 7.89
CA ALA C 128 -28.18 -9.74 8.54
C ALA C 128 -27.61 -9.54 9.93
N ASP C 129 -27.56 -8.28 10.35
CA ASP C 129 -27.15 -7.92 11.70
C ASP C 129 -28.29 -7.15 12.33
N ILE C 130 -28.87 -7.71 13.39
CA ILE C 130 -30.05 -7.13 14.00
C ILE C 130 -29.80 -6.63 15.41
N ARG C 131 -30.30 -5.43 15.68
CA ARG C 131 -30.30 -4.83 17.01
C ARG C 131 -31.73 -4.53 17.42
N LYS C 132 -32.17 -5.14 18.51
CA LYS C 132 -33.51 -4.89 19.01
C LYS C 132 -33.47 -4.40 20.45
N ASP C 133 -34.13 -3.27 20.71
CA ASP C 133 -34.23 -2.75 22.07
C ASP C 133 -35.59 -2.11 22.31
N ALA C 134 -35.71 -1.37 23.41
CA ALA C 134 -36.97 -0.73 23.76
C ALA C 134 -37.43 0.24 22.68
N SER C 135 -36.49 1.05 22.18
CA SER C 135 -36.82 2.04 21.17
C SER C 135 -37.33 1.38 19.88
N GLY C 136 -36.85 0.18 19.59
CA GLY C 136 -37.26 -0.55 18.40
C GLY C 136 -36.20 -1.50 17.85
N THR C 137 -36.40 -1.95 16.61
CA THR C 137 -35.46 -2.85 15.95
C THR C 137 -34.81 -2.21 14.72
N SER C 138 -33.50 -2.42 14.58
CA SER C 138 -32.77 -1.96 13.40
C SER C 138 -32.03 -3.14 12.80
N VAL C 139 -31.94 -3.18 11.49
CA VAL C 139 -31.31 -4.32 10.83
C VAL C 139 -30.44 -3.90 9.66
N ILE C 140 -29.29 -4.56 9.54
CA ILE C 140 -28.37 -4.33 8.45
C ILE C 140 -28.26 -5.63 7.65
N VAL C 141 -28.78 -5.62 6.43
CA VAL C 141 -28.78 -6.81 5.59
C VAL C 141 -27.65 -6.78 4.57
N VAL C 142 -26.84 -7.84 4.52
CA VAL C 142 -25.80 -7.93 3.52
C VAL C 142 -26.08 -9.10 2.59
N ASP C 143 -26.25 -8.80 1.32
CA ASP C 143 -26.56 -9.80 0.30
C ASP C 143 -25.29 -10.11 -0.48
N PRO C 144 -24.90 -11.40 -0.53
CA PRO C 144 -23.69 -11.82 -1.25
C PRO C 144 -23.89 -11.90 -2.76
N LEU C 145 -25.12 -11.70 -3.21
CA LEU C 145 -25.44 -11.74 -4.64
C LEU C 145 -25.75 -10.33 -5.13
N ARG C 146 -25.23 -9.99 -6.31
CA ARG C 146 -25.45 -8.70 -6.93
C ARG C 146 -25.56 -8.85 -8.43
N LYS C 147 -26.69 -9.38 -8.91
CA LYS C 147 -26.86 -9.68 -10.33
C LYS C 147 -27.82 -8.77 -11.10
N GLU C 148 -28.46 -7.83 -10.42
CA GLU C 148 -29.39 -6.90 -11.08
C GLU C 148 -28.74 -5.98 -12.10
N LYS C 149 -29.34 -5.92 -13.29
CA LYS C 149 -28.89 -5.07 -14.38
C LYS C 149 -29.05 -3.59 -14.04
N ASP C 150 -30.19 -3.24 -13.43
CA ASP C 150 -30.48 -1.86 -13.06
C ASP C 150 -30.38 -1.65 -11.56
N GLU C 151 -29.55 -0.69 -11.14
CA GLU C 151 -29.31 -0.44 -9.71
C GLU C 151 -30.50 0.23 -9.02
N SER C 152 -31.67 0.12 -9.62
CA SER C 152 -32.90 0.66 -9.04
C SER C 152 -33.79 -0.48 -8.52
N ALA C 153 -33.47 -1.70 -8.95
CA ALA C 153 -34.21 -2.89 -8.54
C ALA C 153 -33.94 -3.17 -7.06
N TYR C 154 -32.79 -2.71 -6.59
CA TYR C 154 -32.38 -2.84 -5.20
C TYR C 154 -33.22 -1.96 -4.26
N VAL C 155 -33.80 -0.89 -4.80
CA VAL C 155 -34.64 0.00 -4.00
C VAL C 155 -35.82 -0.82 -3.49
N ASP C 156 -36.38 -1.66 -4.36
CA ASP C 156 -37.49 -2.52 -3.98
C ASP C 156 -37.05 -3.55 -2.94
N TYR C 157 -35.87 -4.14 -3.13
CA TYR C 157 -35.33 -5.09 -2.17
C TYR C 157 -35.22 -4.45 -0.80
N ALA C 158 -34.61 -3.26 -0.78
CA ALA C 158 -34.41 -2.52 0.46
C ALA C 158 -35.74 -2.26 1.15
N ASP C 159 -36.74 -1.84 0.36
CA ASP C 159 -38.06 -1.54 0.89
C ASP C 159 -38.78 -2.78 1.42
N ASN C 160 -38.68 -3.88 0.68
CA ASN C 160 -39.38 -5.12 1.05
C ASN C 160 -38.83 -5.77 2.31
N VAL C 161 -37.53 -5.60 2.55
CA VAL C 161 -36.90 -6.14 3.74
C VAL C 161 -37.34 -5.30 4.94
N ASN C 162 -37.41 -4.00 4.72
CA ASN C 162 -37.88 -3.06 5.74
C ASN C 162 -39.32 -3.36 6.14
N MET C 163 -40.17 -3.68 5.14
CA MET C 163 -41.57 -3.99 5.41
C MET C 163 -41.71 -5.27 6.21
N GLU C 164 -40.73 -6.15 6.08
CA GLU C 164 -40.75 -7.46 6.71
C GLU C 164 -40.43 -7.36 8.21
N PHE C 165 -39.61 -6.39 8.56
CA PHE C 165 -39.18 -6.17 9.94
C PHE C 165 -40.12 -5.20 10.65
N GLY C 166 -40.95 -4.54 9.86
CA GLY C 166 -41.89 -3.55 10.37
C GLY C 166 -41.54 -2.22 9.73
N GLU C 167 -42.55 -1.52 9.24
CA GLU C 167 -42.32 -0.25 8.56
C GLU C 167 -41.66 0.80 9.46
N HIS C 168 -41.68 0.56 10.77
CA HIS C 168 -41.10 1.47 11.75
C HIS C 168 -39.66 1.09 12.16
N ALA C 169 -39.18 -0.03 11.63
CA ALA C 169 -37.83 -0.50 11.94
C ALA C 169 -36.83 0.19 11.02
N LYS C 170 -35.63 0.44 11.50
CA LYS C 170 -34.62 1.06 10.70
C LYS C 170 -33.98 -0.04 9.91
N CYS C 171 -33.48 0.27 8.73
CA CYS C 171 -32.93 -0.79 7.90
C CYS C 171 -31.92 -0.35 6.85
N ALA C 172 -30.91 -1.18 6.66
CA ALA C 172 -29.91 -0.96 5.61
C ALA C 172 -29.80 -2.22 4.76
N PHE C 173 -29.77 -2.03 3.45
CA PHE C 173 -29.65 -3.14 2.52
C PHE C 173 -28.41 -2.94 1.68
N ILE C 174 -27.48 -3.88 1.80
CA ILE C 174 -26.18 -3.83 1.12
C ILE C 174 -25.95 -5.00 0.16
N PRO C 175 -26.17 -4.77 -1.15
CA PRO C 175 -25.87 -5.83 -2.11
C PRO C 175 -24.39 -5.83 -2.49
N VAL C 176 -23.76 -7.01 -2.42
CA VAL C 176 -22.33 -7.15 -2.65
C VAL C 176 -22.03 -8.24 -3.67
N ASP C 177 -21.12 -7.97 -4.60
CA ASP C 177 -20.78 -8.90 -5.68
C ASP C 177 -19.84 -10.04 -5.24
N ILE C 178 -20.37 -11.02 -4.52
CA ILE C 178 -19.54 -12.14 -4.03
C ILE C 178 -19.87 -13.45 -4.76
N GLN C 179 -21.16 -13.78 -4.83
CA GLN C 179 -21.64 -15.02 -5.42
C GLN C 179 -21.69 -15.00 -6.93
N LYS C 180 -21.31 -16.12 -7.54
CA LYS C 180 -21.35 -16.24 -8.99
C LYS C 180 -22.09 -17.50 -9.40
N SER C 181 -22.04 -18.50 -8.52
CA SER C 181 -22.76 -19.74 -8.76
C SER C 181 -24.19 -19.54 -8.30
N SER C 182 -25.03 -20.56 -8.43
CA SER C 182 -26.42 -20.40 -8.02
C SER C 182 -26.72 -21.02 -6.67
N PHE C 183 -25.79 -21.81 -6.13
CA PHE C 183 -26.08 -22.54 -4.90
C PHE C 183 -25.20 -22.22 -3.70
N ASP C 184 -24.36 -21.18 -3.81
CA ASP C 184 -23.43 -20.87 -2.73
C ASP C 184 -23.94 -19.79 -1.76
N SCY C 185 -25.21 -19.45 -1.83
CA SCY C 185 -25.73 -18.39 -1.06
CB SCY C 185 -27.15 -17.95 -1.54
SG SCY C 185 -28.35 -19.14 -1.15
CD SCY C 185 -28.54 -20.10 -2.67
OCD SCY C 185 -27.89 -19.69 -3.72
CE SCY C 185 -29.44 -21.30 -2.70
C SCY C 185 -25.80 -18.66 0.46
O SCY C 185 -25.70 -17.67 1.29
N ARG C 186 -25.96 -19.92 0.85
CA ARG C 186 -26.10 -20.26 2.27
C ARG C 186 -24.77 -20.22 3.01
N ILE C 187 -23.73 -20.77 2.42
CA ILE C 187 -22.42 -20.75 3.05
C ILE C 187 -21.89 -19.33 3.09
N LEU C 188 -22.16 -18.57 2.03
CA LEU C 188 -21.69 -17.19 1.92
C LEU C 188 -22.40 -16.28 2.91
N SER C 189 -23.68 -16.54 3.16
CA SER C 189 -24.43 -15.72 4.11
C SER C 189 -24.00 -16.05 5.52
N LEU C 190 -23.65 -17.31 5.74
CA LEU C 190 -23.24 -17.75 7.06
C LEU C 190 -21.85 -17.21 7.37
N SER C 191 -21.02 -17.09 6.34
CA SER C 191 -19.68 -16.59 6.52
C SER C 191 -19.75 -15.08 6.79
N LEU C 192 -20.68 -14.40 6.11
CA LEU C 192 -20.88 -12.96 6.32
C LEU C 192 -21.41 -12.70 7.71
N ALA C 193 -22.25 -13.61 8.21
CA ALA C 193 -22.80 -13.45 9.55
C ALA C 193 -21.67 -13.51 10.57
N LEU C 194 -20.72 -14.41 10.36
CA LEU C 194 -19.58 -14.56 11.26
C LEU C 194 -18.66 -13.35 11.18
N LYS C 195 -18.61 -12.72 10.00
CA LYS C 195 -17.73 -11.57 9.82
C LYS C 195 -18.36 -10.35 10.48
N MET C 196 -19.68 -10.34 10.54
CA MET C 196 -20.41 -9.24 11.14
C MET C 196 -20.11 -9.19 12.61
N HIS C 197 -20.12 -10.38 13.21
CA HIS C 197 -19.83 -10.54 14.63
C HIS C 197 -18.37 -10.26 14.88
N ASP C 198 -17.57 -10.41 13.84
CA ASP C 198 -16.16 -10.14 13.93
C ASP C 198 -15.97 -8.63 13.91
N LYS C 199 -16.85 -7.95 13.18
CA LYS C 199 -16.82 -6.51 13.07
C LYS C 199 -17.97 -5.93 13.89
N ASP C 200 -18.27 -6.60 14.99
CA ASP C 200 -19.39 -6.25 15.87
C ASP C 200 -19.52 -4.75 16.12
N ASP C 201 -18.42 -4.13 16.53
CA ASP C 201 -18.38 -2.72 16.85
C ASP C 201 -18.70 -1.85 15.64
N ALA C 202 -18.11 -2.20 14.50
CA ALA C 202 -18.34 -1.42 13.28
C ALA C 202 -19.80 -1.46 12.84
N PHE C 203 -20.48 -2.57 13.08
CA PHE C 203 -21.87 -2.69 12.67
C PHE C 203 -22.80 -2.06 13.69
N ALA C 204 -22.34 -1.94 14.93
CA ALA C 204 -23.16 -1.35 15.98
C ALA C 204 -23.20 0.16 15.83
N ALA C 205 -22.09 0.74 15.41
CA ALA C 205 -21.98 2.17 15.20
C ALA C 205 -22.79 2.58 13.98
N PHE C 206 -23.09 1.61 13.12
CA PHE C 206 -23.89 1.89 11.94
C PHE C 206 -25.36 1.77 12.33
N HIS C 207 -25.65 0.93 13.31
CA HIS C 207 -27.00 0.80 13.83
C HIS C 207 -27.41 2.13 14.46
N GLU C 208 -26.47 2.75 15.17
CA GLU C 208 -26.71 4.02 15.81
C GLU C 208 -27.00 5.11 14.79
N THR C 209 -26.21 5.15 13.71
CA THR C 209 -26.45 6.10 12.64
C THR C 209 -27.81 5.87 11.97
N LEU C 210 -28.23 4.60 11.93
CA LEU C 210 -29.50 4.27 11.32
C LEU C 210 -30.66 4.73 12.22
N ARG C 211 -30.44 4.63 13.53
CA ARG C 211 -31.46 4.98 14.51
C ARG C 211 -31.53 6.47 14.78
N ASN C 212 -30.52 7.21 14.33
CA ASN C 212 -30.48 8.66 14.51
C ASN C 212 -30.48 9.36 13.16
N GLY C 213 -30.68 8.59 12.11
CA GLY C 213 -30.71 9.12 10.75
C GLY C 213 -29.52 9.96 10.34
N GLY C 214 -28.37 9.72 10.94
CA GLY C 214 -27.17 10.48 10.58
C GLY C 214 -26.63 10.15 9.19
N ASP C 215 -25.43 10.63 8.92
CA ASP C 215 -24.79 10.40 7.63
C ASP C 215 -24.12 9.04 7.54
N PRO C 216 -24.55 8.22 6.58
CA PRO C 216 -23.96 6.89 6.45
C PRO C 216 -22.52 6.96 5.93
N SER C 217 -22.09 8.13 5.50
CA SER C 217 -20.75 8.31 4.93
C SER C 217 -19.64 7.94 5.91
N HIS C 218 -19.96 7.90 7.21
CA HIS C 218 -19.00 7.49 8.23
C HIS C 218 -18.75 5.97 8.20
N HIS C 219 -19.64 5.24 7.53
CA HIS C 219 -19.61 3.78 7.53
C HIS C 219 -19.46 3.15 6.16
N VAL C 220 -20.09 3.77 5.17
CA VAL C 220 -20.06 3.27 3.80
C VAL C 220 -19.72 4.40 2.85
N SER C 221 -19.34 4.06 1.62
CA SER C 221 -18.92 5.05 0.64
C SER C 221 -20.06 5.64 -0.20
N ARG C 222 -21.08 4.84 -0.47
CA ARG C 222 -22.20 5.28 -1.29
C ARG C 222 -23.52 4.71 -0.83
N ALA C 223 -24.43 5.60 -0.43
CA ALA C 223 -25.73 5.22 0.11
C ALA C 223 -26.83 6.17 -0.34
N GLN C 224 -28.08 5.71 -0.24
CA GLN C 224 -29.24 6.51 -0.60
C GLN C 224 -30.48 6.01 0.13
N GLN C 225 -31.35 6.94 0.50
CA GLN C 225 -32.62 6.64 1.15
C GLN C 225 -33.64 6.25 0.09
N THR C 226 -34.48 5.27 0.38
CA THR C 226 -35.54 4.94 -0.56
C THR C 226 -36.69 5.90 -0.24
N GLU C 227 -37.42 6.33 -1.25
CA GLU C 227 -38.49 7.29 -1.02
C GLU C 227 -39.69 6.66 -0.30
N GLU C 228 -39.93 5.38 -0.57
CA GLU C 228 -41.12 4.73 -0.03
C GLU C 228 -41.06 4.47 1.47
N LEU C 229 -40.05 3.76 1.94
CA LEU C 229 -39.97 3.46 3.38
C LEU C 229 -38.81 4.17 4.09
N GLY C 230 -37.94 4.82 3.32
CA GLY C 230 -36.85 5.58 3.89
C GLY C 230 -35.82 4.64 4.45
N ALA C 231 -35.61 3.53 3.75
CA ALA C 231 -34.59 2.58 4.13
C ALA C 231 -33.32 3.05 3.50
N THR C 232 -32.20 2.55 3.99
CA THR C 232 -30.92 2.93 3.41
C THR C 232 -30.47 1.87 2.43
N LEU C 233 -30.25 2.30 1.19
CA LEU C 233 -29.72 1.38 0.19
C LEU C 233 -28.25 1.70 -0.04
N VAL C 234 -27.41 0.72 0.22
CA VAL C 234 -25.98 0.89 0.05
C VAL C 234 -25.48 0.18 -1.19
N LEU C 235 -25.02 0.97 -2.16
CA LEU C 235 -24.52 0.44 -3.41
C LEU C 235 -22.99 0.41 -3.39
N ASP C 236 -22.40 0.69 -2.23
CA ASP C 236 -20.94 0.62 -2.00
C ASP C 236 -20.64 0.51 -0.51
N GLY C 237 -20.50 -0.72 -0.02
CA GLY C 237 -20.35 -0.97 1.40
C GLY C 237 -19.03 -0.69 2.09
N ALA C 238 -17.97 -0.52 1.31
CA ALA C 238 -16.66 -0.22 1.91
C ALA C 238 -16.73 1.13 2.61
N PRO C 239 -16.05 1.26 3.78
CA PRO C 239 -15.21 0.23 4.41
C PRO C 239 -15.94 -0.71 5.38
N LEU C 240 -17.27 -0.60 5.49
CA LEU C 240 -17.99 -1.52 6.36
C LEU C 240 -17.82 -2.91 5.77
N VAL C 241 -17.85 -2.97 4.44
CA VAL C 241 -17.57 -4.20 3.71
C VAL C 241 -16.12 -4.14 3.29
N ASP C 242 -15.24 -4.73 4.11
CA ASP C 242 -13.80 -4.65 3.86
C ASP C 242 -13.28 -5.91 3.21
N ALA C 243 -11.96 -6.04 3.14
CA ALA C 243 -11.32 -7.17 2.47
C ALA C 243 -11.74 -8.53 3.05
N ARG C 244 -11.94 -8.60 4.36
CA ARG C 244 -12.25 -9.89 4.97
C ARG C 244 -13.67 -10.34 4.63
N MET C 245 -14.50 -9.41 4.17
CA MET C 245 -15.87 -9.74 3.82
C MET C 245 -15.98 -10.13 2.35
N MET C 246 -14.87 -9.95 1.63
CA MET C 246 -14.80 -10.24 0.21
C MET C 246 -13.95 -11.48 -0.07
N LYS C 247 -13.43 -12.13 0.98
CA LYS C 247 -12.53 -13.28 0.82
C LYS C 247 -13.09 -14.40 -0.03
N HIS C 248 -14.38 -14.67 0.11
CA HIS C 248 -14.99 -15.78 -0.62
C HIS C 248 -15.61 -15.36 -1.95
N GLY C 249 -15.19 -14.22 -2.48
CA GLY C 249 -15.62 -13.77 -3.79
C GLY C 249 -15.19 -14.76 -4.86
N GLN C 250 -16.16 -15.35 -5.56
CA GLN C 250 -15.87 -16.43 -6.50
C GLN C 250 -15.18 -16.01 -7.79
N ALA C 251 -15.52 -14.82 -8.29
CA ALA C 251 -14.92 -14.34 -9.53
C ALA C 251 -13.69 -13.49 -9.24
N ALA C 252 -12.57 -13.80 -9.90
CA ALA C 252 -11.35 -13.02 -9.69
C ALA C 252 -11.54 -11.58 -10.13
N SER C 253 -12.44 -11.36 -11.07
CA SER C 253 -12.70 -10.00 -11.55
C SER C 253 -13.44 -9.18 -10.48
N SER C 254 -14.24 -9.85 -9.65
CA SER C 254 -14.97 -9.17 -8.59
C SER C 254 -14.01 -8.69 -7.50
N VAL C 255 -13.00 -9.50 -7.19
CA VAL C 255 -12.02 -9.16 -6.17
C VAL C 255 -11.11 -8.04 -6.67
N SER C 256 -10.71 -8.12 -7.93
CA SER C 256 -9.85 -7.09 -8.54
C SER C 256 -10.57 -5.76 -8.69
N ARG C 257 -11.84 -5.81 -9.08
CA ARG C 257 -12.62 -4.59 -9.23
C ARG C 257 -12.81 -3.91 -7.88
N TYR C 258 -13.06 -4.70 -6.85
CA TYR C 258 -13.23 -4.20 -5.50
C TYR C 258 -11.96 -3.55 -4.97
N LEU C 259 -10.82 -4.17 -5.27
CA LEU C 259 -9.53 -3.65 -4.82
C LEU C 259 -9.15 -2.43 -5.64
N GLY C 260 -9.54 -2.40 -6.90
CA GLY C 260 -9.26 -1.27 -7.77
C GLY C 260 -10.08 -0.08 -7.30
N ASN C 261 -11.27 -0.35 -6.76
CA ASN C 261 -12.12 0.72 -6.24
C ASN C 261 -11.75 1.12 -4.83
N HIS C 262 -11.08 0.21 -4.12
CA HIS C 262 -10.67 0.48 -2.75
C HIS C 262 -9.27 -0.07 -2.48
N PRO C 263 -8.23 0.58 -3.05
CA PRO C 263 -6.83 0.15 -3.02
C PRO C 263 -6.28 -0.03 -1.60
N GLU C 264 -6.82 0.72 -0.66
CA GLU C 264 -6.36 0.64 0.71
C GLU C 264 -6.66 -0.74 1.30
N GLN C 265 -7.55 -1.48 0.66
CA GLN C 265 -7.93 -2.80 1.16
C GLN C 265 -7.01 -3.88 0.59
N SER C 266 -6.12 -3.50 -0.31
CA SER C 266 -5.28 -4.47 -1.00
C SER C 266 -4.06 -4.92 -0.18
N THR C 267 -3.78 -4.23 0.92
CA THR C 267 -2.59 -4.53 1.71
C THR C 267 -2.85 -4.97 3.16
N VAL C 268 -4.12 -5.03 3.57
CA VAL C 268 -4.45 -5.50 4.92
C VAL C 268 -4.52 -7.03 4.95
N PRO C 269 -4.09 -7.64 6.07
CA PRO C 269 -4.13 -9.10 6.17
C PRO C 269 -5.56 -9.61 6.28
N VAL C 270 -5.88 -10.70 5.57
CA VAL C 270 -7.22 -11.26 5.62
C VAL C 270 -7.28 -12.50 6.51
N ASN C 271 -6.12 -12.95 6.98
CA ASN C 271 -6.05 -14.07 7.92
C ASN C 271 -4.75 -14.03 8.72
N LYS C 272 -4.56 -14.99 9.61
CA LYS C 272 -3.37 -15.01 10.49
C LYS C 272 -2.07 -15.27 9.77
N ARG C 273 -2.13 -15.98 8.64
CA ARG C 273 -0.94 -16.24 7.85
C ARG C 273 -0.47 -14.97 7.10
N ASN C 274 -1.25 -13.91 7.24
CA ASN C 274 -0.97 -12.57 6.73
C ASN C 274 -1.07 -12.42 5.21
N GLU C 275 -2.03 -13.09 4.61
CA GLU C 275 -2.25 -12.98 3.18
C GLU C 275 -3.10 -11.76 2.89
N THR C 276 -2.92 -11.18 1.70
CA THR C 276 -3.77 -10.10 1.25
C THR C 276 -4.99 -10.73 0.60
N LEU C 277 -5.98 -9.91 0.28
CA LEU C 277 -7.17 -10.43 -0.39
C LEU C 277 -6.80 -11.01 -1.75
N GLY C 278 -5.95 -10.30 -2.49
CA GLY C 278 -5.49 -10.70 -3.81
C GLY C 278 -4.65 -11.96 -3.78
N GLU C 279 -3.84 -12.08 -2.73
CA GLU C 279 -2.97 -13.23 -2.49
C GLU C 279 -3.79 -14.49 -2.25
N ARG C 280 -4.76 -14.38 -1.34
CA ARG C 280 -5.60 -15.51 -0.95
C ARG C 280 -6.51 -15.96 -2.10
N THR C 281 -7.10 -15.01 -2.81
CA THR C 281 -7.98 -15.31 -3.93
C THR C 281 -7.20 -16.04 -5.02
N THR C 282 -6.01 -15.55 -5.32
CA THR C 282 -5.15 -16.19 -6.31
C THR C 282 -4.82 -17.63 -5.91
N ARG C 283 -4.65 -17.85 -4.62
CA ARG C 283 -4.32 -19.19 -4.14
C ARG C 283 -5.48 -20.17 -4.35
N HIS C 284 -6.70 -19.66 -4.39
CA HIS C 284 -7.89 -20.51 -4.51
C HIS C 284 -8.42 -20.64 -5.94
N LEU C 285 -7.69 -20.10 -6.92
CA LEU C 285 -8.17 -20.16 -8.30
C LEU C 285 -8.04 -21.54 -8.94
N VAL C 286 -9.14 -22.00 -9.53
CA VAL C 286 -9.19 -23.29 -10.21
C VAL C 286 -9.84 -23.11 -11.57
N LYS C 287 -9.60 -24.05 -12.47
CA LYS C 287 -10.24 -24.02 -13.78
C LYS C 287 -10.98 -25.34 -13.99
N ARG C 288 -12.30 -25.25 -14.10
CA ARG C 288 -13.13 -26.43 -14.26
C ARG C 288 -14.39 -26.13 -15.05
N LYS C 289 -15.17 -27.16 -15.31
CA LYS C 289 -16.40 -27.03 -16.06
C LYS C 289 -17.57 -26.74 -15.13
N VAL C 290 -18.49 -25.91 -15.61
CA VAL C 290 -19.65 -25.50 -14.84
C VAL C 290 -20.85 -25.53 -15.81
N ARG C 291 -22.09 -25.64 -15.32
CA ARG C 291 -23.24 -25.65 -16.23
C ARG C 291 -23.62 -24.22 -16.64
N ASN C 292 -24.02 -24.07 -17.90
CA ASN C 292 -24.36 -22.78 -18.48
C ASN C 292 -25.75 -22.29 -18.08
N GLY C 303 -23.97 -24.94 -25.87
CA GLY C 303 -23.54 -25.97 -24.93
C GLY C 303 -24.29 -25.92 -23.61
N GLU C 304 -24.11 -26.96 -22.80
CA GLU C 304 -24.81 -27.03 -21.53
C GLU C 304 -23.81 -26.76 -20.41
N THR C 305 -22.52 -26.75 -20.78
CA THR C 305 -21.43 -26.47 -19.85
C THR C 305 -20.50 -25.38 -20.40
N LYS C 306 -19.67 -24.81 -19.52
CA LYS C 306 -18.68 -23.80 -19.94
C LYS C 306 -17.46 -23.93 -19.02
N GLU C 307 -16.27 -23.72 -19.57
CA GLU C 307 -15.06 -23.81 -18.76
C GLU C 307 -14.66 -22.43 -18.26
N ILE C 308 -14.50 -22.30 -16.95
CA ILE C 308 -14.17 -21.02 -16.34
C ILE C 308 -13.09 -21.13 -15.27
N THR C 309 -12.55 -19.98 -14.88
CA THR C 309 -11.56 -19.91 -13.83
C THR C 309 -12.11 -19.09 -12.70
N PHE C 310 -12.17 -19.66 -11.51
CA PHE C 310 -12.76 -18.95 -10.38
C PHE C 310 -12.15 -19.41 -9.07
N SER C 311 -12.52 -18.76 -7.99
CA SER C 311 -12.02 -19.11 -6.66
C SER C 311 -12.88 -20.17 -5.99
N ASN C 312 -12.26 -21.28 -5.61
CA ASN C 312 -12.98 -22.36 -4.94
C ASN C 312 -13.06 -22.15 -3.42
N SER C 313 -12.87 -20.90 -2.99
CA SER C 313 -12.90 -20.54 -1.57
C SER C 313 -14.17 -20.99 -0.85
N VAL C 314 -15.31 -20.86 -1.52
CA VAL C 314 -16.60 -21.21 -0.94
C VAL C 314 -16.76 -22.71 -0.71
N GLU C 315 -16.24 -23.51 -1.63
CA GLU C 315 -16.36 -24.96 -1.50
C GLU C 315 -15.43 -25.46 -0.41
N GLN C 316 -14.32 -24.74 -0.19
CA GLN C 316 -13.39 -25.06 0.89
C GLN C 316 -13.97 -24.65 2.23
N LYS C 317 -14.72 -23.56 2.24
CA LYS C 317 -15.31 -23.07 3.48
C LYS C 317 -16.45 -23.98 3.94
N ARG C 318 -17.19 -24.55 3.01
CA ARG C 318 -18.27 -25.47 3.37
C ARG C 318 -17.66 -26.72 4.01
N ILE C 319 -16.55 -27.19 3.47
CA ILE C 319 -15.87 -28.35 4.00
C ILE C 319 -15.29 -28.03 5.36
N ALA C 320 -14.69 -26.85 5.49
CA ALA C 320 -14.10 -26.44 6.77
C ALA C 320 -15.17 -26.26 7.83
N LEU C 321 -16.36 -25.83 7.42
CA LEU C 321 -17.46 -25.62 8.36
C LEU C 321 -17.99 -26.97 8.80
N LEU C 322 -18.02 -27.93 7.87
CA LEU C 322 -18.50 -29.27 8.19
C LEU C 322 -17.55 -29.97 9.17
N ASN C 323 -16.24 -29.74 9.03
CA ASN C 323 -15.26 -30.32 9.94
C ASN C 323 -15.46 -29.83 11.36
N ARG C 324 -15.74 -28.53 11.49
CA ARG C 324 -15.96 -27.89 12.79
C ARG C 324 -17.16 -28.50 13.50
N ALA C 325 -18.27 -28.61 12.77
CA ALA C 325 -19.51 -29.15 13.32
C ALA C 325 -19.34 -30.60 13.75
N ALA C 326 -18.71 -31.41 12.90
CA ALA C 326 -18.47 -32.82 13.19
C ALA C 326 -17.55 -32.98 14.38
N SER C 327 -16.63 -32.03 14.54
CA SER C 327 -15.70 -32.05 15.66
C SER C 327 -16.43 -31.64 16.93
N TYR C 328 -17.37 -30.70 16.78
CA TYR C 328 -18.14 -30.21 17.91
C TYR C 328 -19.11 -31.27 18.42
N VAL C 329 -19.81 -31.93 17.49
CA VAL C 329 -20.83 -32.91 17.86
C VAL C 329 -20.22 -34.12 18.53
N ASN C 330 -19.03 -34.49 18.06
CA ASN C 330 -18.33 -35.68 18.52
C ASN C 330 -17.99 -35.66 20.01
N SER C 331 -17.89 -34.46 20.58
CA SER C 331 -17.57 -34.33 21.99
C SER C 331 -18.52 -33.35 22.67
N ALA C 332 -19.68 -33.13 22.06
CA ALA C 332 -20.67 -32.19 22.57
C ALA C 332 -21.49 -32.80 23.71
N PRO C 333 -22.01 -31.97 24.62
CA PRO C 333 -22.85 -32.51 25.70
C PRO C 333 -24.13 -33.09 25.11
N PRO C 334 -24.69 -34.11 25.77
CA PRO C 334 -25.90 -34.80 25.30
C PRO C 334 -27.09 -33.91 24.88
N PRO C 335 -27.41 -32.82 25.60
CA PRO C 335 -28.57 -32.04 25.13
C PRO C 335 -28.35 -31.44 23.75
N VAL C 336 -27.09 -31.20 23.41
CA VAL C 336 -26.74 -30.63 22.11
C VAL C 336 -26.91 -31.70 21.05
N VAL C 337 -26.50 -32.92 21.37
CA VAL C 337 -26.68 -34.05 20.46
C VAL C 337 -28.17 -34.26 20.18
N MET C 338 -28.99 -34.16 21.23
CA MET C 338 -30.43 -34.34 21.09
C MET C 338 -31.05 -33.26 20.21
N ARG C 339 -30.53 -32.06 20.32
CA ARG C 339 -31.10 -30.93 19.59
C ARG C 339 -30.72 -30.98 18.13
N MET C 340 -29.49 -31.41 17.86
CA MET C 340 -28.99 -31.45 16.50
C MET C 340 -29.57 -32.64 15.73
N ALA C 341 -29.88 -33.71 16.45
CA ALA C 341 -30.49 -34.87 15.82
C ALA C 341 -31.92 -34.52 15.43
N LYS C 342 -32.57 -33.74 16.30
CA LYS C 342 -33.93 -33.31 16.05
C LYS C 342 -33.98 -32.38 14.85
N LEU C 343 -32.95 -31.54 14.72
CA LEU C 343 -32.89 -30.61 13.59
C LEU C 343 -32.66 -31.35 12.29
N LEU C 344 -31.98 -32.49 12.40
CA LEU C 344 -31.67 -33.31 11.24
C LEU C 344 -32.93 -34.04 10.76
N GLN C 345 -33.72 -34.52 11.72
CA GLN C 345 -34.97 -35.21 11.42
C GLN C 345 -36.02 -34.24 10.88
N ASP C 346 -36.07 -33.06 11.49
CA ASP C 346 -37.07 -32.06 11.13
C ASP C 346 -36.86 -31.46 9.75
N SER C 347 -35.72 -31.79 9.14
CA SER C 347 -35.46 -31.28 7.80
C SER C 347 -36.27 -32.07 6.80
N LEU C 348 -36.86 -33.19 7.23
CA LEU C 348 -37.65 -33.99 6.30
C LEU C 348 -39.16 -33.70 6.39
N LEU C 349 -39.59 -32.97 7.42
CA LEU C 349 -41.00 -32.57 7.52
C LEU C 349 -41.19 -31.04 7.42
N ASP C 350 -41.57 -30.54 6.24
CA ASP C 350 -41.70 -31.34 5.03
C ASP C 350 -41.13 -30.55 3.84
N GLY D 10 40.00 0.09 39.11
CA GLY D 10 40.74 1.30 39.45
C GLY D 10 39.80 2.43 39.87
N ARG D 11 38.63 2.45 39.25
CA ARG D 11 37.59 3.43 39.52
C ARG D 11 36.69 2.91 40.64
N GLN D 12 37.20 1.92 41.35
CA GLN D 12 36.42 1.24 42.39
C GLN D 12 36.56 1.92 43.74
N ALA D 13 37.49 2.86 43.84
CA ALA D 13 37.70 3.63 45.07
C ALA D 13 37.95 2.75 46.29
N GLY D 14 38.66 1.65 46.08
CA GLY D 14 38.97 0.72 47.16
C GLY D 14 37.79 -0.13 47.56
N GLN D 15 36.73 -0.10 46.76
CA GLN D 15 35.52 -0.86 47.03
C GLN D 15 35.38 -2.02 46.03
N GLN D 16 36.50 -2.47 45.49
CA GLN D 16 36.51 -3.52 44.48
C GLN D 16 35.81 -4.82 44.93
N ALA D 17 35.67 -5.00 46.23
CA ALA D 17 35.05 -6.20 46.79
C ALA D 17 33.54 -6.11 46.84
N THR D 18 33.04 -5.00 47.38
CA THR D 18 31.60 -4.77 47.49
C THR D 18 30.97 -4.53 46.12
N VAL D 19 31.68 -3.80 45.25
CA VAL D 19 31.18 -3.52 43.91
C VAL D 19 31.06 -4.83 43.13
N ASP D 20 32.13 -5.61 43.10
CA ASP D 20 32.15 -6.87 42.38
C ASP D 20 31.12 -7.88 42.85
N ARG D 21 30.76 -7.83 44.13
CA ARG D 21 29.82 -8.79 44.69
C ARG D 21 28.39 -8.31 44.46
N LEU D 22 28.19 -7.00 44.46
CA LEU D 22 26.88 -6.43 44.21
C LEU D 22 26.56 -6.50 42.73
N ARG D 23 27.60 -6.44 41.89
CA ARG D 23 27.40 -6.56 40.45
C ARG D 23 26.95 -7.97 40.10
N THR D 24 27.61 -8.96 40.69
CA THR D 24 27.26 -10.35 40.48
C THR D 24 25.85 -10.58 41.03
N GLN D 25 25.56 -9.95 42.15
CA GLN D 25 24.25 -10.08 42.79
C GLN D 25 23.12 -9.60 41.89
N VAL D 26 23.39 -8.52 41.16
CA VAL D 26 22.40 -7.86 40.31
C VAL D 26 22.25 -8.56 38.96
N THR D 27 23.36 -8.87 38.29
CA THR D 27 23.28 -9.58 37.01
C THR D 27 22.76 -10.99 37.18
N GLY D 28 22.95 -11.56 38.36
CA GLY D 28 22.54 -12.93 38.62
C GLY D 28 21.03 -13.05 38.67
N PHE D 29 20.38 -12.01 39.19
CA PHE D 29 18.93 -11.99 39.30
C PHE D 29 18.30 -11.68 37.96
N LEU D 30 18.86 -10.68 37.28
CA LEU D 30 18.37 -10.30 35.97
C LEU D 30 18.57 -11.44 34.98
N SER D 31 19.75 -12.03 34.96
CA SER D 31 20.05 -13.12 34.04
C SER D 31 19.38 -14.41 34.50
N GLY D 32 19.10 -14.50 35.80
CA GLY D 32 18.44 -15.67 36.35
C GLY D 32 17.01 -15.65 35.89
N ALA D 33 16.44 -14.45 35.79
CA ALA D 33 15.09 -14.29 35.29
C ALA D 33 15.08 -14.53 33.78
N LEU D 34 16.13 -14.03 33.13
CA LEU D 34 16.32 -14.19 31.68
C LEU D 34 16.36 -15.65 31.23
N GLY D 35 17.16 -16.46 31.91
CA GLY D 35 17.31 -17.86 31.53
C GLY D 35 16.03 -18.64 31.69
N LYS D 36 15.30 -18.36 32.77
CA LYS D 36 14.04 -19.06 32.99
C LYS D 36 12.96 -18.60 32.02
N LEU D 37 12.85 -17.28 31.80
CA LEU D 37 11.82 -16.77 30.91
C LEU D 37 12.11 -17.17 29.47
N GLN D 38 13.38 -17.21 29.10
CA GLN D 38 13.77 -17.62 27.75
C GLN D 38 13.50 -19.10 27.56
N ALA D 39 13.60 -19.86 28.64
CA ALA D 39 13.37 -21.30 28.57
C ALA D 39 11.88 -21.58 28.42
N LEU D 40 11.07 -20.84 29.17
CA LEU D 40 9.62 -20.98 29.11
C LEU D 40 9.09 -20.55 27.75
N SER D 41 9.70 -19.51 27.19
CA SER D 41 9.26 -19.00 25.90
C SER D 41 9.63 -19.96 24.79
N ALA D 42 10.84 -20.50 24.86
CA ALA D 42 11.32 -21.44 23.87
C ALA D 42 10.59 -22.78 23.93
N GLN D 43 10.04 -23.10 25.11
CA GLN D 43 9.33 -24.36 25.28
C GLN D 43 7.85 -24.18 25.00
N ASN D 44 7.50 -22.96 24.58
CA ASN D 44 6.12 -22.57 24.30
C ASN D 44 5.19 -22.81 25.49
N MET D 45 5.61 -22.35 26.66
CA MET D 45 4.81 -22.50 27.87
C MET D 45 4.43 -21.16 28.49
N ASP D 46 3.18 -21.07 28.93
CA ASP D 46 2.72 -19.91 29.65
C ASP D 46 3.34 -19.93 31.06
N PRO D 47 3.86 -18.79 31.52
CA PRO D 47 4.57 -18.68 32.80
C PRO D 47 3.73 -18.95 34.05
N GLU D 48 2.49 -18.46 34.08
CA GLU D 48 1.65 -18.60 35.26
C GLU D 48 1.16 -20.04 35.47
N LEU D 49 1.03 -20.79 34.38
CA LEU D 49 0.67 -22.20 34.45
C LEU D 49 1.91 -23.01 34.83
N ALA D 50 3.08 -22.47 34.54
CA ALA D 50 4.35 -23.12 34.86
C ALA D 50 4.78 -22.71 36.26
N GLN D 51 3.89 -21.98 36.93
CA GLN D 51 4.08 -21.52 38.30
C GLN D 51 5.25 -20.55 38.41
N PHE D 52 5.53 -19.82 37.32
CA PHE D 52 6.57 -18.81 37.38
C PHE D 52 5.87 -17.51 37.76
N ARG D 53 6.42 -16.80 38.74
CA ARG D 53 5.74 -15.64 39.30
C ARG D 53 6.15 -14.32 38.64
N VAL D 54 5.61 -14.10 37.44
CA VAL D 54 5.91 -12.93 36.63
C VAL D 54 5.60 -11.61 37.32
N LEU D 55 4.49 -11.56 38.04
CA LEU D 55 4.08 -10.32 38.71
C LEU D 55 5.12 -9.83 39.72
N ASP D 56 5.72 -10.76 40.44
CA ASP D 56 6.70 -10.41 41.46
C ASP D 56 8.05 -10.11 40.82
N VAL D 57 8.36 -10.83 39.75
CA VAL D 57 9.62 -10.63 39.04
C VAL D 57 9.59 -9.36 38.20
N ASP D 58 8.46 -9.07 37.58
CA ASP D 58 8.36 -7.87 36.74
C ASP D 58 8.53 -6.62 37.61
N ARG D 59 8.00 -6.65 38.82
CA ARG D 59 8.06 -5.53 39.74
C ARG D 59 9.49 -5.29 40.24
N ALA D 60 10.22 -6.36 40.48
CA ALA D 60 11.58 -6.24 40.98
C ALA D 60 12.54 -5.75 39.91
N ILE D 61 12.29 -6.13 38.66
CA ILE D 61 13.19 -5.75 37.58
C ILE D 61 12.85 -4.38 37.01
N MET D 62 11.60 -3.95 37.13
CA MET D 62 11.15 -2.68 36.57
C MET D 62 12.08 -1.49 36.86
N PRO D 63 12.45 -1.26 38.14
CA PRO D 63 13.34 -0.11 38.36
C PRO D 63 14.70 -0.30 37.69
N LEU D 64 15.14 -1.55 37.60
CA LEU D 64 16.43 -1.85 36.98
C LEU D 64 16.36 -1.71 35.46
N LEU D 65 15.19 -1.98 34.88
CA LEU D 65 15.05 -1.78 33.43
C LEU D 65 14.98 -0.30 33.12
N ILE D 66 14.32 0.46 33.98
CA ILE D 66 14.13 1.89 33.76
C ILE D 66 15.47 2.60 33.78
N VAL D 67 16.33 2.20 34.70
CA VAL D 67 17.67 2.77 34.79
C VAL D 67 18.44 2.47 33.50
N ALA D 68 18.32 1.24 33.02
CA ALA D 68 19.05 0.82 31.83
C ALA D 68 18.55 1.53 30.59
N GLU D 69 17.24 1.67 30.48
CA GLU D 69 16.65 2.31 29.32
C GLU D 69 16.88 3.82 29.32
N ASN D 70 16.92 4.42 30.51
CA ASN D 70 17.18 5.86 30.63
C ASN D 70 18.61 6.19 30.25
N ALA D 71 19.52 5.28 30.58
CA ALA D 71 20.93 5.50 30.31
C ALA D 71 21.25 5.20 28.84
N ARG D 72 20.53 4.22 28.29
CA ARG D 72 20.79 3.78 26.92
C ARG D 72 20.21 4.76 25.91
N ASN D 73 19.13 5.44 26.32
CA ASN D 73 18.48 6.44 25.47
C ASN D 73 18.24 7.74 26.22
N PRO D 74 19.27 8.59 26.34
CA PRO D 74 19.16 9.87 27.05
C PRO D 74 18.04 10.76 26.49
N GLY D 75 17.23 11.32 27.39
CA GLY D 75 16.10 12.15 27.01
C GLY D 75 14.78 11.43 27.25
N LEU D 76 14.87 10.14 27.54
CA LEU D 76 13.68 9.34 27.81
C LEU D 76 13.07 9.84 29.12
N ASN D 77 13.93 10.14 30.10
CA ASN D 77 13.51 10.62 31.41
C ASN D 77 12.36 9.81 31.95
N LEU D 78 12.55 8.50 32.01
CA LEU D 78 11.46 7.64 32.45
C LEU D 78 11.43 7.60 33.97
N VAL D 79 10.27 7.92 34.53
CA VAL D 79 10.11 7.95 35.98
C VAL D 79 8.90 7.12 36.35
N PRO D 80 9.05 6.22 37.33
CA PRO D 80 7.89 5.43 37.75
C PRO D 80 6.98 6.23 38.68
N LEU D 81 5.68 6.20 38.44
CA LEU D 81 4.74 6.95 39.27
C LEU D 81 3.56 6.07 39.66
N HIS D 82 2.84 6.49 40.69
CA HIS D 82 1.63 5.77 41.08
C HIS D 82 0.52 6.69 41.58
N MET D 83 -0.71 6.19 41.45
CA MET D 83 -1.91 6.90 41.86
C MET D 83 -2.15 6.71 43.35
N ASP D 84 -3.08 7.46 43.93
CA ASP D 84 -3.35 7.34 45.36
C ASP D 84 -3.82 5.93 45.75
N MET D 85 -4.75 5.38 44.97
CA MET D 85 -5.30 4.05 45.26
C MET D 85 -4.22 2.98 45.35
N ALA D 86 -3.08 3.24 44.71
CA ALA D 86 -1.93 2.33 44.74
C ALA D 86 -1.20 2.34 46.07
N GLU D 87 -1.44 3.38 46.86
CA GLU D 87 -0.79 3.54 48.15
C GLU D 87 -1.57 2.94 49.32
N ASP D 88 -2.76 2.41 49.02
CA ASP D 88 -3.61 1.78 50.03
C ASP D 88 -3.33 0.28 50.14
N GLU D 89 -2.66 -0.08 51.23
CA GLU D 89 -2.29 -1.47 51.51
C GLU D 89 -3.49 -2.39 51.79
N GLU D 90 -4.54 -2.29 50.97
CA GLU D 90 -5.74 -3.11 51.17
C GLU D 90 -6.37 -3.50 49.84
N VAL D 91 -6.68 -2.51 49.00
CA VAL D 91 -7.26 -2.78 47.69
C VAL D 91 -6.20 -3.25 46.71
N ARG D 92 -5.01 -2.64 46.78
CA ARG D 92 -3.91 -2.94 45.84
C ARG D 92 -3.45 -4.40 45.90
N THR D 93 -3.09 -4.94 44.74
CA THR D 93 -2.58 -6.31 44.67
C THR D 93 -1.07 -6.33 44.85
N GLN D 94 -0.43 -5.21 44.58
CA GLN D 94 1.01 -5.08 44.71
C GLN D 94 1.38 -3.65 45.07
N PRO D 95 2.41 -3.48 45.89
CA PRO D 95 2.85 -2.12 46.20
C PRO D 95 3.65 -1.58 45.03
N PRO D 96 3.76 -0.25 44.90
CA PRO D 96 4.50 0.34 43.79
C PRO D 96 5.93 -0.17 43.71
N MET D 97 6.55 -0.09 42.54
CA MET D 97 7.92 -0.56 42.37
C MET D 97 8.86 0.38 43.13
N ALA D 98 10.05 -0.10 43.47
CA ALA D 98 10.99 0.71 44.24
C ALA D 98 11.33 2.01 43.49
N GLY D 99 11.25 3.12 44.21
CA GLY D 99 11.57 4.42 43.64
C GLY D 99 10.36 5.09 43.02
N SER D 100 9.24 4.37 42.98
CA SER D 100 8.02 4.92 42.44
C SER D 100 7.61 6.15 43.24
N ARG D 101 7.17 7.17 42.54
CA ARG D 101 6.79 8.42 43.17
C ARG D 101 5.30 8.71 43.03
N HIS D 102 4.74 9.42 44.00
CA HIS D 102 3.33 9.76 43.95
C HIS D 102 3.13 10.89 42.94
N ILE D 103 2.10 10.74 42.10
CA ILE D 103 1.82 11.69 41.04
C ILE D 103 1.61 13.10 41.58
N ALA D 104 0.87 13.22 42.67
CA ALA D 104 0.63 14.51 43.32
C ALA D 104 1.96 15.12 43.79
N GLU D 105 2.86 14.27 44.27
CA GLU D 105 4.16 14.73 44.72
C GLU D 105 5.03 15.12 43.53
N PHE D 106 4.94 14.36 42.45
CA PHE D 106 5.80 14.59 41.30
C PHE D 106 5.48 15.93 40.64
N VAL D 107 4.20 16.24 40.43
CA VAL D 107 3.84 17.49 39.77
C VAL D 107 4.36 18.72 40.51
N ALA D 108 4.26 18.68 41.84
CA ALA D 108 4.66 19.81 42.68
C ALA D 108 6.16 20.05 42.78
N SER D 109 6.93 18.97 42.88
CA SER D 109 8.37 19.13 43.15
C SER D 109 9.28 18.81 41.96
N ALA D 110 8.74 18.18 40.94
CA ALA D 110 9.57 17.82 39.78
C ALA D 110 9.97 19.08 39.03
N ARG D 111 11.18 19.06 38.50
CA ARG D 111 11.67 20.14 37.68
C ARG D 111 10.78 20.24 36.45
N PRO D 112 10.44 21.47 36.02
CA PRO D 112 9.60 21.57 34.82
C PRO D 112 10.33 20.95 33.64
N GLY D 113 9.58 20.36 32.72
CA GLY D 113 10.20 19.73 31.57
C GLY D 113 9.39 18.56 31.06
N ARG D 114 10.01 17.75 30.20
CA ARG D 114 9.33 16.60 29.62
C ARG D 114 9.81 15.25 30.16
N TYR D 115 8.84 14.40 30.48
CA TYR D 115 9.13 13.09 31.04
C TYR D 115 8.32 11.99 30.39
N ARG D 116 8.78 10.75 30.58
CA ARG D 116 8.02 9.56 30.23
C ARG D 116 7.79 8.87 31.55
N ALA D 117 6.77 8.03 31.63
CA ALA D 117 6.46 7.41 32.91
C ALA D 117 5.69 6.11 32.79
N VAL D 118 5.75 5.33 33.87
CA VAL D 118 4.89 4.18 34.01
C VAL D 118 4.05 4.53 35.23
N ILE D 119 2.74 4.45 35.11
CA ILE D 119 1.85 4.87 36.18
C ILE D 119 1.07 3.70 36.75
N ASP D 120 1.39 3.37 38.00
CA ASP D 120 0.81 2.23 38.71
C ASP D 120 -0.42 2.66 39.51
N ASP D 121 -1.52 1.91 39.38
CA ASP D 121 -2.72 2.25 40.15
C ASP D 121 -2.94 1.24 41.28
N GLY D 122 -2.05 0.27 41.38
CA GLY D 122 -2.14 -0.74 42.40
C GLY D 122 -2.42 -2.10 41.80
N SER D 123 -3.12 -2.11 40.67
CA SER D 123 -3.50 -3.36 40.03
C SER D 123 -3.24 -3.37 38.53
N HIS D 124 -2.92 -2.20 37.99
CA HIS D 124 -2.68 -2.04 36.55
C HIS D 124 -1.67 -0.90 36.33
N THR D 125 -0.92 -0.99 35.24
CA THR D 125 0.10 0.02 34.94
C THR D 125 -0.10 0.58 33.53
N ARG D 126 0.05 1.89 33.39
CA ARG D 126 -0.11 2.53 32.09
C ARG D 126 1.15 3.27 31.75
N ALA D 127 1.29 3.66 30.50
CA ALA D 127 2.41 4.48 30.09
C ALA D 127 1.88 5.88 29.93
N ALA D 128 2.74 6.87 30.09
CA ALA D 128 2.31 8.24 30.01
C ALA D 128 3.40 9.14 29.48
N ASP D 129 2.97 10.22 28.84
CA ASP D 129 3.89 11.23 28.36
C ASP D 129 3.48 12.52 29.05
N ILE D 130 4.38 13.04 29.88
CA ILE D 130 4.03 14.17 30.73
C ILE D 130 4.78 15.45 30.40
N ARG D 131 4.04 16.55 30.36
CA ARG D 131 4.59 17.86 30.09
C ARG D 131 4.33 18.80 31.25
N LYS D 132 5.38 19.33 31.87
CA LYS D 132 5.20 20.29 32.96
C LYS D 132 5.98 21.57 32.67
N ASP D 133 5.27 22.70 32.62
CA ASP D 133 5.91 24.01 32.42
C ASP D 133 5.15 25.11 33.17
N ALA D 134 5.43 26.36 32.81
CA ALA D 134 4.80 27.51 33.45
C ALA D 134 3.28 27.48 33.29
N SER D 135 2.82 27.19 32.07
CA SER D 135 1.39 27.14 31.79
C SER D 135 0.69 26.06 32.63
N GLY D 136 1.41 24.99 32.94
CA GLY D 136 0.85 23.93 33.75
C GLY D 136 1.40 22.56 33.46
N THR D 137 0.68 21.53 33.90
CA THR D 137 1.10 20.16 33.63
C THR D 137 0.06 19.49 32.73
N SER D 138 0.54 18.82 31.68
CA SER D 138 -0.33 18.07 30.79
C SER D 138 0.20 16.65 30.62
N VAL D 139 -0.72 15.69 30.49
CA VAL D 139 -0.32 14.30 30.42
C VAL D 139 -1.08 13.57 29.34
N ILE D 140 -0.36 12.72 28.62
CA ILE D 140 -0.95 11.87 27.61
C ILE D 140 -0.76 10.44 28.06
N VAL D 141 -1.84 9.84 28.51
CA VAL D 141 -1.76 8.50 29.04
C VAL D 141 -2.17 7.54 27.96
N VAL D 142 -1.31 6.56 27.70
CA VAL D 142 -1.64 5.52 26.75
C VAL D 142 -1.79 4.25 27.55
N ASP D 143 -2.99 3.69 27.55
CA ASP D 143 -3.27 2.50 28.33
C ASP D 143 -3.22 1.32 27.37
N PRO D 144 -2.37 0.33 27.68
CA PRO D 144 -2.21 -0.86 26.85
C PRO D 144 -3.34 -1.86 27.08
N LEU D 145 -4.24 -1.57 28.01
CA LEU D 145 -5.38 -2.45 28.25
C LEU D 145 -6.66 -1.75 27.79
N ARG D 146 -7.51 -2.51 27.12
CA ARG D 146 -8.80 -1.99 26.65
C ARG D 146 -9.89 -3.06 26.74
N LYS D 147 -10.32 -3.32 27.97
CA LYS D 147 -11.27 -4.39 28.27
C LYS D 147 -12.65 -3.84 28.60
N GLU D 148 -12.81 -2.54 28.39
CA GLU D 148 -14.00 -1.79 28.78
C GLU D 148 -15.33 -2.39 28.31
N GLU D 151 -18.16 1.53 26.99
CA GLU D 151 -17.19 2.62 26.89
C GLU D 151 -17.46 3.69 27.93
N SER D 152 -18.21 3.32 28.97
CA SER D 152 -18.58 4.27 30.02
C SER D 152 -17.44 4.48 31.00
N ALA D 153 -16.56 3.49 31.10
CA ALA D 153 -15.46 3.53 32.05
C ALA D 153 -14.32 4.39 31.53
N TYR D 154 -14.21 4.51 30.21
CA TYR D 154 -13.13 5.29 29.63
C TYR D 154 -13.27 6.78 29.91
N VAL D 155 -14.52 7.25 29.98
CA VAL D 155 -14.73 8.65 30.31
C VAL D 155 -14.34 8.86 31.77
N ASP D 156 -14.73 7.92 32.62
CA ASP D 156 -14.43 7.96 34.05
C ASP D 156 -12.94 7.77 34.34
N TYR D 157 -12.33 6.79 33.68
CA TYR D 157 -10.90 6.52 33.82
C TYR D 157 -10.11 7.77 33.47
N ALA D 158 -10.47 8.37 32.35
CA ALA D 158 -9.83 9.60 31.90
C ALA D 158 -9.93 10.68 32.96
N ASP D 159 -11.11 10.79 33.57
CA ASP D 159 -11.35 11.81 34.60
C ASP D 159 -10.56 11.54 35.89
N ASN D 160 -10.47 10.27 36.30
CA ASN D 160 -9.77 9.92 37.53
C ASN D 160 -8.26 10.16 37.41
N VAL D 161 -7.75 10.02 36.19
CA VAL D 161 -6.33 10.25 35.93
C VAL D 161 -6.08 11.75 35.99
N ASN D 162 -7.01 12.50 35.41
CA ASN D 162 -6.92 13.95 35.43
C ASN D 162 -7.00 14.48 36.86
N MET D 163 -7.86 13.86 37.67
CA MET D 163 -8.03 14.26 39.07
C MET D 163 -6.76 14.02 39.89
N GLU D 164 -5.95 13.05 39.45
CA GLU D 164 -4.72 12.72 40.16
C GLU D 164 -3.59 13.72 39.87
N PHE D 165 -3.60 14.30 38.69
CA PHE D 165 -2.58 15.29 38.33
C PHE D 165 -3.09 16.68 38.69
N GLY D 166 -4.39 16.77 38.95
CA GLY D 166 -5.01 18.03 39.28
C GLY D 166 -6.08 18.43 38.27
N GLU D 167 -7.21 18.93 38.75
CA GLU D 167 -8.30 19.39 37.88
C GLU D 167 -7.86 20.51 36.94
N HIS D 168 -6.68 21.09 37.21
CA HIS D 168 -6.16 22.19 36.39
C HIS D 168 -5.29 21.69 35.26
N ALA D 169 -4.98 20.40 35.29
CA ALA D 169 -4.11 19.82 34.29
C ALA D 169 -4.92 19.32 33.09
N LYS D 170 -4.40 19.55 31.89
CA LYS D 170 -5.06 19.06 30.69
C LYS D 170 -4.56 17.64 30.50
N CYS D 171 -5.42 16.75 30.04
CA CYS D 171 -5.05 15.35 29.97
C CYS D 171 -5.72 14.62 28.83
N ALA D 172 -4.98 13.70 28.23
CA ALA D 172 -5.50 12.88 27.17
C ALA D 172 -5.33 11.44 27.63
N PHE D 173 -6.40 10.67 27.48
CA PHE D 173 -6.38 9.29 27.91
C PHE D 173 -6.68 8.45 26.68
N ILE D 174 -5.68 7.68 26.27
CA ILE D 174 -5.76 6.88 25.05
C ILE D 174 -5.70 5.40 25.36
N PRO D 175 -6.85 4.74 25.43
CA PRO D 175 -6.85 3.30 25.67
C PRO D 175 -6.62 2.58 24.34
N VAL D 176 -5.72 1.62 24.35
CA VAL D 176 -5.35 0.92 23.12
C VAL D 176 -5.45 -0.58 23.36
N ASP D 177 -6.04 -1.29 22.41
CA ASP D 177 -6.25 -2.73 22.54
C ASP D 177 -4.99 -3.55 22.26
N ILE D 178 -4.07 -3.57 23.22
CA ILE D 178 -2.82 -4.32 23.07
C ILE D 178 -2.76 -5.55 23.99
N GLN D 179 -3.06 -5.35 25.28
CA GLN D 179 -2.98 -6.41 26.29
C GLN D 179 -4.17 -7.35 26.31
N LYS D 180 -3.89 -8.64 26.50
CA LYS D 180 -4.91 -9.67 26.62
C LYS D 180 -4.64 -10.54 27.85
N SER D 181 -3.37 -10.64 28.24
CA SER D 181 -3.02 -11.41 29.43
C SER D 181 -3.26 -10.56 30.66
N SER D 182 -2.98 -11.09 31.83
CA SER D 182 -3.22 -10.32 33.06
C SER D 182 -1.96 -9.67 33.62
N PHE D 183 -0.78 -10.08 33.13
CA PHE D 183 0.48 -9.61 33.73
C PHE D 183 1.46 -8.85 32.83
N ASP D 184 1.07 -8.51 31.62
CA ASP D 184 2.01 -7.89 30.68
C ASP D 184 1.98 -6.36 30.62
N SCY D 185 1.22 -5.73 31.50
CA SCY D 185 1.02 -4.33 31.42
CB SCY D 185 -0.11 -3.87 32.39
SG SCY D 185 0.34 -4.17 34.04
CD SCY D 185 -0.79 -5.40 34.72
OCD SCY D 185 -2.06 -5.33 34.43
CE SCY D 185 -0.23 -6.47 35.61
C SCY D 185 2.31 -3.52 31.70
O SCY D 185 2.52 -2.41 31.06
N ARG D 186 3.16 -4.01 32.59
CA ARG D 186 4.38 -3.29 32.94
C ARG D 186 5.36 -3.26 31.76
N ILE D 187 5.54 -4.40 31.10
CA ILE D 187 6.47 -4.49 29.96
C ILE D 187 5.92 -3.71 28.77
N LEU D 188 4.61 -3.72 28.61
CA LEU D 188 3.93 -3.01 27.54
C LEU D 188 3.98 -1.49 27.73
N SER D 189 3.91 -1.06 28.98
CA SER D 189 3.94 0.37 29.30
C SER D 189 5.36 0.93 29.12
N LEU D 190 6.35 0.09 29.40
CA LEU D 190 7.74 0.49 29.24
C LEU D 190 8.05 0.56 27.76
N SER D 191 7.40 -0.32 27.01
CA SER D 191 7.56 -0.39 25.58
C SER D 191 6.85 0.79 24.91
N LEU D 192 5.68 1.15 25.46
CA LEU D 192 4.94 2.30 24.95
C LEU D 192 5.71 3.57 25.24
N ALA D 193 6.39 3.58 26.38
CA ALA D 193 7.16 4.74 26.81
C ALA D 193 8.35 5.01 25.88
N LEU D 194 9.02 3.96 25.44
CA LEU D 194 10.16 4.11 24.55
C LEU D 194 9.68 4.59 23.18
N LYS D 195 8.46 4.18 22.81
CA LYS D 195 7.90 4.54 21.52
C LYS D 195 7.46 6.00 21.57
N MET D 196 7.14 6.47 22.77
CA MET D 196 6.73 7.85 22.98
C MET D 196 7.95 8.72 22.74
N HIS D 197 9.07 8.27 23.28
CA HIS D 197 10.35 8.96 23.13
C HIS D 197 10.86 8.81 21.69
N ASP D 198 10.36 7.79 21.00
CA ASP D 198 10.74 7.55 19.62
C ASP D 198 9.95 8.51 18.74
N LYS D 199 8.71 8.76 19.15
CA LYS D 199 7.82 9.69 18.47
C LYS D 199 7.73 10.97 19.28
N ASP D 200 8.85 11.33 19.87
CA ASP D 200 8.94 12.49 20.74
C ASP D 200 8.20 13.71 20.18
N ASP D 201 8.53 14.06 18.94
CA ASP D 201 7.95 15.22 18.28
C ASP D 201 6.44 15.12 18.07
N ALA D 202 5.97 13.97 17.60
CA ALA D 202 4.54 13.78 17.32
C ALA D 202 3.71 13.95 18.59
N PHE D 203 4.31 13.61 19.72
CA PHE D 203 3.64 13.71 21.01
C PHE D 203 3.72 15.13 21.58
N ALA D 204 4.68 15.90 21.08
CA ALA D 204 4.82 17.28 21.51
C ALA D 204 3.72 18.10 20.85
N ALA D 205 3.38 17.73 19.63
CA ALA D 205 2.33 18.40 18.88
C ALA D 205 0.95 18.11 19.43
N PHE D 206 0.82 17.03 20.20
CA PHE D 206 -0.47 16.69 20.78
C PHE D 206 -0.63 17.38 22.13
N HIS D 207 0.51 17.64 22.77
CA HIS D 207 0.53 18.33 24.05
C HIS D 207 0.03 19.75 23.87
N GLU D 208 0.47 20.38 22.79
CA GLU D 208 0.09 21.75 22.47
C GLU D 208 -1.40 21.87 22.16
N THR D 209 -1.88 20.96 21.31
CA THR D 209 -3.28 20.93 20.89
C THR D 209 -4.23 20.74 22.07
N LEU D 210 -3.75 20.04 23.10
CA LEU D 210 -4.55 19.82 24.30
C LEU D 210 -4.64 21.15 25.03
N ARG D 211 -3.57 21.94 24.91
CA ARG D 211 -3.51 23.24 25.54
C ARG D 211 -4.11 24.37 24.74
N ASN D 212 -4.38 24.12 23.45
CA ASN D 212 -4.94 25.14 22.58
C ASN D 212 -6.31 24.70 22.13
N GLY D 213 -6.77 23.58 22.69
CA GLY D 213 -8.06 23.01 22.34
C GLY D 213 -8.17 22.85 20.83
N GLY D 214 -7.03 22.65 20.16
CA GLY D 214 -7.03 22.59 18.71
C GLY D 214 -7.78 21.39 18.17
N ASP D 215 -7.62 21.12 16.89
CA ASP D 215 -8.34 20.02 16.29
C ASP D 215 -7.56 18.75 16.64
N PRO D 216 -8.16 17.86 17.44
CA PRO D 216 -7.42 16.65 17.79
C PRO D 216 -7.36 15.71 16.60
N SER D 217 -8.16 16.04 15.58
CA SER D 217 -8.23 15.24 14.36
C SER D 217 -6.87 15.22 13.68
N HIS D 218 -6.06 16.23 14.00
CA HIS D 218 -4.72 16.32 13.44
C HIS D 218 -3.78 15.30 14.09
N HIS D 219 -4.19 14.74 15.22
CA HIS D 219 -3.37 13.78 15.95
C HIS D 219 -4.05 12.43 16.12
N VAL D 220 -5.37 12.45 16.30
CA VAL D 220 -6.15 11.23 16.46
C VAL D 220 -7.41 11.25 15.59
N SER D 221 -8.02 10.10 15.40
CA SER D 221 -9.22 9.99 14.56
C SER D 221 -10.54 10.23 15.34
N ARG D 222 -10.57 9.86 16.61
CA ARG D 222 -11.77 9.97 17.41
C ARG D 222 -11.47 10.37 18.85
N ALA D 223 -11.98 11.54 19.25
CA ALA D 223 -11.76 12.05 20.60
C ALA D 223 -12.99 12.79 21.11
N GLN D 224 -13.11 12.93 22.43
CA GLN D 224 -14.25 13.60 23.02
C GLN D 224 -13.94 14.17 24.41
N GLN D 225 -14.46 15.36 24.70
CA GLN D 225 -14.29 15.93 26.04
C GLN D 225 -15.34 15.43 27.03
N THR D 226 -14.91 15.21 28.27
CA THR D 226 -15.79 14.78 29.34
C THR D 226 -16.44 16.00 30.00
N GLU D 227 -17.66 15.83 30.51
CA GLU D 227 -18.38 16.94 31.13
C GLU D 227 -17.74 17.33 32.45
N GLY D 230 -12.92 18.04 32.66
CA GLY D 230 -13.11 17.94 31.23
C GLY D 230 -11.87 17.46 30.49
N ALA D 231 -11.56 16.17 30.65
CA ALA D 231 -10.43 15.55 29.97
C ALA D 231 -10.77 15.03 28.56
N THR D 232 -9.73 14.73 27.77
CA THR D 232 -9.92 14.20 26.42
C THR D 232 -9.86 12.68 26.41
N LEU D 233 -10.93 12.06 25.91
CA LEU D 233 -10.96 10.62 25.75
C LEU D 233 -10.77 10.29 24.29
N VAL D 234 -9.72 9.53 24.01
CA VAL D 234 -9.41 9.15 22.65
C VAL D 234 -9.77 7.69 22.45
N LEU D 235 -10.75 7.43 21.60
CA LEU D 235 -11.17 6.06 21.35
C LEU D 235 -10.53 5.56 20.05
N ASP D 236 -9.66 6.39 19.47
CA ASP D 236 -8.92 6.01 18.27
C ASP D 236 -7.70 6.92 18.13
N GLY D 237 -6.56 6.45 18.66
CA GLY D 237 -5.33 7.24 18.73
C GLY D 237 -4.53 7.43 17.45
N ALA D 238 -4.83 6.65 16.41
CA ALA D 238 -4.12 6.75 15.14
C ALA D 238 -4.31 8.13 14.52
N PRO D 239 -3.26 8.68 13.89
CA PRO D 239 -1.95 8.07 13.64
C PRO D 239 -0.91 8.32 14.72
N LEU D 240 -1.27 8.96 15.81
CA LEU D 240 -0.32 9.17 16.90
C LEU D 240 0.05 7.81 17.46
N VAL D 241 -0.95 6.93 17.48
CA VAL D 241 -0.75 5.55 17.87
C VAL D 241 -0.59 4.81 16.55
N ASP D 242 0.64 4.63 16.11
CA ASP D 242 0.91 4.04 14.80
C ASP D 242 1.27 2.57 14.91
N ALA D 243 1.71 2.01 13.79
CA ALA D 243 2.04 0.60 13.71
C ALA D 243 3.11 0.17 14.73
N ARG D 244 4.09 1.03 15.00
CA ARG D 244 5.18 0.67 15.92
C ARG D 244 4.73 0.57 17.37
N MET D 245 3.58 1.14 17.65
CA MET D 245 3.02 1.11 18.98
C MET D 245 2.08 -0.07 19.13
N MET D 246 1.81 -0.77 18.03
CA MET D 246 0.90 -1.90 18.05
C MET D 246 1.65 -3.22 17.89
N LYS D 247 2.98 -3.15 17.83
CA LYS D 247 3.79 -4.33 17.59
C LYS D 247 3.57 -5.49 18.55
N HIS D 248 3.39 -5.19 19.83
CA HIS D 248 3.26 -6.25 20.83
C HIS D 248 1.80 -6.59 21.14
N GLY D 249 0.90 -6.24 20.22
CA GLY D 249 -0.51 -6.57 20.37
C GLY D 249 -0.64 -8.07 20.47
N GLN D 250 -1.16 -8.56 21.59
CA GLN D 250 -1.19 -10.00 21.84
C GLN D 250 -2.22 -10.76 21.00
N ALA D 251 -3.36 -10.15 20.71
CA ALA D 251 -4.37 -10.84 19.91
C ALA D 251 -4.17 -10.53 18.43
N ALA D 252 -4.14 -11.55 17.59
CA ALA D 252 -3.99 -11.33 16.15
C ALA D 252 -5.20 -10.58 15.60
N SER D 253 -6.35 -10.72 16.26
CA SER D 253 -7.55 -10.03 15.82
C SER D 253 -7.48 -8.51 16.12
N SER D 254 -6.78 -8.14 17.19
CA SER D 254 -6.64 -6.74 17.54
C SER D 254 -5.72 -6.03 16.55
N VAL D 255 -4.69 -6.75 16.10
CA VAL D 255 -3.76 -6.21 15.12
C VAL D 255 -4.44 -6.14 13.75
N SER D 256 -5.23 -7.16 13.43
CA SER D 256 -5.96 -7.20 12.17
C SER D 256 -7.03 -6.11 12.12
N ARG D 257 -7.75 -5.92 13.23
CA ARG D 257 -8.78 -4.87 13.30
C ARG D 257 -8.16 -3.48 13.21
N TYR D 258 -7.02 -3.29 13.86
CA TYR D 258 -6.34 -1.99 13.83
C TYR D 258 -5.88 -1.63 12.42
N LEU D 259 -5.35 -2.62 11.69
CA LEU D 259 -4.87 -2.37 10.33
C LEU D 259 -6.03 -2.23 9.36
N GLY D 260 -7.12 -2.94 9.62
CA GLY D 260 -8.29 -2.89 8.77
C GLY D 260 -8.94 -1.52 8.84
N ASN D 261 -8.84 -0.89 10.01
CA ASN D 261 -9.37 0.44 10.22
C ASN D 261 -8.37 1.51 9.77
N HIS D 262 -7.09 1.13 9.70
CA HIS D 262 -6.05 2.06 9.29
C HIS D 262 -5.06 1.41 8.35
N PRO D 263 -5.50 1.17 7.10
CA PRO D 263 -4.72 0.47 6.07
C PRO D 263 -3.38 1.15 5.77
N GLU D 264 -3.27 2.45 5.99
CA GLU D 264 -2.04 3.17 5.68
C GLU D 264 -0.88 2.66 6.56
N GLN D 265 -1.21 1.99 7.66
CA GLN D 265 -0.20 1.48 8.57
C GLN D 265 0.25 0.07 8.21
N SER D 266 -0.39 -0.53 7.19
CA SER D 266 -0.13 -1.92 6.83
C SER D 266 1.10 -2.14 5.94
N THR D 267 1.67 -1.05 5.41
CA THR D 267 2.80 -1.19 4.50
C THR D 267 4.06 -0.50 5.00
N VAL D 268 3.98 0.16 6.16
CA VAL D 268 5.17 0.79 6.72
C VAL D 268 5.99 -0.22 7.52
N PRO D 269 7.33 -0.10 7.44
CA PRO D 269 8.19 -1.02 8.19
C PRO D 269 8.15 -0.74 9.69
N VAL D 270 8.11 -1.78 10.52
CA VAL D 270 8.04 -1.60 11.96
C VAL D 270 9.42 -1.85 12.60
N ASN D 271 10.36 -2.30 11.79
CA ASN D 271 11.74 -2.50 12.24
C ASN D 271 12.74 -2.47 11.09
N LYS D 272 14.03 -2.64 11.40
CA LYS D 272 15.09 -2.58 10.40
C LYS D 272 15.03 -3.76 9.43
N ARG D 273 14.40 -4.85 9.86
CA ARG D 273 14.22 -6.02 9.00
C ARG D 273 13.20 -5.76 7.89
N ASN D 274 12.54 -4.60 7.97
CA ASN D 274 11.53 -4.15 7.00
C ASN D 274 10.27 -5.01 7.04
N GLU D 275 9.88 -5.45 8.23
CA GLU D 275 8.66 -6.22 8.38
C GLU D 275 7.50 -5.24 8.51
N THR D 276 6.32 -5.64 8.03
CA THR D 276 5.12 -4.85 8.25
C THR D 276 4.54 -5.33 9.57
N LEU D 277 3.57 -4.61 10.11
CA LEU D 277 2.96 -5.00 11.38
C LEU D 277 2.31 -6.39 11.24
N GLY D 278 1.65 -6.64 10.10
CA GLY D 278 1.04 -7.93 9.86
C GLY D 278 2.04 -9.07 9.71
N GLU D 279 3.18 -8.82 9.04
CA GLU D 279 4.22 -9.83 8.87
C GLU D 279 4.84 -10.19 10.21
N ARG D 280 5.20 -9.16 10.98
CA ARG D 280 5.84 -9.35 12.27
C ARG D 280 4.94 -10.04 13.29
N THR D 281 3.67 -9.66 13.34
CA THR D 281 2.74 -10.29 14.28
C THR D 281 2.59 -11.78 13.95
N THR D 282 2.45 -12.07 12.66
CA THR D 282 2.32 -13.44 12.19
C THR D 282 3.52 -14.29 12.61
N ARG D 283 4.70 -13.67 12.58
CA ARG D 283 5.93 -14.38 12.89
C ARG D 283 5.94 -14.77 14.39
N HIS D 284 5.20 -14.04 15.20
CA HIS D 284 5.19 -14.28 16.64
C HIS D 284 4.01 -15.12 17.12
N LEU D 285 3.17 -15.60 16.21
CA LEU D 285 1.99 -16.37 16.63
C LEU D 285 2.35 -17.75 17.13
N VAL D 286 1.82 -18.09 18.31
CA VAL D 286 2.04 -19.38 18.94
C VAL D 286 0.70 -19.92 19.43
N LYS D 287 0.64 -21.23 19.67
CA LYS D 287 -0.57 -21.86 20.20
C LYS D 287 -0.24 -22.61 21.49
N ARG D 288 -0.84 -22.20 22.60
CA ARG D 288 -0.59 -22.85 23.88
C ARG D 288 -1.78 -22.73 24.83
N LYS D 289 -1.65 -23.37 25.99
CA LYS D 289 -2.69 -23.33 27.02
C LYS D 289 -2.43 -22.17 27.98
N VAL D 290 -3.51 -21.55 28.46
CA VAL D 290 -3.41 -20.40 29.34
C VAL D 290 -4.46 -20.57 30.45
N ARG D 291 -4.36 -19.82 31.55
CA ARG D 291 -5.33 -19.95 32.64
C ARG D 291 -6.63 -19.25 32.27
N ASN D 292 -7.74 -19.87 32.63
CA ASN D 292 -9.08 -19.36 32.32
C ASN D 292 -9.49 -18.25 33.28
N GLU D 304 -10.41 -24.01 34.18
CA GLU D 304 -9.02 -24.36 34.51
C GLU D 304 -8.05 -23.79 33.49
N THR D 305 -7.98 -24.43 32.33
CA THR D 305 -7.08 -23.99 31.26
C THR D 305 -7.86 -23.79 29.97
N LYS D 306 -7.26 -23.08 29.03
CA LYS D 306 -7.88 -22.85 27.73
C LYS D 306 -6.77 -22.73 26.69
N GLU D 307 -7.01 -23.29 25.50
CA GLU D 307 -6.03 -23.23 24.44
C GLU D 307 -6.32 -22.08 23.47
N ILE D 308 -5.32 -21.22 23.27
CA ILE D 308 -5.49 -20.05 22.41
C ILE D 308 -4.31 -19.81 21.46
N THR D 309 -4.53 -18.95 20.47
CA THR D 309 -3.47 -18.57 19.54
C THR D 309 -3.26 -17.06 19.64
N PHE D 310 -2.03 -16.66 19.96
CA PHE D 310 -1.72 -15.25 20.18
C PHE D 310 -0.26 -14.92 19.86
N SER D 311 0.06 -13.63 19.89
CA SER D 311 1.42 -13.17 19.62
C SER D 311 2.27 -13.16 20.87
N ASN D 312 3.39 -13.86 20.83
CA ASN D 312 4.29 -13.93 21.97
C ASN D 312 5.29 -12.78 21.98
N SER D 313 4.96 -11.71 21.26
CA SER D 313 5.86 -10.57 21.16
C SER D 313 6.28 -9.98 22.51
N VAL D 314 5.35 -9.89 23.46
CA VAL D 314 5.65 -9.28 24.75
C VAL D 314 6.62 -10.11 25.59
N GLU D 315 6.48 -11.43 25.52
CA GLU D 315 7.35 -12.27 26.32
C GLU D 315 8.75 -12.27 25.71
N GLN D 316 8.81 -12.06 24.40
CA GLN D 316 10.10 -11.94 23.72
C GLN D 316 10.71 -10.58 24.07
N LYS D 317 9.85 -9.58 24.23
CA LYS D 317 10.30 -8.23 24.56
C LYS D 317 10.81 -8.13 26.00
N ARG D 318 10.19 -8.87 26.92
CA ARG D 318 10.66 -8.88 28.29
C ARG D 318 12.06 -9.48 28.33
N ILE D 319 12.24 -10.53 27.53
CA ILE D 319 13.53 -11.21 27.43
C ILE D 319 14.55 -10.27 26.80
N ALA D 320 14.13 -9.53 25.79
CA ALA D 320 15.03 -8.61 25.12
C ALA D 320 15.49 -7.48 26.04
N LEU D 321 14.61 -7.05 26.93
CA LEU D 321 14.90 -5.95 27.86
C LEU D 321 15.83 -6.39 28.99
N LEU D 322 15.65 -7.62 29.47
CA LEU D 322 16.49 -8.18 30.53
C LEU D 322 17.92 -8.35 30.02
N ASN D 323 18.03 -8.72 28.74
CA ASN D 323 19.31 -8.89 28.10
C ASN D 323 20.05 -7.55 28.05
N ARG D 324 19.32 -6.50 27.74
CA ARG D 324 19.84 -5.15 27.66
C ARG D 324 20.37 -4.69 29.03
N ALA D 325 19.52 -4.85 30.03
CA ALA D 325 19.81 -4.43 31.39
C ALA D 325 21.00 -5.18 31.95
N ALA D 326 21.02 -6.50 31.78
CA ALA D 326 22.12 -7.30 32.28
C ALA D 326 23.44 -6.91 31.61
N SER D 327 23.37 -6.49 30.35
CA SER D 327 24.57 -6.06 29.64
C SER D 327 25.04 -4.70 30.11
N TYR D 328 24.09 -3.83 30.45
CA TYR D 328 24.41 -2.50 30.93
C TYR D 328 25.07 -2.58 32.32
N VAL D 329 24.51 -3.43 33.18
CA VAL D 329 24.99 -3.58 34.55
C VAL D 329 26.40 -4.19 34.57
N ASN D 330 26.63 -5.11 33.65
CA ASN D 330 27.90 -5.82 33.56
C ASN D 330 29.08 -4.90 33.27
N SER D 331 28.78 -3.75 32.68
CA SER D 331 29.82 -2.80 32.30
C SER D 331 29.49 -1.40 32.82
N ALA D 332 28.62 -1.33 33.81
CA ALA D 332 28.21 -0.05 34.37
C ALA D 332 29.25 0.44 35.36
N PRO D 333 29.36 1.77 35.50
CA PRO D 333 30.28 2.33 36.49
C PRO D 333 29.78 1.99 37.90
N PRO D 334 30.70 1.89 38.87
CA PRO D 334 30.40 1.52 40.26
C PRO D 334 29.20 2.25 40.89
N PRO D 335 29.02 3.57 40.65
CA PRO D 335 27.83 4.16 41.29
C PRO D 335 26.50 3.64 40.75
N VAL D 336 26.47 3.17 39.51
CA VAL D 336 25.24 2.66 38.92
C VAL D 336 24.94 1.28 39.49
N VAL D 337 26.00 0.48 39.64
CA VAL D 337 25.88 -0.83 40.25
C VAL D 337 25.34 -0.70 41.68
N MET D 338 25.84 0.31 42.40
CA MET D 338 25.42 0.56 43.78
C MET D 338 23.95 0.93 43.85
N ARG D 339 23.50 1.70 42.86
CA ARG D 339 22.14 2.20 42.84
C ARG D 339 21.15 1.11 42.49
N MET D 340 21.55 0.26 41.56
CA MET D 340 20.67 -0.80 41.07
C MET D 340 20.59 -1.92 42.10
N ALA D 341 21.63 -2.07 42.89
CA ALA D 341 21.64 -3.07 43.94
C ALA D 341 20.65 -2.64 45.01
N LYS D 342 20.64 -1.33 45.30
CA LYS D 342 19.74 -0.77 46.30
C LYS D 342 18.30 -0.88 45.84
N LEU D 343 18.08 -0.68 44.55
CA LEU D 343 16.74 -0.74 43.99
C LEU D 343 16.21 -2.18 44.02
N LEU D 344 17.14 -3.12 43.97
CA LEU D 344 16.80 -4.54 44.01
C LEU D 344 16.41 -4.93 45.42
N GLN D 345 17.14 -4.41 46.40
CA GLN D 345 16.89 -4.68 47.81
C GLN D 345 15.59 -4.03 48.27
N ASP D 346 15.32 -2.84 47.76
CA ASP D 346 14.14 -2.07 48.15
C ASP D 346 12.82 -2.67 47.66
N SER D 347 12.92 -3.68 46.80
CA SER D 347 11.72 -4.36 46.32
C SER D 347 11.20 -5.33 47.37
N LEU D 348 12.03 -5.59 48.38
CA LEU D 348 11.71 -6.49 49.48
C LEU D 348 11.21 -5.79 50.74
N LEU D 349 11.01 -4.47 50.68
CA LEU D 349 10.60 -3.74 51.87
C LEU D 349 9.11 -3.40 51.91
N ASP D 350 8.52 -3.21 50.74
CA ASP D 350 7.10 -2.92 50.67
C ASP D 350 6.29 -4.20 50.89
N THR D 351 5.56 -4.25 52.01
CA THR D 351 4.78 -5.39 52.50
C THR D 351 4.56 -6.54 51.51
C1 IHP E . 19.25 3.01 -9.76
C2 IHP E . 19.51 4.58 -9.92
C3 IHP E . 19.63 5.28 -11.39
C4 IHP E . 19.16 4.30 -12.53
C5 IHP E . 19.81 2.88 -12.47
C6 IHP E . 19.16 2.22 -11.18
O11 IHP E . 20.10 2.44 -8.87
P1 IHP E . 19.79 1.41 -7.52
O21 IHP E . 18.36 1.53 -6.98
O31 IHP E . 20.71 1.78 -6.36
O41 IHP E . 20.05 -0.07 -7.83
O12 IHP E . 20.49 5.01 -9.02
P2 IHP E . 20.15 5.59 -7.46
O22 IHP E . 20.23 4.51 -6.38
O32 IHP E . 21.06 6.76 -7.05
O42 IHP E . 18.74 6.16 -7.43
O13 IHP E . 20.80 5.91 -11.63
P3 IHP E . 20.95 7.62 -11.59
O23 IHP E . 19.97 8.24 -10.61
O33 IHP E . 22.37 8.02 -11.13
O43 IHP E . 20.74 8.25 -12.96
O14 IHP E . 19.24 4.87 -13.80
P4 IHP E . 18.11 5.88 -14.58
O24 IHP E . 17.29 6.69 -13.58
O34 IHP E . 18.81 6.87 -15.53
O44 IHP E . 17.13 5.08 -15.47
O15 IHP E . 21.16 2.78 -12.57
P5 IHP E . 22.04 1.63 -13.54
O25 IHP E . 21.24 1.26 -14.80
O35 IHP E . 23.39 2.21 -14.01
O45 IHP E . 22.36 0.33 -12.80
O16 IHP E . 19.48 0.91 -11.04
P6 IHP E . 18.45 -0.38 -11.28
O26 IHP E . 17.11 0.13 -11.81
O36 IHP E . 19.03 -1.39 -12.29
O46 IHP E . 18.20 -1.20 -9.98
N1A COA F . 27.38 7.66 9.14
C2A COA F . 26.22 6.97 8.85
N3A COA F . 25.20 6.95 9.76
C4A COA F . 25.32 7.59 10.96
C5A COA F . 26.46 8.27 11.26
C6A COA F . 27.50 8.31 10.32
N6A COA F . 28.78 8.97 10.45
N7A COA F . 26.32 8.82 12.50
C8A COA F . 25.10 8.49 12.97
N9A COA F . 24.49 7.72 12.02
C1B COA F . 23.18 7.14 12.06
C2B COA F . 23.10 6.22 12.99
O2B COA F . 23.21 4.89 12.46
C3B COA F . 21.63 6.40 13.70
O3B COA F . 20.69 5.70 12.94
P3B COA F . 19.40 5.03 13.61
O7A COA F . 19.80 3.89 14.51
O8A COA F . 18.64 6.09 14.42
O9A COA F . 18.51 4.49 12.51
C4B COA F . 21.37 7.74 13.68
O4B COA F . 22.11 8.27 12.45
C5B COA F . 21.82 8.43 14.94
O5B COA F . 23.09 8.00 15.36
P1A COA F . 23.55 8.21 16.83
O1A COA F . 24.97 8.77 16.83
O2A COA F . 23.56 6.86 17.58
O3A COA F . 22.57 9.22 17.56
P2A COA F . 22.77 10.78 17.53
O4A COA F . 21.67 11.43 18.30
O5A COA F . 24.08 11.13 18.14
O6A COA F . 22.74 11.29 16.03
CBP COA F . 22.53 13.33 14.66
CCP COA F . 23.40 12.51 15.71
CDP COA F . 21.03 12.95 14.81
CEP COA F . 22.70 14.84 14.93
CAP COA F . 22.99 13.00 13.18
OAP COA F . 22.09 13.56 12.31
C9P COA F . 24.36 13.54 12.87
O9P COA F . 25.36 12.98 13.27
N8P COA F . 24.47 14.72 12.08
C7P COA F . 25.76 15.24 11.77
C6P COA F . 25.83 15.61 10.29
C5P COA F . 27.17 16.34 10.05
O5P COA F . 28.19 16.02 10.71
N4P COA F . 27.26 17.37 9.07
C1 IHP G . -6.10 -12.74 -18.87
C2 IHP G . -4.88 -12.43 -17.94
C3 IHP G . -3.87 -11.23 -18.32
C4 IHP G . -4.52 -10.11 -19.29
C5 IHP G . -6.04 -10.27 -19.84
C6 IHP G . -6.83 -11.35 -18.99
O11 IHP G . -5.83 -13.42 -20.02
P1 IHP G . -5.76 -15.16 -20.12
O21 IHP G . -6.62 -15.80 -19.03
O31 IHP G . -4.33 -15.71 -19.96
O41 IHP G . -6.25 -15.70 -21.47
O12 IHP G . -4.18 -13.56 -17.66
P2 IHP G . -3.72 -14.02 -16.12
O22 IHP G . -4.66 -13.31 -15.14
O32 IHP G . -3.86 -15.54 -15.92
O42 IHP G . -2.28 -13.63 -15.79
O13 IHP G . -2.67 -11.65 -18.73
P3 IHP G . -1.11 -11.10 -18.21
O23 IHP G . -1.14 -10.14 -17.03
O33 IHP G . -0.25 -12.32 -17.80
O43 IHP G . -0.34 -10.42 -19.34
O14 IHP G . -3.65 -9.70 -20.29
P4 IHP G . -2.99 -8.17 -20.46
O24 IHP G . -1.51 -8.11 -20.07
O34 IHP G . -3.10 -7.63 -21.89
O44 IHP G . -3.74 -7.16 -19.59
O15 IHP G . -6.15 -10.39 -21.16
P5 IHP G . -7.03 -9.36 -22.20
O25 IHP G . -6.89 -7.90 -21.82
O35 IHP G . -6.53 -9.50 -23.64
O45 IHP G . -8.52 -9.69 -22.20
O16 IHP G . -8.14 -11.49 -19.36
P6 IHP G . -9.52 -10.65 -18.85
O26 IHP G . -9.15 -9.40 -18.05
O36 IHP G . -10.38 -10.20 -20.05
O46 IHP G . -10.44 -11.52 -17.99
N1A COA H . 11.73 0.13 -27.76
C2A COA H . 11.48 -0.11 -26.43
N3A COA H . 11.90 0.79 -25.49
C4A COA H . 12.56 1.94 -25.86
C5A COA H . 12.82 2.18 -27.18
C6A COA H . 12.39 1.25 -28.14
N6A COA H . 12.56 1.33 -29.58
N7A COA H . 13.49 3.36 -27.28
C8A COA H . 13.64 3.85 -26.04
N9A COA H . 13.08 2.97 -25.16
C1B COA H . 13.00 3.04 -23.73
C2B COA H . 14.22 3.12 -23.25
O2B COA H . 14.67 1.86 -22.71
C3B COA H . 14.17 4.21 -22.03
O3B COA H . 13.73 3.56 -20.89
P3B COA H . 14.26 4.00 -19.45
O7A COA H . 13.88 5.43 -19.25
O8A COA H . 13.60 3.19 -18.35
O9A COA H . 15.76 3.84 -19.37
C4B COA H . 13.30 5.15 -22.46
O4B COA H . 12.25 4.37 -23.26
C5B COA H . 13.97 6.14 -23.41
O5B COA H . 15.33 6.23 -23.15
P1A COA H . 16.32 6.59 -24.32
O1A COA H . 16.99 5.32 -24.85
O2A COA H . 17.41 7.53 -23.80
O3A COA H . 15.51 7.31 -25.49
P2A COA H . 15.27 8.86 -25.58
O4A COA H . 15.37 9.48 -24.23
O5A COA H . 16.32 9.44 -26.47
O6A COA H . 13.84 9.15 -26.20
CBP COA H . 13.10 7.95 -28.24
CCP COA H . 13.06 8.05 -26.65
CDP COA H . 12.98 9.37 -28.90
CEP COA H . 14.43 7.33 -28.70
CAP COA H . 11.94 6.98 -28.75
OAP COA H . 11.98 5.83 -27.99
C9P COA H . 10.56 7.57 -28.68
O9P COA H . 10.24 8.41 -27.87
N8P COA H . 9.58 7.10 -29.60
C1 IHP I . -9.03 -19.51 10.00
C2 IHP I . -10.20 -19.97 10.95
C3 IHP I . -11.13 -18.78 11.25
C4 IHP I . -11.99 -18.67 9.92
C5 IHP I . -11.24 -18.82 8.45
C6 IHP I . -9.69 -19.30 8.57
O11 IHP I . -8.29 -18.47 10.43
P1 IHP I . -6.61 -18.19 10.15
O21 IHP I . -5.75 -18.80 11.26
O31 IHP I . -6.32 -16.68 10.11
O41 IHP I . -6.11 -18.79 8.84
O12 IHP I . -9.77 -20.64 12.06
P2 IHP I . -8.60 -21.86 12.12
O22 IHP I . -9.15 -23.10 12.86
O32 IHP I . -8.16 -22.37 10.72
O42 IHP I . -7.32 -21.39 12.82
O13 IHP I . -10.56 -17.61 11.70
P3 IHP I . -11.16 -16.50 12.91
O23 IHP I . -12.05 -15.42 12.29
O33 IHP I . -12.00 -17.23 13.98
O43 IHP I . -10.04 -15.80 13.70
O14 IHP I . -12.88 -17.65 9.96
P4 IHP I . -14.35 -17.63 10.77
O24 IHP I . -14.17 -17.82 12.28
O34 IHP I . -15.12 -16.30 10.55
O44 IHP I . -15.25 -18.76 10.28
O15 IHP I . -11.34 -17.74 7.66
P5 IHP I . -12.52 -17.33 6.50
O25 IHP I . -13.79 -18.17 6.64
O35 IHP I . -12.93 -15.87 6.73
O45 IHP I . -12.03 -17.44 5.06
O16 IHP I . -8.90 -18.51 7.77
P6 IHP I . -8.68 -18.62 6.08
O26 IHP I . -8.39 -17.28 5.43
O36 IHP I . -7.52 -19.57 5.74
O46 IHP I . -9.92 -19.22 5.38
N1A COA J . -19.13 -20.47 -10.31
C2A COA J . -18.02 -19.71 -10.00
N3A COA J . -17.66 -18.66 -10.79
C4A COA J . -18.40 -18.35 -11.90
C5A COA J . -19.49 -19.09 -12.23
C6A COA J . -19.86 -20.17 -11.41
N6A COA J . -20.98 -21.07 -11.59
N7A COA J . -20.04 -18.59 -13.37
C8A COA J . -19.29 -17.54 -13.76
N9A COA J . -18.27 -17.40 -12.85
C1B COA J . -17.23 -16.43 -12.82
C2B COA J . -16.47 -16.54 -13.90
O2B COA J . -15.32 -17.35 -13.63
C3B COA J . -16.05 -15.01 -14.32
O3B COA J . -14.89 -14.61 -13.67
P3B COA J . -13.84 -13.67 -14.43
O7A COA J . -13.25 -14.42 -15.58
O8A COA J . -14.55 -12.41 -14.95
O9A COA J . -12.74 -13.25 -13.47
C4B COA J . -17.08 -14.21 -13.98
O4B COA J . -17.86 -14.95 -12.89
C5B COA J . -17.96 -13.91 -15.17
O5B COA J . -18.69 -15.03 -15.55
P1A COA J . -19.19 -15.16 -17.03
O1A COA J . -18.56 -16.39 -17.66
O2A COA J . -18.78 -13.90 -17.82
O3A COA J . -20.78 -15.32 -17.00
P2A COA J . -21.82 -14.59 -17.94
O4A COA J . -22.40 -13.43 -17.21
O5A COA J . -21.15 -14.11 -19.18
O6A COA J . -22.98 -15.61 -18.32
CBP COA J . -25.20 -16.54 -17.75
CCP COA J . -24.33 -15.24 -18.07
CDP COA J . -24.72 -17.73 -18.64
CEP COA J . -25.03 -16.91 -16.26
CAP COA J . -26.72 -16.24 -18.04
C1 IHP K . 15.98 -3.06 18.64
C2 IHP K . 15.25 -1.72 18.92
C3 IHP K . 13.90 -1.92 19.77
C4 IHP K . 12.99 -3.17 19.27
C5 IHP K . 13.53 -4.22 18.14
C6 IHP K . 15.02 -3.86 17.63
O11 IHP K . 17.27 -2.96 18.20
P1 IHP K . 18.46 -4.18 18.36
O21 IHP K . 18.20 -5.38 17.44
O31 IHP K . 18.46 -4.73 19.80
O41 IHP K . 19.88 -3.68 18.07
O12 IHP K . 15.11 -0.83 17.84
P2 IHP K . 15.14 0.88 17.90
O22 IHP K . 15.68 1.39 19.26
O32 IHP K . 16.08 1.47 16.83
O42 IHP K . 13.76 1.51 17.66
O13 IHP K . 13.17 -0.80 19.93
P3 IHP K . 13.01 -0.04 21.44
O23 IHP K . 13.11 -1.06 22.56
O33 IHP K . 14.17 0.97 21.63
O43 IHP K . 11.70 0.74 21.59
O14 IHP K . 11.72 -2.74 18.99
P4 IHP K . 10.21 -3.21 19.58
O24 IHP K . 9.18 -2.15 19.19
O34 IHP K . 9.70 -4.56 19.02
O44 IHP K . 10.17 -3.34 21.09
O15 IHP K . 12.64 -4.44 17.13
P5 IHP K . 11.86 -5.89 16.73
O25 IHP K . 10.73 -5.65 15.73
O35 IHP K . 12.83 -6.89 16.10
O45 IHP K . 11.25 -6.59 17.94
O16 IHP K . 15.06 -3.41 16.32
P6 IHP K . 15.58 -4.26 14.94
O26 IHP K . 16.48 -5.44 15.31
O36 IHP K . 14.42 -4.83 14.12
O46 IHP K . 16.35 -3.35 13.99
N1A COA L . -2.76 -13.95 26.56
C2A COA L . -2.70 -13.52 25.26
N3A COA L . -3.83 -13.51 24.49
C4A COA L . -5.04 -13.94 25.01
C5A COA L . -5.10 -14.36 26.30
C6A COA L . -3.93 -14.37 27.08
N6A COA L . -3.79 -14.78 28.47
N7A COA L . -6.38 -14.73 26.56
C8A COA L . -7.11 -14.52 25.46
N9A COA L . -6.28 -14.04 24.49
C1B COA L . -6.58 -13.68 23.15
C2B COA L . -6.95 -14.74 22.46
O2B COA L . -5.83 -15.41 21.86
C3B COA L . -7.99 -14.19 21.32
O3B COA L . -7.32 -13.63 20.22
P3B COA L . -7.96 -13.79 18.77
O7A COA L . -7.98 -15.27 18.38
O8A COA L . -7.18 -13.03 17.75
O9A COA L . -9.38 -13.25 18.79
C4B COA L . -8.76 -13.28 21.96
O4B COA L . -7.88 -12.73 23.10
C5B COA L . -10.01 -13.96 22.48
O5B COA L . -10.12 -13.87 23.87
P1A COA L . -11.50 -14.17 24.54
O1A COA L . -12.48 -14.66 23.49
O2A COA L . -12.06 -12.89 25.20
O3A COA L . -11.30 -15.32 25.64
P2A COA L . -12.37 -15.76 26.70
O4A COA L . -12.95 -17.07 26.30
O5A COA L . -11.72 -15.92 28.04
O6A COA L . -13.52 -14.67 26.81
#